data_8FA3
#
_entry.id   8FA3
#
_cell.length_a   1.000
_cell.length_b   1.000
_cell.length_c   1.000
_cell.angle_alpha   90.00
_cell.angle_beta   90.00
_cell.angle_gamma   90.00
#
_symmetry.space_group_name_H-M   'P 1'
#
_entity_poly.entity_id   1
_entity_poly.type   'polypeptide(L)'
_entity_poly.pdbx_seq_one_letter_code
;MQIYTSEKRGSDTAGNGTEEAPLKTVLQAIVKLDGKIEADTRIWVDGTGDEMWDVVSKSKLKKATKQYHIQTKKQEKAPH
EKIVSYENGDNVNLSEAINVQLTLDTKLPEAKELHHHHHH
;
_entity_poly.pdbx_strand_id   A
#
# COMPACT_ATOMS: atom_id res chain seq x y z
N MET A 1 0.96 6.69 -7.21
CA MET A 1 0.21 5.52 -6.72
C MET A 1 0.02 5.59 -5.21
N GLN A 2 -1.20 5.87 -4.78
CA GLN A 2 -1.48 5.97 -3.34
C GLN A 2 -2.10 4.68 -2.84
N ILE A 3 -1.67 4.25 -1.67
CA ILE A 3 -2.19 3.05 -1.04
C ILE A 3 -2.66 3.37 0.36
N TYR A 4 -3.94 3.21 0.62
CA TYR A 4 -4.49 3.51 1.93
C TYR A 4 -4.64 2.24 2.76
N THR A 5 -4.22 2.32 4.01
CA THR A 5 -4.29 1.19 4.91
C THR A 5 -4.95 1.57 6.23
N SER A 6 -5.78 0.69 6.76
CA SER A 6 -6.46 0.91 8.03
C SER A 6 -6.11 -0.24 8.96
N GLU A 7 -5.03 -0.07 9.69
CA GLU A 7 -4.52 -1.06 10.61
C GLU A 7 -5.44 -1.21 11.82
N LYS A 8 -6.01 -0.09 12.27
CA LYS A 8 -6.90 -0.09 13.42
C LYS A 8 -8.23 -0.74 13.06
N ARG A 9 -8.55 -0.72 11.78
CA ARG A 9 -9.78 -1.32 11.30
C ARG A 9 -9.50 -2.77 10.95
N GLY A 10 -8.32 -2.99 10.41
CA GLY A 10 -7.87 -4.32 10.05
C GLY A 10 -8.74 -4.97 9.00
N SER A 11 -9.03 -4.27 7.92
CA SER A 11 -9.85 -4.81 6.86
C SER A 11 -9.02 -5.68 5.91
N ASP A 12 -9.14 -7.00 6.08
CA ASP A 12 -8.44 -7.93 5.22
C ASP A 12 -9.24 -8.20 3.95
N THR A 13 -10.50 -8.53 4.14
CA THR A 13 -11.41 -8.82 3.04
C THR A 13 -11.82 -7.52 2.34
N ALA A 14 -11.84 -6.44 3.10
CA ALA A 14 -12.20 -5.14 2.56
C ALA A 14 -10.95 -4.32 2.31
N GLY A 15 -9.82 -5.01 2.26
CA GLY A 15 -8.56 -4.35 2.06
C GLY A 15 -8.05 -4.47 0.65
N ASN A 16 -8.14 -3.39 -0.11
CA ASN A 16 -7.64 -3.40 -1.48
C ASN A 16 -6.46 -2.43 -1.58
N GLY A 17 -6.45 -1.44 -0.70
CA GLY A 17 -5.40 -0.45 -0.69
C GLY A 17 -5.89 0.87 -1.24
N THR A 18 -7.20 1.04 -1.27
CA THR A 18 -7.79 2.27 -1.75
C THR A 18 -8.49 2.99 -0.60
N GLU A 19 -9.32 3.98 -0.89
CA GLU A 19 -9.99 4.75 0.15
C GLU A 19 -11.21 4.04 0.70
N GLU A 20 -12.01 3.47 -0.19
CA GLU A 20 -13.22 2.76 0.23
C GLU A 20 -12.86 1.36 0.71
N ALA A 21 -11.75 0.85 0.20
CA ALA A 21 -11.27 -0.47 0.57
C ALA A 21 -9.83 -0.37 1.07
N PRO A 22 -9.66 -0.04 2.37
CA PRO A 22 -8.36 0.10 2.99
C PRO A 22 -7.81 -1.23 3.50
N LEU A 23 -6.53 -1.46 3.23
CA LEU A 23 -5.87 -2.71 3.63
C LEU A 23 -5.78 -2.85 5.15
N LYS A 24 -5.56 -4.08 5.60
CA LYS A 24 -5.48 -4.39 7.02
C LYS A 24 -4.14 -3.96 7.61
N THR A 25 -3.07 -4.16 6.87
CA THR A 25 -1.74 -3.79 7.33
C THR A 25 -0.89 -3.28 6.18
N VAL A 26 0.17 -2.56 6.52
CA VAL A 26 1.09 -2.01 5.52
C VAL A 26 1.80 -3.13 4.76
N LEU A 27 1.84 -4.32 5.37
CA LEU A 27 2.46 -5.48 4.77
C LEU A 27 1.79 -5.82 3.43
N GLN A 28 0.46 -5.76 3.42
CA GLN A 28 -0.31 -6.08 2.22
C GLN A 28 -0.13 -5.02 1.13
N ALA A 29 0.38 -3.87 1.51
CA ALA A 29 0.62 -2.81 0.54
C ALA A 29 1.92 -3.06 -0.21
N ILE A 30 2.84 -3.74 0.46
CA ILE A 30 4.14 -4.06 -0.12
C ILE A 30 4.12 -5.36 -0.91
N VAL A 31 3.29 -6.30 -0.49
CA VAL A 31 3.18 -7.60 -1.17
C VAL A 31 2.83 -7.43 -2.64
N LYS A 32 2.16 -6.34 -2.97
CA LYS A 32 1.75 -6.07 -4.34
C LYS A 32 2.89 -5.47 -5.16
N LEU A 33 3.77 -4.70 -4.52
CA LEU A 33 4.87 -4.05 -5.24
C LEU A 33 6.20 -4.78 -5.08
N ASP A 34 6.22 -5.78 -4.21
CA ASP A 34 7.44 -6.58 -3.94
C ASP A 34 8.55 -5.72 -3.33
N GLY A 35 8.16 -4.64 -2.68
CA GLY A 35 9.13 -3.76 -2.06
C GLY A 35 9.47 -2.57 -2.92
N LYS A 36 8.87 -2.51 -4.11
CA LYS A 36 9.10 -1.40 -5.03
C LYS A 36 8.35 -0.15 -4.57
N ILE A 37 8.88 0.48 -3.54
CA ILE A 37 8.27 1.70 -3.02
C ILE A 37 9.06 2.90 -3.51
N GLU A 38 8.60 3.50 -4.60
CA GLU A 38 9.28 4.64 -5.19
C GLU A 38 8.61 5.95 -4.80
N ALA A 39 9.09 7.05 -5.37
CA ALA A 39 8.55 8.38 -5.09
C ALA A 39 7.05 8.47 -5.38
N ASP A 40 6.58 7.73 -6.39
CA ASP A 40 5.17 7.76 -6.75
C ASP A 40 4.35 6.91 -5.77
N THR A 41 5.04 6.06 -5.02
CA THR A 41 4.37 5.20 -4.07
C THR A 41 4.16 5.92 -2.75
N ARG A 42 2.90 6.14 -2.39
CA ARG A 42 2.58 6.82 -1.15
C ARG A 42 1.56 6.01 -0.37
N ILE A 43 1.99 5.51 0.79
CA ILE A 43 1.12 4.71 1.63
C ILE A 43 0.57 5.54 2.77
N TRP A 44 -0.74 5.54 2.91
CA TRP A 44 -1.42 6.28 3.95
C TRP A 44 -1.92 5.32 5.02
N VAL A 45 -1.87 5.75 6.26
CA VAL A 45 -2.31 4.92 7.39
C VAL A 45 -3.62 5.43 7.97
N ASP A 46 -4.04 4.83 9.09
CA ASP A 46 -5.29 5.18 9.78
C ASP A 46 -5.41 6.68 10.02
N GLY A 47 -4.29 7.33 10.25
CA GLY A 47 -4.30 8.76 10.51
C GLY A 47 -3.78 9.08 11.89
N THR A 48 -3.67 10.37 12.19
CA THR A 48 -3.18 10.82 13.49
C THR A 48 -4.33 11.29 14.38
N GLY A 49 -5.53 11.26 13.83
CA GLY A 49 -6.71 11.70 14.57
C GLY A 49 -7.30 12.95 13.96
N ASP A 50 -6.43 13.92 13.68
CA ASP A 50 -6.85 15.18 13.08
C ASP A 50 -7.21 14.94 11.62
N GLU A 51 -6.34 14.19 10.96
CA GLU A 51 -6.51 13.88 9.56
C GLU A 51 -7.08 12.49 9.37
N MET A 52 -7.72 12.29 8.22
CA MET A 52 -8.33 11.03 7.88
C MET A 52 -7.28 10.04 7.39
N TRP A 53 -6.23 10.58 6.78
CA TRP A 53 -5.14 9.75 6.26
C TRP A 53 -3.81 10.43 6.54
N ASP A 54 -2.88 9.68 7.09
CA ASP A 54 -1.56 10.21 7.38
C ASP A 54 -0.51 9.35 6.67
N VAL A 55 0.72 9.81 6.64
CA VAL A 55 1.79 9.07 5.96
C VAL A 55 2.33 7.94 6.83
N VAL A 56 2.69 6.85 6.18
CA VAL A 56 3.24 5.70 6.88
C VAL A 56 4.66 6.00 7.36
N SER A 57 4.98 5.57 8.56
CA SER A 57 6.30 5.81 9.11
C SER A 57 7.34 5.00 8.34
N LYS A 58 8.45 5.64 8.00
CA LYS A 58 9.52 5.00 7.25
C LYS A 58 10.18 3.88 8.06
N SER A 59 10.19 4.04 9.37
CA SER A 59 10.78 3.07 10.27
C SER A 59 9.97 1.77 10.26
N LYS A 60 8.65 1.91 10.22
CA LYS A 60 7.75 0.77 10.22
C LYS A 60 7.67 0.17 8.82
N LEU A 61 7.59 1.05 7.83
CA LEU A 61 7.50 0.64 6.43
C LEU A 61 8.73 -0.16 6.01
N LYS A 62 9.91 0.33 6.39
CA LYS A 62 11.16 -0.32 6.04
C LYS A 62 11.27 -1.69 6.72
N LYS A 63 10.81 -1.78 7.96
CA LYS A 63 10.84 -3.04 8.67
C LYS A 63 9.91 -4.04 8.00
N ALA A 64 8.74 -3.55 7.59
CA ALA A 64 7.76 -4.38 6.92
C ALA A 64 8.31 -4.86 5.58
N THR A 65 9.11 -4.01 4.93
CA THR A 65 9.72 -4.35 3.66
C THR A 65 10.63 -5.56 3.83
N LYS A 66 11.37 -5.57 4.93
CA LYS A 66 12.29 -6.66 5.23
C LYS A 66 11.51 -7.92 5.57
N GLN A 67 10.55 -7.78 6.48
CA GLN A 67 9.70 -8.90 6.90
C GLN A 67 9.03 -9.56 5.71
N TYR A 68 8.36 -8.75 4.89
CA TYR A 68 7.66 -9.25 3.73
C TYR A 68 8.59 -9.99 2.78
N HIS A 69 9.78 -9.44 2.55
CA HIS A 69 10.73 -10.03 1.63
C HIS A 69 11.23 -11.38 2.11
N ILE A 70 11.21 -11.59 3.40
CA ILE A 70 11.66 -12.85 3.96
C ILE A 70 10.51 -13.85 4.09
N GLN A 71 9.33 -13.34 4.41
CA GLN A 71 8.16 -14.20 4.65
C GLN A 71 7.32 -14.49 3.39
N THR A 72 6.84 -13.45 2.72
CA THR A 72 5.97 -13.63 1.57
C THR A 72 6.73 -13.69 0.24
N LYS A 73 7.89 -13.07 0.18
CA LYS A 73 8.68 -13.06 -1.04
C LYS A 73 9.27 -14.43 -1.34
N LYS A 74 8.68 -15.10 -2.31
CA LYS A 74 9.15 -16.41 -2.74
C LYS A 74 9.96 -16.25 -4.02
N GLN A 75 10.13 -17.34 -4.76
CA GLN A 75 10.87 -17.28 -6.01
C GLN A 75 10.06 -16.55 -7.06
N GLU A 76 8.78 -16.86 -7.11
CA GLU A 76 7.87 -16.24 -8.07
C GLU A 76 7.01 -15.19 -7.39
N LYS A 77 6.17 -14.53 -8.17
CA LYS A 77 5.26 -13.50 -7.65
C LYS A 77 4.30 -13.05 -8.75
N ALA A 78 3.09 -12.72 -8.37
CA ALA A 78 2.08 -12.25 -9.31
C ALA A 78 1.92 -10.73 -9.22
N PRO A 79 1.35 -10.09 -10.27
CA PRO A 79 1.12 -8.64 -10.28
C PRO A 79 -0.03 -8.25 -9.36
N HIS A 80 -0.69 -7.14 -9.67
CA HIS A 80 -1.81 -6.69 -8.85
C HIS A 80 -2.86 -5.95 -9.68
N GLU A 81 -3.95 -5.57 -9.03
CA GLU A 81 -5.06 -4.88 -9.65
C GLU A 81 -4.70 -3.52 -10.28
N LYS A 82 -4.08 -2.62 -9.52
CA LYS A 82 -3.74 -1.29 -10.03
C LYS A 82 -2.75 -1.37 -11.21
N ILE A 83 -3.32 -1.21 -12.41
CA ILE A 83 -2.59 -1.21 -13.71
C ILE A 83 -1.70 -2.43 -13.91
N VAL A 84 -2.02 -3.52 -13.22
CA VAL A 84 -1.26 -4.78 -13.30
C VAL A 84 0.14 -4.63 -12.73
N SER A 85 0.98 -3.84 -13.39
CA SER A 85 2.37 -3.59 -13.00
C SER A 85 3.24 -4.81 -13.25
N TYR A 86 4.27 -4.62 -14.07
CA TYR A 86 5.21 -5.69 -14.40
C TYR A 86 6.21 -5.91 -13.27
N GLU A 87 7.12 -6.84 -13.48
CA GLU A 87 8.14 -7.17 -12.48
C GLU A 87 9.28 -6.14 -12.48
N ASN A 88 8.92 -4.87 -12.28
CA ASN A 88 9.90 -3.80 -12.27
C ASN A 88 10.56 -3.70 -10.90
N GLY A 89 11.40 -4.68 -10.59
CA GLY A 89 12.10 -4.70 -9.32
C GLY A 89 13.59 -4.53 -9.51
N ASP A 90 14.27 -4.17 -8.43
CA ASP A 90 15.71 -3.96 -8.49
C ASP A 90 16.44 -5.14 -7.85
N ASN A 91 17.75 -5.20 -8.05
CA ASN A 91 18.56 -6.27 -7.51
C ASN A 91 20.05 -5.92 -7.60
N VAL A 92 20.46 -5.43 -8.76
CA VAL A 92 21.85 -5.07 -9.03
C VAL A 92 22.76 -6.28 -8.86
N ASN A 93 23.36 -6.40 -7.69
CA ASN A 93 24.27 -7.48 -7.36
C ASN A 93 25.37 -7.65 -8.40
N LEU A 94 26.25 -6.67 -8.45
CA LEU A 94 27.37 -6.70 -9.38
C LEU A 94 28.66 -6.98 -8.61
N SER A 95 29.01 -6.09 -7.70
CA SER A 95 30.21 -6.26 -6.89
C SER A 95 30.05 -5.52 -5.56
N GLU A 96 28.80 -5.24 -5.21
CA GLU A 96 28.49 -4.52 -3.98
C GLU A 96 27.52 -5.30 -3.10
N ALA A 97 26.50 -5.89 -3.72
CA ALA A 97 25.50 -6.66 -2.98
C ALA A 97 26.03 -8.05 -2.63
N ILE A 98 27.32 -8.25 -2.86
CA ILE A 98 27.96 -9.51 -2.56
C ILE A 98 28.47 -9.48 -1.12
N ASN A 99 28.56 -8.26 -0.58
CA ASN A 99 29.02 -8.06 0.78
C ASN A 99 27.92 -8.43 1.78
N VAL A 100 26.75 -8.78 1.24
CA VAL A 100 25.62 -9.16 2.06
C VAL A 100 25.71 -10.65 2.40
N GLN A 101 26.53 -11.35 1.65
CA GLN A 101 26.73 -12.78 1.85
C GLN A 101 28.14 -13.04 2.34
N LEU A 102 29.11 -12.40 1.69
CA LEU A 102 30.51 -12.55 2.06
C LEU A 102 30.97 -11.34 2.87
N THR A 103 30.24 -11.08 3.95
CA THR A 103 30.56 -9.96 4.83
C THR A 103 31.84 -10.22 5.61
N LEU A 104 32.82 -9.34 5.42
CA LEU A 104 34.10 -9.47 6.12
C LEU A 104 34.00 -8.88 7.52
N ASP A 105 33.07 -9.41 8.30
CA ASP A 105 32.84 -8.95 9.66
C ASP A 105 32.55 -10.14 10.57
N THR A 106 32.87 -10.00 11.84
CA THR A 106 32.67 -11.07 12.81
C THR A 106 31.28 -10.98 13.44
N LYS A 107 30.33 -11.72 12.88
CA LYS A 107 28.96 -11.75 13.39
C LYS A 107 28.45 -13.18 13.40
N LEU A 108 27.74 -13.54 14.46
CA LEU A 108 27.21 -14.89 14.59
C LEU A 108 25.69 -14.85 14.65
N PRO A 109 25.02 -15.39 13.63
CA PRO A 109 23.55 -15.41 13.58
C PRO A 109 22.95 -16.43 14.53
N GLU A 110 21.83 -16.06 15.15
CA GLU A 110 21.11 -16.93 16.09
C GLU A 110 21.91 -17.22 17.36
N ALA A 111 23.06 -16.58 17.52
CA ALA A 111 23.90 -16.78 18.68
C ALA A 111 23.23 -16.20 19.92
N LYS A 112 23.13 -14.87 19.97
CA LYS A 112 22.50 -14.17 21.08
C LYS A 112 23.17 -14.54 22.40
N GLU A 113 24.35 -13.97 22.61
CA GLU A 113 25.17 -14.19 23.81
C GLU A 113 24.34 -14.27 25.11
N LEU A 114 23.97 -13.13 25.65
CA LEU A 114 23.18 -13.08 26.87
C LEU A 114 21.72 -12.86 26.53
N HIS A 115 21.43 -12.79 25.24
CA HIS A 115 20.06 -12.56 24.77
C HIS A 115 19.32 -13.88 24.58
N HIS A 116 20.05 -14.98 24.46
CA HIS A 116 19.45 -16.31 24.30
C HIS A 116 19.13 -16.91 25.66
N HIS A 117 19.50 -16.18 26.71
CA HIS A 117 19.28 -16.64 28.07
C HIS A 117 17.87 -16.32 28.55
N HIS A 118 16.97 -15.98 27.61
CA HIS A 118 15.60 -15.66 27.97
C HIS A 118 14.63 -15.94 26.82
N HIS A 119 15.15 -16.49 25.72
CA HIS A 119 14.33 -16.81 24.55
C HIS A 119 15.19 -17.38 23.43
N HIS A 120 14.54 -17.81 22.36
CA HIS A 120 15.24 -18.36 21.21
C HIS A 120 16.00 -17.26 20.50
N MET A 1 1.23 7.02 -6.68
CA MET A 1 0.39 5.86 -6.27
C MET A 1 -0.05 6.01 -4.83
N GLN A 2 -1.35 5.98 -4.59
CA GLN A 2 -1.89 6.12 -3.25
C GLN A 2 -2.36 4.77 -2.72
N ILE A 3 -1.84 4.37 -1.57
CA ILE A 3 -2.24 3.13 -0.95
C ILE A 3 -2.73 3.42 0.46
N TYR A 4 -4.00 3.14 0.71
CA TYR A 4 -4.58 3.41 2.02
C TYR A 4 -4.69 2.13 2.83
N THR A 5 -4.30 2.21 4.09
CA THR A 5 -4.34 1.08 4.99
C THR A 5 -5.01 1.45 6.31
N SER A 6 -5.67 0.48 6.92
CA SER A 6 -6.33 0.67 8.19
C SER A 6 -5.97 -0.48 9.12
N GLU A 7 -4.86 -0.32 9.83
CA GLU A 7 -4.37 -1.35 10.73
C GLU A 7 -5.19 -1.40 12.01
N LYS A 8 -5.85 -0.30 12.34
CA LYS A 8 -6.65 -0.24 13.55
C LYS A 8 -8.04 -0.79 13.27
N ARG A 9 -8.36 -0.92 11.99
CA ARG A 9 -9.65 -1.46 11.56
C ARG A 9 -9.46 -2.92 11.18
N GLY A 10 -8.35 -3.19 10.52
CA GLY A 10 -8.02 -4.54 10.11
C GLY A 10 -8.97 -5.10 9.08
N SER A 11 -9.15 -4.39 7.99
CA SER A 11 -10.06 -4.84 6.93
C SER A 11 -9.38 -5.87 6.01
N ASP A 12 -9.74 -7.14 6.19
CA ASP A 12 -9.18 -8.20 5.36
C ASP A 12 -9.94 -8.31 4.05
N THR A 13 -11.26 -8.40 4.15
CA THR A 13 -12.12 -8.52 2.98
C THR A 13 -12.28 -7.18 2.28
N ALA A 14 -12.08 -6.10 3.02
CA ALA A 14 -12.20 -4.76 2.48
C ALA A 14 -10.82 -4.15 2.28
N GLY A 15 -9.82 -5.01 2.26
CA GLY A 15 -8.46 -4.56 2.11
C GLY A 15 -8.01 -4.53 0.67
N ASN A 16 -8.29 -3.44 -0.02
CA ASN A 16 -7.88 -3.29 -1.40
C ASN A 16 -6.69 -2.35 -1.50
N GLY A 17 -6.66 -1.37 -0.61
CA GLY A 17 -5.59 -0.40 -0.59
C GLY A 17 -6.06 0.95 -1.10
N THR A 18 -7.36 1.10 -1.26
CA THR A 18 -7.93 2.35 -1.73
C THR A 18 -8.62 3.08 -0.58
N GLU A 19 -9.38 4.13 -0.87
CA GLU A 19 -10.04 4.90 0.17
C GLU A 19 -11.31 4.23 0.68
N GLU A 20 -12.06 3.62 -0.23
CA GLU A 20 -13.31 2.94 0.16
C GLU A 20 -13.01 1.53 0.62
N ALA A 21 -11.79 1.08 0.35
CA ALA A 21 -11.36 -0.26 0.72
C ALA A 21 -9.89 -0.23 1.18
N PRO A 22 -9.65 0.03 2.47
CA PRO A 22 -8.31 0.12 3.02
C PRO A 22 -7.79 -1.24 3.48
N LEU A 23 -6.50 -1.48 3.22
CA LEU A 23 -5.85 -2.73 3.59
C LEU A 23 -5.77 -2.90 5.10
N LYS A 24 -5.57 -4.14 5.55
CA LYS A 24 -5.49 -4.43 6.98
C LYS A 24 -4.17 -3.95 7.59
N THR A 25 -3.09 -4.05 6.82
CA THR A 25 -1.79 -3.62 7.30
C THR A 25 -0.91 -3.14 6.16
N VAL A 26 0.15 -2.40 6.50
CA VAL A 26 1.09 -1.87 5.52
C VAL A 26 1.77 -2.99 4.74
N LEU A 27 1.82 -4.18 5.33
CA LEU A 27 2.44 -5.34 4.69
C LEU A 27 1.75 -5.63 3.35
N GLN A 28 0.43 -5.53 3.34
CA GLN A 28 -0.35 -5.78 2.12
C GLN A 28 -0.14 -4.69 1.08
N ALA A 29 0.40 -3.57 1.49
CA ALA A 29 0.66 -2.47 0.59
C ALA A 29 1.99 -2.71 -0.14
N ILE A 30 2.86 -3.45 0.52
CA ILE A 30 4.18 -3.76 -0.02
C ILE A 30 4.16 -5.02 -0.89
N VAL A 31 3.28 -5.96 -0.57
CA VAL A 31 3.16 -7.20 -1.32
C VAL A 31 2.85 -6.95 -2.80
N LYS A 32 2.19 -5.84 -3.08
CA LYS A 32 1.81 -5.49 -4.44
C LYS A 32 2.97 -4.82 -5.18
N LEU A 33 4.00 -4.42 -4.44
CA LEU A 33 5.16 -3.76 -5.03
C LEU A 33 6.39 -4.67 -4.96
N ASP A 34 6.21 -5.84 -4.33
CA ASP A 34 7.28 -6.82 -4.13
C ASP A 34 8.48 -6.18 -3.43
N GLY A 35 8.20 -5.23 -2.55
CA GLY A 35 9.25 -4.57 -1.81
C GLY A 35 9.89 -3.42 -2.55
N LYS A 36 9.50 -3.23 -3.81
CA LYS A 36 10.07 -2.14 -4.60
C LYS A 36 9.28 -0.86 -4.40
N ILE A 37 9.59 -0.18 -3.30
CA ILE A 37 8.94 1.08 -2.98
C ILE A 37 9.45 2.16 -3.92
N GLU A 38 8.56 2.99 -4.42
CA GLU A 38 8.92 4.06 -5.33
C GLU A 38 8.66 5.42 -4.69
N ALA A 39 9.26 6.46 -5.25
CA ALA A 39 9.07 7.82 -4.75
C ALA A 39 7.64 8.27 -4.96
N ASP A 40 6.97 7.60 -5.91
CA ASP A 40 5.58 7.91 -6.23
C ASP A 40 4.64 7.13 -5.29
N THR A 41 5.20 6.14 -4.61
CA THR A 41 4.41 5.32 -3.69
C THR A 41 4.13 6.08 -2.40
N ARG A 42 2.85 6.34 -2.16
CA ARG A 42 2.42 7.04 -0.96
C ARG A 42 1.45 6.16 -0.20
N ILE A 43 1.88 5.66 0.93
CA ILE A 43 1.05 4.80 1.76
C ILE A 43 0.49 5.59 2.93
N TRP A 44 -0.82 5.53 3.08
CA TRP A 44 -1.51 6.22 4.15
C TRP A 44 -2.12 5.21 5.11
N VAL A 45 -2.11 5.56 6.38
CA VAL A 45 -2.67 4.68 7.41
C VAL A 45 -3.98 5.25 7.93
N ASP A 46 -4.50 4.61 8.98
CA ASP A 46 -5.78 4.98 9.62
C ASP A 46 -5.96 6.49 9.77
N GLY A 47 -4.93 7.18 10.25
CA GLY A 47 -5.04 8.62 10.41
C GLY A 47 -4.42 9.09 11.71
N THR A 48 -3.97 10.35 11.73
CA THR A 48 -3.35 10.92 12.92
C THR A 48 -4.40 11.58 13.83
N GLY A 49 -5.66 11.45 13.45
CA GLY A 49 -6.73 12.04 14.25
C GLY A 49 -7.26 13.32 13.63
N ASP A 50 -6.35 14.24 13.36
CA ASP A 50 -6.72 15.53 12.74
C ASP A 50 -7.16 15.31 11.32
N GLU A 51 -6.41 14.48 10.62
CA GLU A 51 -6.68 14.18 9.24
C GLU A 51 -7.34 12.82 9.08
N MET A 52 -7.97 12.62 7.93
CA MET A 52 -8.66 11.38 7.62
C MET A 52 -7.64 10.27 7.34
N TRP A 53 -6.49 10.66 6.84
CA TRP A 53 -5.44 9.70 6.51
C TRP A 53 -4.09 10.22 7.01
N ASP A 54 -3.23 9.30 7.41
CA ASP A 54 -1.90 9.66 7.89
C ASP A 54 -0.84 9.00 7.03
N VAL A 55 0.38 9.53 7.08
CA VAL A 55 1.48 8.98 6.28
C VAL A 55 2.20 7.86 7.03
N VAL A 56 2.46 6.75 6.35
CA VAL A 56 3.15 5.64 6.97
C VAL A 56 4.59 6.02 7.29
N SER A 57 5.02 5.66 8.50
CA SER A 57 6.36 5.94 8.94
C SER A 57 7.36 5.04 8.20
N LYS A 58 8.47 5.63 7.77
CA LYS A 58 9.49 4.90 7.03
C LYS A 58 10.19 3.87 7.92
N SER A 59 10.09 4.08 9.23
CA SER A 59 10.70 3.19 10.19
C SER A 59 10.06 1.79 10.13
N LYS A 60 8.74 1.77 9.98
CA LYS A 60 8.01 0.51 9.91
C LYS A 60 7.96 0.02 8.48
N LEU A 61 7.78 0.95 7.55
CA LEU A 61 7.71 0.62 6.13
C LEU A 61 8.95 -0.14 5.69
N LYS A 62 10.13 0.35 6.07
CA LYS A 62 11.38 -0.30 5.68
C LYS A 62 11.50 -1.68 6.32
N LYS A 63 11.10 -1.78 7.57
CA LYS A 63 11.15 -3.04 8.30
C LYS A 63 10.19 -4.06 7.69
N ALA A 64 8.98 -3.61 7.41
CA ALA A 64 7.97 -4.48 6.81
C ALA A 64 8.42 -4.95 5.44
N THR A 65 9.07 -4.06 4.70
CA THR A 65 9.57 -4.38 3.37
C THR A 65 10.61 -5.50 3.44
N LYS A 66 11.50 -5.40 4.42
CA LYS A 66 12.54 -6.40 4.60
C LYS A 66 11.94 -7.73 5.04
N GLN A 67 11.03 -7.66 6.02
CA GLN A 67 10.37 -8.85 6.52
C GLN A 67 9.58 -9.53 5.40
N TYR A 68 8.83 -8.73 4.66
CA TYR A 68 8.03 -9.25 3.55
C TYR A 68 8.91 -9.97 2.53
N HIS A 69 10.11 -9.44 2.31
CA HIS A 69 11.01 -10.02 1.33
C HIS A 69 11.54 -11.37 1.76
N ILE A 70 11.67 -11.57 3.05
CA ILE A 70 12.15 -12.83 3.57
C ILE A 70 11.01 -13.81 3.84
N GLN A 71 9.91 -13.30 4.39
CA GLN A 71 8.79 -14.14 4.78
C GLN A 71 7.71 -14.33 3.71
N THR A 72 7.14 -13.22 3.26
CA THR A 72 6.05 -13.24 2.30
C THR A 72 6.48 -13.50 0.86
N LYS A 73 7.79 -13.48 0.62
CA LYS A 73 8.33 -13.70 -0.72
C LYS A 73 7.88 -15.04 -1.33
N LYS A 74 6.74 -15.00 -2.01
CA LYS A 74 6.16 -16.17 -2.65
C LYS A 74 5.33 -15.71 -3.85
N GLN A 75 5.77 -14.64 -4.50
CA GLN A 75 5.06 -14.11 -5.65
C GLN A 75 5.41 -14.89 -6.91
N GLU A 76 6.68 -15.23 -7.03
CA GLU A 76 7.17 -15.99 -8.17
C GLU A 76 6.49 -17.35 -8.22
N LYS A 77 6.59 -18.08 -7.10
CA LYS A 77 5.98 -19.40 -6.96
C LYS A 77 6.73 -20.45 -7.79
N ALA A 78 6.54 -20.41 -9.09
CA ALA A 78 7.19 -21.35 -9.99
C ALA A 78 8.66 -20.99 -10.23
N PRO A 79 8.98 -19.76 -10.72
CA PRO A 79 10.36 -19.36 -10.96
C PRO A 79 11.07 -18.96 -9.67
N HIS A 80 10.95 -19.80 -8.65
CA HIS A 80 11.57 -19.54 -7.36
C HIS A 80 13.06 -19.85 -7.43
N GLU A 81 13.84 -19.10 -6.65
CA GLU A 81 15.30 -19.26 -6.59
C GLU A 81 15.95 -18.92 -7.92
N LYS A 82 15.77 -17.68 -8.34
CA LYS A 82 16.37 -17.19 -9.58
C LYS A 82 17.03 -15.85 -9.33
N ILE A 83 18.36 -15.87 -9.26
CA ILE A 83 19.16 -14.67 -9.03
C ILE A 83 18.79 -14.04 -7.69
N VAL A 84 18.83 -14.85 -6.64
CA VAL A 84 18.51 -14.39 -5.30
C VAL A 84 19.64 -13.53 -4.75
N SER A 85 19.35 -12.25 -4.58
CA SER A 85 20.34 -11.30 -4.06
C SER A 85 20.73 -11.62 -2.62
N TYR A 86 19.77 -12.19 -1.86
CA TYR A 86 19.99 -12.56 -0.47
C TYR A 86 20.43 -11.35 0.37
N GLU A 87 19.47 -10.50 0.72
CA GLU A 87 19.74 -9.31 1.52
C GLU A 87 20.17 -9.67 2.93
N ASN A 88 19.78 -10.86 3.37
CA ASN A 88 20.09 -11.37 4.72
C ASN A 88 19.27 -10.66 5.80
N GLY A 89 19.45 -9.36 5.92
CA GLY A 89 18.72 -8.60 6.92
C GLY A 89 18.43 -7.19 6.49
N ASP A 90 18.48 -6.25 7.44
CA ASP A 90 18.20 -4.85 7.16
C ASP A 90 19.36 -4.21 6.41
N ASN A 91 20.48 -4.06 7.09
CA ASN A 91 21.68 -3.47 6.49
C ASN A 91 22.93 -4.17 7.01
N VAL A 92 22.72 -5.40 7.50
CA VAL A 92 23.79 -6.25 8.06
C VAL A 92 24.73 -5.47 8.99
N ASN A 93 25.96 -5.95 9.13
CA ASN A 93 26.97 -5.31 9.98
C ASN A 93 26.58 -5.35 11.45
N LEU A 94 25.72 -4.44 11.87
CA LEU A 94 25.28 -4.37 13.26
C LEU A 94 24.15 -5.37 13.50
N SER A 95 24.47 -6.64 13.38
CA SER A 95 23.49 -7.70 13.59
C SER A 95 23.72 -8.38 14.94
N GLU A 96 24.74 -7.93 15.65
CA GLU A 96 25.08 -8.50 16.95
C GLU A 96 25.59 -7.40 17.88
N ALA A 97 26.02 -7.80 19.08
CA ALA A 97 26.49 -6.86 20.08
C ALA A 97 27.98 -6.55 19.89
N ILE A 98 28.32 -5.90 18.79
CA ILE A 98 29.70 -5.53 18.51
C ILE A 98 29.91 -4.04 18.73
N ASN A 99 28.83 -3.37 19.10
CA ASN A 99 28.89 -1.94 19.34
C ASN A 99 28.41 -1.60 20.75
N VAL A 100 28.93 -2.34 21.72
CA VAL A 100 28.58 -2.15 23.11
C VAL A 100 29.82 -2.07 23.97
N GLN A 101 30.87 -1.48 23.40
CA GLN A 101 32.15 -1.34 24.11
C GLN A 101 32.04 -0.30 25.21
N LEU A 102 31.28 0.75 24.93
CA LEU A 102 31.07 1.84 25.87
C LEU A 102 29.70 2.44 25.68
N THR A 103 29.27 3.28 26.62
CA THR A 103 27.98 3.93 26.53
C THR A 103 27.89 4.77 25.25
N LEU A 104 29.00 5.39 24.89
CA LEU A 104 29.08 6.21 23.69
C LEU A 104 30.01 5.54 22.69
N ASP A 105 29.65 4.32 22.29
CA ASP A 105 30.46 3.56 21.33
C ASP A 105 30.28 4.12 19.93
N THR A 106 30.96 5.22 19.66
CA THR A 106 30.91 5.85 18.35
C THR A 106 32.30 5.82 17.72
N LYS A 107 32.89 4.63 17.70
CA LYS A 107 34.23 4.44 17.14
C LYS A 107 34.25 4.67 15.63
N LEU A 108 33.07 4.60 15.01
CA LEU A 108 32.91 4.82 13.57
C LEU A 108 33.51 3.66 12.75
N PRO A 109 33.10 3.52 11.47
CA PRO A 109 33.62 2.47 10.59
C PRO A 109 35.11 2.64 10.33
N GLU A 110 35.81 1.52 10.18
CA GLU A 110 37.25 1.51 9.93
C GLU A 110 38.01 2.06 11.13
N ALA A 111 37.48 1.79 12.32
CA ALA A 111 38.11 2.24 13.55
C ALA A 111 39.44 1.54 13.76
N LYS A 112 40.52 2.22 13.43
CA LYS A 112 41.85 1.66 13.58
C LYS A 112 42.40 1.94 14.97
N GLU A 113 41.57 1.67 15.97
CA GLU A 113 41.95 1.88 17.36
C GLU A 113 42.52 0.59 17.95
N LEU A 114 41.65 -0.42 18.08
CA LEU A 114 42.06 -1.72 18.62
C LEU A 114 42.97 -2.46 17.65
N HIS A 115 43.21 -1.86 16.51
CA HIS A 115 44.08 -2.44 15.49
C HIS A 115 45.01 -1.37 14.95
N HIS A 116 45.42 -0.46 15.84
CA HIS A 116 46.31 0.64 15.49
C HIS A 116 47.75 0.16 15.31
N HIS A 117 47.96 -0.76 14.39
CA HIS A 117 49.29 -1.29 14.12
C HIS A 117 49.77 -0.85 12.74
N HIS A 118 48.98 0.02 12.12
CA HIS A 118 49.30 0.56 10.79
C HIS A 118 49.46 -0.55 9.75
N HIS A 119 48.47 -1.42 9.67
CA HIS A 119 48.50 -2.52 8.71
C HIS A 119 47.23 -2.51 7.87
N HIS A 120 46.42 -1.47 8.08
CA HIS A 120 45.17 -1.30 7.38
C HIS A 120 44.56 0.03 7.79
N MET A 1 0.66 7.17 -7.42
CA MET A 1 0.25 5.84 -6.91
C MET A 1 0.10 5.89 -5.39
N GLN A 2 -1.06 6.29 -4.92
CA GLN A 2 -1.31 6.37 -3.49
C GLN A 2 -2.03 5.12 -3.00
N ILE A 3 -1.69 4.70 -1.78
CA ILE A 3 -2.31 3.53 -1.17
C ILE A 3 -2.80 3.89 0.22
N TYR A 4 -4.08 3.70 0.46
CA TYR A 4 -4.67 4.00 1.75
C TYR A 4 -4.72 2.74 2.62
N THR A 5 -4.05 2.80 3.76
CA THR A 5 -4.01 1.66 4.66
C THR A 5 -4.62 2.01 6.01
N SER A 6 -5.18 1.01 6.67
CA SER A 6 -5.76 1.19 7.98
C SER A 6 -5.51 -0.06 8.82
N GLU A 7 -4.36 -0.09 9.46
CA GLU A 7 -3.96 -1.23 10.27
C GLU A 7 -4.77 -1.27 11.56
N LYS A 8 -5.28 -0.11 11.96
CA LYS A 8 -6.09 -0.01 13.17
C LYS A 8 -7.48 -0.57 12.91
N ARG A 9 -7.80 -0.75 11.63
CA ARG A 9 -9.08 -1.30 11.22
C ARG A 9 -8.92 -2.77 10.86
N GLY A 10 -7.80 -3.10 10.22
CA GLY A 10 -7.53 -4.47 9.82
C GLY A 10 -8.57 -5.05 8.90
N SER A 11 -8.94 -4.30 7.88
CA SER A 11 -9.94 -4.74 6.92
C SER A 11 -9.38 -5.88 6.08
N ASP A 12 -9.81 -7.09 6.38
CA ASP A 12 -9.34 -8.27 5.65
C ASP A 12 -10.04 -8.41 4.30
N THR A 13 -11.36 -8.38 4.32
CA THR A 13 -12.15 -8.52 3.10
C THR A 13 -12.30 -7.19 2.37
N ALA A 14 -11.74 -6.13 2.94
CA ALA A 14 -11.82 -4.81 2.34
C ALA A 14 -10.43 -4.21 2.23
N GLY A 15 -9.43 -5.06 2.31
CA GLY A 15 -8.06 -4.58 2.25
C GLY A 15 -7.54 -4.49 0.83
N ASN A 16 -8.01 -3.49 0.10
CA ASN A 16 -7.56 -3.29 -1.26
C ASN A 16 -6.44 -2.25 -1.30
N GLY A 17 -6.57 -1.25 -0.44
CA GLY A 17 -5.58 -0.20 -0.38
C GLY A 17 -6.10 1.09 -0.98
N THR A 18 -7.42 1.23 -1.02
CA THR A 18 -8.05 2.40 -1.57
C THR A 18 -8.82 3.15 -0.48
N GLU A 19 -9.70 4.08 -0.85
CA GLU A 19 -10.43 4.87 0.14
C GLU A 19 -11.65 4.12 0.68
N GLU A 20 -12.40 3.47 -0.20
CA GLU A 20 -13.57 2.72 0.22
C GLU A 20 -13.15 1.37 0.77
N ALA A 21 -12.00 0.89 0.30
CA ALA A 21 -11.44 -0.37 0.75
C ALA A 21 -10.08 -0.13 1.39
N PRO A 22 -10.06 0.11 2.71
CA PRO A 22 -8.84 0.39 3.47
C PRO A 22 -7.99 -0.86 3.67
N LEU A 23 -6.71 -0.75 3.37
CA LEU A 23 -5.79 -1.87 3.51
C LEU A 23 -5.67 -2.30 4.97
N LYS A 24 -5.42 -3.59 5.18
CA LYS A 24 -5.32 -4.15 6.52
C LYS A 24 -4.00 -3.78 7.18
N THR A 25 -2.93 -3.77 6.40
CA THR A 25 -1.61 -3.43 6.92
C THR A 25 -0.72 -2.90 5.80
N VAL A 26 0.30 -2.13 6.18
CA VAL A 26 1.23 -1.56 5.21
C VAL A 26 1.93 -2.66 4.40
N LEU A 27 2.04 -3.85 5.01
CA LEU A 27 2.66 -4.99 4.36
C LEU A 27 1.95 -5.34 3.05
N GLN A 28 0.62 -5.26 3.06
CA GLN A 28 -0.18 -5.58 1.90
C GLN A 28 0.04 -4.58 0.76
N ALA A 29 0.61 -3.44 1.08
CA ALA A 29 0.90 -2.43 0.07
C ALA A 29 2.23 -2.74 -0.58
N ILE A 30 3.12 -3.33 0.20
CA ILE A 30 4.46 -3.68 -0.25
C ILE A 30 4.48 -5.01 -1.00
N VAL A 31 3.56 -5.90 -0.65
CA VAL A 31 3.49 -7.22 -1.29
C VAL A 31 3.28 -7.09 -2.80
N LYS A 32 2.63 -6.01 -3.22
CA LYS A 32 2.34 -5.76 -4.63
C LYS A 32 3.53 -5.13 -5.35
N LEU A 33 4.50 -4.64 -4.60
CA LEU A 33 5.67 -3.99 -5.19
C LEU A 33 6.94 -4.81 -4.99
N ASP A 34 6.82 -5.91 -4.27
CA ASP A 34 7.96 -6.80 -3.99
C ASP A 34 9.07 -6.05 -3.24
N GLY A 35 8.66 -5.03 -2.49
CA GLY A 35 9.62 -4.25 -1.72
C GLY A 35 10.17 -3.08 -2.50
N LYS A 36 9.82 -2.99 -3.78
CA LYS A 36 10.29 -1.91 -4.62
C LYS A 36 9.33 -0.74 -4.54
N ILE A 37 9.57 0.13 -3.57
CA ILE A 37 8.73 1.30 -3.38
C ILE A 37 9.08 2.39 -4.38
N GLU A 38 8.19 2.60 -5.34
CA GLU A 38 8.39 3.62 -6.36
C GLU A 38 8.24 5.01 -5.77
N ALA A 39 8.87 5.99 -6.39
CA ALA A 39 8.83 7.37 -5.93
C ALA A 39 7.43 7.95 -6.04
N ASP A 40 6.58 7.27 -6.80
CA ASP A 40 5.21 7.71 -6.99
C ASP A 40 4.29 6.99 -6.00
N THR A 41 4.85 6.04 -5.27
CA THR A 41 4.07 5.30 -4.29
C THR A 41 3.96 6.09 -2.99
N ARG A 42 2.74 6.48 -2.65
CA ARG A 42 2.48 7.22 -1.43
C ARG A 42 1.55 6.42 -0.56
N ILE A 43 2.05 5.91 0.55
CA ILE A 43 1.24 5.10 1.44
C ILE A 43 0.72 5.94 2.61
N TRP A 44 -0.60 5.93 2.76
CA TRP A 44 -1.26 6.66 3.82
C TRP A 44 -1.79 5.68 4.85
N VAL A 45 -1.84 6.10 6.10
CA VAL A 45 -2.33 5.25 7.17
C VAL A 45 -3.69 5.74 7.65
N ASP A 46 -4.23 5.06 8.65
CA ASP A 46 -5.53 5.40 9.23
C ASP A 46 -5.51 6.77 9.89
N GLY A 47 -4.33 7.25 10.20
CA GLY A 47 -4.19 8.55 10.80
C GLY A 47 -3.95 8.51 12.28
N THR A 48 -3.69 9.68 12.85
CA THR A 48 -3.46 9.80 14.28
C THR A 48 -4.75 10.07 15.04
N GLY A 49 -5.87 9.91 14.34
CA GLY A 49 -7.16 10.14 14.96
C GLY A 49 -7.79 11.44 14.50
N ASP A 50 -6.98 12.50 14.49
CA ASP A 50 -7.45 13.81 14.06
C ASP A 50 -7.77 13.81 12.57
N GLU A 51 -6.88 13.21 11.82
CA GLU A 51 -7.02 13.15 10.38
C GLU A 51 -7.50 11.78 9.92
N MET A 52 -8.07 11.76 8.73
CA MET A 52 -8.60 10.53 8.16
C MET A 52 -7.47 9.74 7.50
N TRP A 53 -6.50 10.46 6.95
CA TRP A 53 -5.37 9.84 6.29
C TRP A 53 -4.08 10.56 6.66
N ASP A 54 -3.09 9.80 7.08
CA ASP A 54 -1.79 10.35 7.46
C ASP A 54 -0.71 9.59 6.71
N VAL A 55 0.53 10.04 6.81
CA VAL A 55 1.62 9.39 6.10
C VAL A 55 2.18 8.22 6.90
N VAL A 56 2.52 7.14 6.20
CA VAL A 56 3.07 5.96 6.85
C VAL A 56 4.46 6.26 7.39
N SER A 57 4.77 5.70 8.55
CA SER A 57 6.06 5.91 9.18
C SER A 57 7.14 5.11 8.45
N LYS A 58 8.28 5.75 8.21
CA LYS A 58 9.38 5.12 7.50
C LYS A 58 9.96 3.96 8.32
N SER A 59 9.83 4.05 9.64
CA SER A 59 10.32 3.01 10.54
C SER A 59 9.54 1.71 10.36
N LYS A 60 8.26 1.85 10.07
CA LYS A 60 7.39 0.70 9.89
C LYS A 60 7.48 0.21 8.44
N LEU A 61 7.57 1.15 7.52
CA LEU A 61 7.65 0.84 6.10
C LEU A 61 8.92 0.05 5.80
N LYS A 62 10.05 0.54 6.30
CA LYS A 62 11.34 -0.11 6.08
C LYS A 62 11.36 -1.50 6.71
N LYS A 63 10.79 -1.60 7.90
CA LYS A 63 10.73 -2.87 8.61
C LYS A 63 9.90 -3.89 7.84
N ALA A 64 8.70 -3.48 7.44
CA ALA A 64 7.80 -4.36 6.70
C ALA A 64 8.40 -4.80 5.38
N THR A 65 9.08 -3.86 4.70
CA THR A 65 9.71 -4.15 3.42
C THR A 65 10.73 -5.30 3.55
N LYS A 66 11.47 -5.27 4.65
CA LYS A 66 12.48 -6.30 4.91
C LYS A 66 11.84 -7.62 5.29
N GLN A 67 10.85 -7.56 6.17
CA GLN A 67 10.17 -8.77 6.65
C GLN A 67 9.35 -9.43 5.54
N TYR A 68 8.76 -8.62 4.67
CA TYR A 68 7.94 -9.12 3.56
C TYR A 68 8.68 -10.18 2.73
N HIS A 69 9.95 -9.93 2.46
CA HIS A 69 10.73 -10.85 1.65
C HIS A 69 11.05 -12.14 2.37
N ILE A 70 11.06 -12.08 3.69
CA ILE A 70 11.35 -13.25 4.50
C ILE A 70 10.09 -14.04 4.85
N GLN A 71 9.02 -13.32 5.18
CA GLN A 71 7.77 -13.95 5.61
C GLN A 71 6.79 -14.23 4.48
N THR A 72 6.42 -13.19 3.75
CA THR A 72 5.42 -13.30 2.69
C THR A 72 5.86 -14.13 1.48
N LYS A 73 7.14 -14.49 1.43
CA LYS A 73 7.63 -15.30 0.32
C LYS A 73 6.99 -16.69 0.31
N LYS A 74 6.58 -17.14 1.49
CA LYS A 74 5.93 -18.44 1.68
C LYS A 74 6.64 -19.54 0.89
N GLN A 75 5.88 -20.52 0.40
CA GLN A 75 6.45 -21.63 -0.38
C GLN A 75 5.36 -22.64 -0.74
N GLU A 76 4.25 -22.15 -1.28
CA GLU A 76 3.14 -23.03 -1.66
C GLU A 76 2.57 -22.63 -3.01
N LYS A 77 1.94 -21.46 -3.05
CA LYS A 77 1.33 -20.96 -4.28
C LYS A 77 2.04 -19.70 -4.75
N ALA A 78 2.83 -19.10 -3.86
CA ALA A 78 3.56 -17.89 -4.17
C ALA A 78 4.60 -18.13 -5.25
N PRO A 79 4.42 -17.52 -6.45
CA PRO A 79 5.35 -17.67 -7.56
C PRO A 79 6.55 -16.75 -7.44
N HIS A 80 6.81 -16.30 -6.20
CA HIS A 80 7.93 -15.43 -5.91
C HIS A 80 9.23 -16.13 -6.27
N GLU A 81 9.51 -17.22 -5.58
CA GLU A 81 10.70 -18.01 -5.84
C GLU A 81 10.44 -18.92 -7.02
N LYS A 82 11.42 -19.71 -7.41
CA LYS A 82 11.25 -20.61 -8.53
C LYS A 82 10.89 -22.00 -8.05
N ILE A 83 9.62 -22.14 -7.69
CA ILE A 83 9.07 -23.40 -7.20
C ILE A 83 7.83 -23.78 -8.00
N VAL A 84 7.24 -24.91 -7.68
CA VAL A 84 6.04 -25.36 -8.37
C VAL A 84 4.82 -24.68 -7.74
N SER A 85 4.08 -23.96 -8.56
CA SER A 85 2.89 -23.26 -8.10
C SER A 85 1.78 -24.23 -7.72
N TYR A 86 1.64 -24.48 -6.42
CA TYR A 86 0.61 -25.38 -5.92
C TYR A 86 -0.53 -24.59 -5.31
N GLU A 87 -1.56 -24.31 -6.11
CA GLU A 87 -2.73 -23.57 -5.64
C GLU A 87 -3.63 -24.48 -4.81
N ASN A 88 -3.06 -25.05 -3.77
CA ASN A 88 -3.79 -25.94 -2.89
C ASN A 88 -3.37 -25.68 -1.44
N GLY A 89 -2.16 -25.18 -1.27
CA GLY A 89 -1.67 -24.88 0.06
C GLY A 89 -2.09 -23.51 0.51
N ASP A 90 -3.26 -23.45 1.16
CA ASP A 90 -3.83 -22.19 1.68
C ASP A 90 -4.37 -21.33 0.54
N ASN A 91 -5.61 -20.89 0.68
CA ASN A 91 -6.27 -20.05 -0.33
C ASN A 91 -7.67 -19.69 0.15
N VAL A 92 -8.11 -18.50 -0.20
CA VAL A 92 -9.43 -18.03 0.19
C VAL A 92 -10.41 -18.18 -0.96
N ASN A 93 -11.70 -18.10 -0.65
CA ASN A 93 -12.73 -18.24 -1.67
C ASN A 93 -13.82 -17.20 -1.45
N LEU A 94 -14.21 -16.53 -2.53
CA LEU A 94 -15.25 -15.52 -2.47
C LEU A 94 -16.46 -16.00 -3.27
N SER A 95 -17.63 -15.87 -2.69
CA SER A 95 -18.86 -16.31 -3.36
C SER A 95 -19.98 -15.30 -3.16
N GLU A 96 -19.67 -14.22 -2.46
CA GLU A 96 -20.65 -13.19 -2.20
C GLU A 96 -20.42 -11.98 -3.11
N ALA A 97 -21.37 -11.06 -3.10
CA ALA A 97 -21.28 -9.88 -3.93
C ALA A 97 -20.61 -8.73 -3.19
N ILE A 98 -19.29 -8.81 -3.04
CA ILE A 98 -18.54 -7.76 -2.34
C ILE A 98 -18.26 -6.62 -3.30
N ASN A 99 -18.43 -6.90 -4.59
CA ASN A 99 -18.18 -5.91 -5.63
C ASN A 99 -19.23 -4.80 -5.57
N VAL A 100 -20.34 -5.09 -4.93
CA VAL A 100 -21.44 -4.13 -4.80
C VAL A 100 -21.17 -3.20 -3.62
N GLN A 101 -20.30 -3.65 -2.73
CA GLN A 101 -19.94 -2.88 -1.55
C GLN A 101 -18.68 -2.06 -1.83
N LEU A 102 -17.71 -2.70 -2.48
CA LEU A 102 -16.46 -2.06 -2.82
C LEU A 102 -16.35 -1.90 -4.33
N THR A 103 -17.23 -1.08 -4.88
CA THR A 103 -17.24 -0.83 -6.31
C THR A 103 -16.16 0.18 -6.69
N LEU A 104 -15.03 -0.34 -7.19
CA LEU A 104 -13.92 0.49 -7.60
C LEU A 104 -14.23 1.17 -8.94
N ASP A 105 -15.05 2.21 -8.89
CA ASP A 105 -15.42 2.95 -10.08
C ASP A 105 -14.45 4.11 -10.31
N THR A 106 -14.30 4.52 -11.55
CA THR A 106 -13.40 5.61 -11.89
C THR A 106 -14.07 6.63 -12.79
N LYS A 107 -14.16 7.87 -12.31
CA LYS A 107 -14.78 8.95 -13.06
C LYS A 107 -13.88 10.18 -13.03
N LEU A 108 -14.30 11.23 -13.73
CA LEU A 108 -13.53 12.47 -13.77
C LEU A 108 -13.95 13.43 -12.64
N PRO A 109 -15.26 13.75 -12.49
CA PRO A 109 -15.71 14.66 -11.44
C PRO A 109 -15.85 13.97 -10.08
N GLU A 110 -16.27 14.74 -9.10
CA GLU A 110 -16.44 14.23 -7.75
C GLU A 110 -17.85 13.65 -7.59
N ALA A 111 -18.82 14.27 -8.26
CA ALA A 111 -20.21 13.87 -8.21
C ALA A 111 -20.70 13.92 -6.77
N LYS A 112 -20.35 14.99 -6.07
CA LYS A 112 -20.73 15.15 -4.69
C LYS A 112 -21.51 16.45 -4.49
N GLU A 113 -21.72 17.20 -5.57
CA GLU A 113 -22.47 18.44 -5.49
C GLU A 113 -23.98 18.14 -5.42
N LEU A 114 -24.37 17.55 -4.32
CA LEU A 114 -25.76 17.22 -4.07
C LEU A 114 -26.22 17.96 -2.82
N HIS A 115 -25.34 18.81 -2.34
CA HIS A 115 -25.60 19.59 -1.13
C HIS A 115 -26.33 20.87 -1.48
N HIS A 116 -27.62 20.75 -1.80
CA HIS A 116 -28.44 21.89 -2.16
C HIS A 116 -27.94 22.48 -3.49
N HIS A 117 -27.75 21.60 -4.46
CA HIS A 117 -27.28 21.99 -5.80
C HIS A 117 -28.23 23.01 -6.42
N HIS A 118 -29.51 22.89 -6.09
CA HIS A 118 -30.50 23.81 -6.61
C HIS A 118 -30.37 25.17 -5.91
N HIS A 119 -29.39 25.92 -6.32
CA HIS A 119 -29.12 27.24 -5.77
C HIS A 119 -28.88 28.24 -6.89
N HIS A 120 -29.15 29.50 -6.62
CA HIS A 120 -28.97 30.57 -7.59
C HIS A 120 -29.00 31.89 -6.86
N MET A 1 0.87 6.73 -7.20
CA MET A 1 -0.06 5.73 -6.66
C MET A 1 -0.24 5.91 -5.17
N GLN A 2 -1.49 5.95 -4.72
CA GLN A 2 -1.79 6.11 -3.30
C GLN A 2 -2.37 4.82 -2.74
N ILE A 3 -1.80 4.35 -1.64
CA ILE A 3 -2.29 3.14 -1.00
C ILE A 3 -2.76 3.47 0.40
N TYR A 4 -4.03 3.30 0.67
CA TYR A 4 -4.58 3.60 1.97
C TYR A 4 -4.70 2.32 2.79
N THR A 5 -4.19 2.35 4.01
CA THR A 5 -4.23 1.21 4.90
C THR A 5 -4.85 1.57 6.24
N SER A 6 -5.66 0.68 6.77
CA SER A 6 -6.29 0.88 8.06
C SER A 6 -5.92 -0.28 8.99
N GLU A 7 -4.79 -0.11 9.67
CA GLU A 7 -4.27 -1.12 10.57
C GLU A 7 -5.14 -1.27 11.82
N LYS A 8 -5.81 -0.19 12.20
CA LYS A 8 -6.65 -0.21 13.38
C LYS A 8 -8.03 -0.76 13.02
N ARG A 9 -8.30 -0.83 11.72
CA ARG A 9 -9.55 -1.37 11.24
C ARG A 9 -9.38 -2.83 10.88
N GLY A 10 -8.22 -3.16 10.34
CA GLY A 10 -7.91 -4.52 9.96
C GLY A 10 -8.85 -5.09 8.91
N SER A 11 -9.11 -4.32 7.86
CA SER A 11 -9.99 -4.78 6.80
C SER A 11 -9.30 -5.87 5.97
N ASP A 12 -9.68 -7.12 6.22
CA ASP A 12 -9.08 -8.25 5.51
C ASP A 12 -9.73 -8.45 4.14
N THR A 13 -11.05 -8.53 4.13
CA THR A 13 -11.79 -8.72 2.88
C THR A 13 -12.26 -7.40 2.29
N ALA A 14 -11.85 -6.30 2.90
CA ALA A 14 -12.22 -4.97 2.45
C ALA A 14 -10.99 -4.14 2.16
N GLY A 15 -9.87 -4.81 1.99
CA GLY A 15 -8.63 -4.13 1.73
C GLY A 15 -8.24 -4.18 0.28
N ASN A 16 -8.39 -3.05 -0.41
CA ASN A 16 -8.01 -2.98 -1.81
C ASN A 16 -6.86 -2.00 -1.97
N GLY A 17 -6.72 -1.11 -0.99
CA GLY A 17 -5.66 -0.12 -1.01
C GLY A 17 -6.19 1.26 -1.34
N THR A 18 -7.49 1.39 -1.45
CA THR A 18 -8.11 2.66 -1.76
C THR A 18 -8.71 3.28 -0.50
N GLU A 19 -9.49 4.35 -0.66
CA GLU A 19 -10.09 5.02 0.49
C GLU A 19 -11.36 4.31 0.94
N GLU A 20 -12.16 3.84 0.00
CA GLU A 20 -13.39 3.13 0.32
C GLU A 20 -13.07 1.68 0.69
N ALA A 21 -11.89 1.23 0.30
CA ALA A 21 -11.44 -0.12 0.59
C ALA A 21 -9.98 -0.09 1.03
N PRO A 22 -9.74 0.19 2.31
CA PRO A 22 -8.40 0.29 2.86
C PRO A 22 -7.84 -1.06 3.30
N LEU A 23 -6.57 -1.28 2.99
CA LEU A 23 -5.92 -2.54 3.35
C LEU A 23 -5.82 -2.70 4.86
N LYS A 24 -5.65 -3.94 5.31
CA LYS A 24 -5.55 -4.24 6.73
C LYS A 24 -4.22 -3.79 7.32
N THR A 25 -3.14 -4.09 6.63
CA THR A 25 -1.82 -3.72 7.10
C THR A 25 -0.94 -3.24 5.96
N VAL A 26 0.11 -2.51 6.30
CA VAL A 26 1.05 -1.99 5.31
C VAL A 26 1.74 -3.14 4.57
N LEU A 27 1.74 -4.32 5.21
CA LEU A 27 2.36 -5.50 4.62
C LEU A 27 1.70 -5.83 3.28
N GLN A 28 0.37 -5.76 3.25
CA GLN A 28 -0.39 -6.05 2.04
C GLN A 28 -0.17 -4.99 0.97
N ALA A 29 0.34 -3.84 1.37
CA ALA A 29 0.60 -2.76 0.43
C ALA A 29 1.94 -3.00 -0.26
N ILE A 30 2.83 -3.73 0.42
CA ILE A 30 4.15 -4.01 -0.11
C ILE A 30 4.19 -5.32 -0.89
N VAL A 31 3.34 -6.28 -0.50
CA VAL A 31 3.28 -7.58 -1.18
C VAL A 31 3.08 -7.45 -2.69
N LYS A 32 2.36 -6.41 -3.11
CA LYS A 32 2.08 -6.19 -4.52
C LYS A 32 3.20 -5.44 -5.21
N LEU A 33 4.05 -4.81 -4.42
CA LEU A 33 5.16 -4.03 -4.95
C LEU A 33 6.45 -4.83 -5.03
N ASP A 34 6.41 -6.07 -4.53
CA ASP A 34 7.58 -6.95 -4.53
C ASP A 34 8.71 -6.35 -3.69
N GLY A 35 8.34 -5.44 -2.80
CA GLY A 35 9.30 -4.78 -1.93
C GLY A 35 9.90 -3.54 -2.56
N LYS A 36 9.42 -3.20 -3.75
CA LYS A 36 9.90 -2.03 -4.47
C LYS A 36 8.97 -0.85 -4.24
N ILE A 37 9.34 0.03 -3.33
CA ILE A 37 8.54 1.20 -3.04
C ILE A 37 8.88 2.32 -4.01
N GLU A 38 8.10 2.42 -5.08
CA GLU A 38 8.31 3.44 -6.10
C GLU A 38 8.09 4.83 -5.50
N ALA A 39 8.80 5.81 -6.03
CA ALA A 39 8.71 7.18 -5.54
C ALA A 39 7.31 7.76 -5.73
N ASP A 40 6.58 7.20 -6.68
CA ASP A 40 5.22 7.63 -6.97
C ASP A 40 4.23 6.95 -6.02
N THR A 41 4.70 5.91 -5.34
CA THR A 41 3.85 5.16 -4.43
C THR A 41 3.91 5.71 -3.02
N ARG A 42 2.77 6.19 -2.55
CA ARG A 42 2.67 6.73 -1.20
C ARG A 42 1.63 5.92 -0.42
N ILE A 43 2.00 5.53 0.78
CA ILE A 43 1.11 4.76 1.63
C ILE A 43 0.56 5.61 2.76
N TRP A 44 -0.75 5.54 2.94
CA TRP A 44 -1.42 6.29 3.99
C TRP A 44 -1.92 5.35 5.06
N VAL A 45 -1.88 5.79 6.31
CA VAL A 45 -2.32 4.97 7.43
C VAL A 45 -3.65 5.49 7.99
N ASP A 46 -4.09 4.89 9.10
CA ASP A 46 -5.34 5.26 9.76
C ASP A 46 -5.39 6.74 10.10
N GLY A 47 -4.23 7.35 10.29
CA GLY A 47 -4.17 8.76 10.60
C GLY A 47 -3.58 9.00 11.98
N THR A 48 -3.30 10.25 12.28
CA THR A 48 -2.73 10.62 13.57
C THR A 48 -3.84 11.02 14.55
N GLY A 49 -5.08 10.97 14.08
CA GLY A 49 -6.20 11.34 14.91
C GLY A 49 -6.87 12.61 14.42
N ASP A 50 -6.05 13.59 14.08
CA ASP A 50 -6.56 14.87 13.58
C ASP A 50 -7.03 14.71 12.14
N GLU A 51 -6.24 14.01 11.37
CA GLU A 51 -6.52 13.78 9.97
C GLU A 51 -7.07 12.39 9.73
N MET A 52 -7.76 12.23 8.61
CA MET A 52 -8.35 10.96 8.22
C MET A 52 -7.29 10.03 7.66
N TRP A 53 -6.30 10.61 6.98
CA TRP A 53 -5.22 9.83 6.38
C TRP A 53 -3.89 10.52 6.62
N ASP A 54 -2.92 9.75 7.07
CA ASP A 54 -1.59 10.28 7.31
C ASP A 54 -0.56 9.42 6.56
N VAL A 55 0.68 9.86 6.54
CA VAL A 55 1.73 9.14 5.84
C VAL A 55 2.30 8.03 6.71
N VAL A 56 2.61 6.89 6.09
CA VAL A 56 3.17 5.75 6.79
C VAL A 56 4.56 6.09 7.31
N SER A 57 4.84 5.69 8.54
CA SER A 57 6.13 5.95 9.14
C SER A 57 7.21 5.12 8.45
N LYS A 58 8.35 5.75 8.17
CA LYS A 58 9.45 5.08 7.49
C LYS A 58 9.97 3.89 8.31
N SER A 59 9.91 4.02 9.63
CA SER A 59 10.36 2.96 10.52
C SER A 59 9.44 1.74 10.45
N LYS A 60 8.15 2.00 10.31
CA LYS A 60 7.16 0.95 10.24
C LYS A 60 7.16 0.32 8.85
N LEU A 61 7.32 1.18 7.84
CA LEU A 61 7.35 0.74 6.46
C LEU A 61 8.58 -0.12 6.18
N LYS A 62 9.74 0.35 6.64
CA LYS A 62 10.98 -0.40 6.42
C LYS A 62 10.98 -1.71 7.17
N LYS A 63 10.40 -1.71 8.37
CA LYS A 63 10.31 -2.92 9.18
C LYS A 63 9.49 -3.97 8.44
N ALA A 64 8.40 -3.51 7.82
CA ALA A 64 7.52 -4.38 7.06
C ALA A 64 8.18 -4.82 5.76
N THR A 65 8.93 -3.92 5.15
CA THR A 65 9.62 -4.21 3.90
C THR A 65 10.61 -5.36 4.09
N LYS A 66 11.38 -5.30 5.15
CA LYS A 66 12.36 -6.35 5.44
C LYS A 66 11.66 -7.66 5.77
N GLN A 67 10.64 -7.59 6.60
CA GLN A 67 9.88 -8.76 6.99
C GLN A 67 9.24 -9.42 5.79
N TYR A 68 8.53 -8.64 4.98
CA TYR A 68 7.87 -9.15 3.80
C TYR A 68 8.88 -9.76 2.81
N HIS A 69 10.01 -9.08 2.64
CA HIS A 69 11.01 -9.53 1.69
C HIS A 69 11.67 -10.84 2.09
N ILE A 70 11.73 -11.11 3.38
CA ILE A 70 12.33 -12.34 3.84
C ILE A 70 11.31 -13.47 3.95
N GLN A 71 10.09 -13.12 4.38
CA GLN A 71 9.06 -14.13 4.61
C GLN A 71 8.17 -14.44 3.40
N THR A 72 7.53 -13.41 2.84
CA THR A 72 6.60 -13.62 1.72
C THR A 72 7.26 -13.50 0.36
N LYS A 73 8.39 -12.80 0.30
CA LYS A 73 9.09 -12.61 -0.96
C LYS A 73 9.78 -13.89 -1.42
N LYS A 74 9.15 -14.58 -2.35
CA LYS A 74 9.68 -15.82 -2.90
C LYS A 74 10.50 -15.50 -4.15
N GLN A 75 10.99 -16.54 -4.82
CA GLN A 75 11.78 -16.37 -6.04
C GLN A 75 10.85 -16.05 -7.22
N GLU A 76 10.07 -15.01 -7.05
CA GLU A 76 9.11 -14.57 -8.06
C GLU A 76 9.83 -13.92 -9.25
N LYS A 77 9.11 -13.85 -10.36
CA LYS A 77 9.61 -13.25 -11.58
C LYS A 77 8.72 -12.08 -11.96
N ALA A 78 7.47 -12.17 -11.55
CA ALA A 78 6.49 -11.13 -11.82
C ALA A 78 6.25 -10.29 -10.57
N PRO A 79 6.67 -9.00 -10.60
CA PRO A 79 6.50 -8.10 -9.46
C PRO A 79 5.09 -7.53 -9.35
N HIS A 80 4.14 -8.23 -9.98
CA HIS A 80 2.72 -7.85 -9.97
C HIS A 80 2.46 -6.57 -10.77
N GLU A 81 3.09 -5.48 -10.37
CA GLU A 81 2.94 -4.20 -11.03
C GLU A 81 3.61 -4.23 -12.41
N LYS A 82 3.05 -3.50 -13.35
CA LYS A 82 3.59 -3.44 -14.70
C LYS A 82 4.77 -2.47 -14.78
N ILE A 83 5.85 -2.83 -14.12
CA ILE A 83 7.05 -2.01 -14.11
C ILE A 83 8.11 -2.61 -15.02
N VAL A 84 9.31 -2.05 -14.99
CA VAL A 84 10.40 -2.54 -15.82
C VAL A 84 11.64 -2.78 -14.97
N SER A 85 12.55 -3.61 -15.46
CA SER A 85 13.78 -3.92 -14.75
C SER A 85 14.70 -2.70 -14.69
N TYR A 86 14.74 -2.06 -13.54
CA TYR A 86 15.59 -0.90 -13.33
C TYR A 86 17.04 -1.33 -13.10
N GLU A 87 17.97 -0.59 -13.69
CA GLU A 87 19.39 -0.87 -13.53
C GLU A 87 19.86 -0.50 -12.12
N ASN A 88 20.76 -1.29 -11.57
CA ASN A 88 21.29 -1.04 -10.23
C ASN A 88 22.66 -1.67 -10.07
N GLY A 89 23.68 -0.84 -9.92
CA GLY A 89 25.02 -1.33 -9.73
C GLY A 89 25.27 -1.76 -8.30
N ASP A 90 24.56 -2.79 -7.87
CA ASP A 90 24.67 -3.31 -6.52
C ASP A 90 25.89 -4.23 -6.39
N ASN A 91 26.08 -4.76 -5.19
CA ASN A 91 27.18 -5.66 -4.92
C ASN A 91 26.68 -7.08 -4.67
N VAL A 92 27.27 -8.03 -5.38
CA VAL A 92 26.88 -9.43 -5.24
C VAL A 92 27.46 -10.02 -3.96
N ASN A 93 26.95 -9.57 -2.83
CA ASN A 93 27.41 -10.05 -1.54
C ASN A 93 26.23 -10.52 -0.71
N LEU A 94 26.45 -11.51 0.13
CA LEU A 94 25.40 -12.05 0.98
C LEU A 94 25.13 -11.12 2.15
N SER A 95 24.60 -9.94 1.86
CA SER A 95 24.29 -8.95 2.88
C SER A 95 22.82 -9.07 3.31
N GLU A 96 22.30 -10.29 3.25
CA GLU A 96 20.92 -10.53 3.62
C GLU A 96 20.81 -11.86 4.37
N ALA A 97 19.86 -11.92 5.30
CA ALA A 97 19.65 -13.12 6.09
C ALA A 97 18.85 -14.16 5.32
N ILE A 98 19.51 -14.82 4.37
CA ILE A 98 18.86 -15.83 3.55
C ILE A 98 18.85 -17.17 4.28
N ASN A 99 19.42 -17.16 5.47
CA ASN A 99 19.49 -18.36 6.30
C ASN A 99 18.13 -18.66 6.91
N VAL A 100 17.29 -17.64 6.96
CA VAL A 100 15.96 -17.76 7.52
C VAL A 100 14.94 -17.14 6.58
N GLN A 101 13.75 -17.69 6.54
CA GLN A 101 12.70 -17.18 5.68
C GLN A 101 11.44 -16.89 6.49
N LEU A 102 10.69 -17.95 6.81
CA LEU A 102 9.48 -17.81 7.59
C LEU A 102 9.80 -17.69 9.08
N THR A 103 10.36 -16.54 9.45
CA THR A 103 10.73 -16.27 10.82
C THR A 103 9.50 -15.86 11.65
N LEU A 104 8.66 -16.84 11.93
CA LEU A 104 7.45 -16.61 12.71
C LEU A 104 7.71 -16.95 14.16
N ASP A 105 8.05 -15.93 14.95
CA ASP A 105 8.34 -16.11 16.36
C ASP A 105 7.13 -15.77 17.24
N THR A 106 6.90 -14.48 17.44
CA THR A 106 5.80 -14.01 18.29
C THR A 106 4.43 -14.20 17.65
N LYS A 107 4.40 -14.48 16.36
CA LYS A 107 3.14 -14.68 15.66
C LYS A 107 3.34 -15.50 14.39
N LEU A 108 2.40 -16.38 14.12
CA LEU A 108 2.46 -17.20 12.92
C LEU A 108 1.40 -16.75 11.90
N PRO A 109 0.09 -16.92 12.18
CA PRO A 109 -0.96 -16.50 11.25
C PRO A 109 -1.41 -15.07 11.52
N GLU A 110 -2.62 -14.76 11.09
CA GLU A 110 -3.17 -13.43 11.27
C GLU A 110 -4.69 -13.49 11.16
N ALA A 111 -5.35 -12.35 11.30
CA ALA A 111 -6.80 -12.29 11.20
C ALA A 111 -7.23 -12.41 9.75
N LYS A 112 -7.74 -13.58 9.39
CA LYS A 112 -8.18 -13.83 8.03
C LYS A 112 -9.65 -14.22 8.00
N GLU A 113 -10.34 -13.78 6.95
CA GLU A 113 -11.76 -14.08 6.74
C GLU A 113 -12.67 -13.27 7.66
N LEU A 114 -13.92 -13.13 7.25
CA LEU A 114 -14.90 -12.41 8.02
C LEU A 114 -15.42 -13.27 9.15
N HIS A 115 -14.86 -13.08 10.34
CA HIS A 115 -15.24 -13.85 11.51
C HIS A 115 -16.68 -13.53 11.94
N HIS A 116 -17.65 -14.13 11.26
CA HIS A 116 -19.04 -13.94 11.60
C HIS A 116 -19.54 -15.14 12.39
N HIS A 117 -19.34 -16.34 11.82
CA HIS A 117 -19.73 -17.59 12.47
C HIS A 117 -19.43 -18.78 11.56
N HIS A 118 -18.17 -18.92 11.18
CA HIS A 118 -17.75 -20.02 10.32
C HIS A 118 -17.50 -21.27 11.16
N HIS A 119 -17.55 -21.10 12.47
CA HIS A 119 -17.34 -22.20 13.42
C HIS A 119 -17.61 -21.71 14.83
N HIS A 120 -17.19 -20.49 15.10
CA HIS A 120 -17.39 -19.86 16.40
C HIS A 120 -17.44 -18.35 16.21
N MET A 1 0.59 8.02 -7.19
CA MET A 1 -0.14 6.82 -6.71
C MET A 1 -0.18 6.83 -5.18
N GLN A 2 -1.24 6.29 -4.60
CA GLN A 2 -1.35 6.24 -3.16
C GLN A 2 -1.93 4.90 -2.72
N ILE A 3 -1.60 4.51 -1.49
CA ILE A 3 -2.09 3.26 -0.94
C ILE A 3 -2.56 3.49 0.49
N TYR A 4 -3.82 3.15 0.76
CA TYR A 4 -4.38 3.33 2.09
C TYR A 4 -4.32 2.02 2.88
N THR A 5 -3.74 2.09 4.07
CA THR A 5 -3.59 0.93 4.94
C THR A 5 -4.16 1.20 6.33
N SER A 6 -4.67 0.16 6.98
CA SER A 6 -5.23 0.31 8.32
C SER A 6 -5.05 -0.98 9.12
N GLU A 7 -3.91 -1.10 9.79
CA GLU A 7 -3.62 -2.28 10.61
C GLU A 7 -4.51 -2.31 11.84
N LYS A 8 -5.17 -1.18 12.11
CA LYS A 8 -6.07 -1.08 13.26
C LYS A 8 -7.37 -1.81 12.99
N ARG A 9 -7.67 -2.02 11.71
CA ARG A 9 -8.88 -2.71 11.32
C ARG A 9 -8.60 -4.14 10.95
N GLY A 10 -7.47 -4.38 10.29
CA GLY A 10 -7.10 -5.72 9.89
C GLY A 10 -8.01 -6.28 8.81
N SER A 11 -8.45 -5.43 7.89
CA SER A 11 -9.32 -5.86 6.82
C SER A 11 -8.55 -6.64 5.76
N ASP A 12 -8.67 -7.95 5.80
CA ASP A 12 -7.99 -8.82 4.85
C ASP A 12 -8.76 -8.92 3.54
N THR A 13 -10.03 -9.25 3.65
CA THR A 13 -10.90 -9.40 2.48
C THR A 13 -11.52 -8.06 2.07
N ALA A 14 -11.12 -7.00 2.75
CA ALA A 14 -11.62 -5.66 2.45
C ALA A 14 -10.46 -4.71 2.22
N GLY A 15 -9.27 -5.27 2.17
CA GLY A 15 -8.08 -4.48 1.98
C GLY A 15 -7.54 -4.56 0.57
N ASN A 16 -7.77 -3.52 -0.20
CA ASN A 16 -7.24 -3.47 -1.55
C ASN A 16 -6.05 -2.55 -1.60
N GLY A 17 -6.03 -1.57 -0.69
CA GLY A 17 -4.94 -0.63 -0.63
C GLY A 17 -5.33 0.73 -1.17
N THR A 18 -6.61 1.03 -1.15
CA THR A 18 -7.09 2.31 -1.64
C THR A 18 -7.96 2.99 -0.59
N GLU A 19 -8.39 4.21 -0.88
CA GLU A 19 -9.20 4.99 0.04
C GLU A 19 -10.47 4.24 0.48
N GLU A 20 -11.12 3.57 -0.46
CA GLU A 20 -12.35 2.84 -0.14
C GLU A 20 -12.08 1.41 0.32
N ALA A 21 -10.81 1.02 0.37
CA ALA A 21 -10.46 -0.34 0.80
C ALA A 21 -9.16 -0.34 1.60
N PRO A 22 -9.29 -0.27 2.93
CA PRO A 22 -8.14 -0.23 3.84
C PRO A 22 -7.47 -1.59 4.00
N LEU A 23 -6.19 -1.66 3.62
CA LEU A 23 -5.43 -2.91 3.73
C LEU A 23 -5.30 -3.35 5.18
N LYS A 24 -5.14 -4.65 5.38
CA LYS A 24 -5.02 -5.25 6.70
C LYS A 24 -3.79 -4.74 7.43
N THR A 25 -2.71 -4.52 6.69
CA THR A 25 -1.48 -4.03 7.27
C THR A 25 -0.68 -3.29 6.21
N VAL A 26 0.27 -2.46 6.66
CA VAL A 26 1.14 -1.71 5.74
C VAL A 26 1.97 -2.69 4.92
N LEU A 27 2.13 -3.89 5.46
CA LEU A 27 2.89 -4.95 4.82
C LEU A 27 2.28 -5.28 3.45
N GLN A 28 0.95 -5.31 3.42
CA GLN A 28 0.22 -5.64 2.21
C GLN A 28 0.36 -4.55 1.14
N ALA A 29 0.78 -3.38 1.56
CA ALA A 29 0.97 -2.29 0.63
C ALA A 29 2.24 -2.51 -0.16
N ILE A 30 3.24 -3.08 0.51
CA ILE A 30 4.53 -3.33 -0.11
C ILE A 30 4.52 -4.61 -0.95
N VAL A 31 3.71 -5.58 -0.55
CA VAL A 31 3.62 -6.84 -1.28
C VAL A 31 3.06 -6.62 -2.69
N LYS A 32 2.16 -5.65 -2.80
CA LYS A 32 1.56 -5.33 -4.10
C LYS A 32 2.48 -4.42 -4.91
N LEU A 33 3.50 -3.91 -4.25
CA LEU A 33 4.46 -3.03 -4.89
C LEU A 33 5.70 -3.81 -5.33
N ASP A 34 5.61 -5.14 -5.23
CA ASP A 34 6.70 -6.04 -5.63
C ASP A 34 7.92 -5.85 -4.72
N GLY A 35 7.67 -5.24 -3.56
CA GLY A 35 8.75 -5.00 -2.61
C GLY A 35 9.55 -3.76 -2.93
N LYS A 36 9.04 -2.94 -3.84
CA LYS A 36 9.72 -1.72 -4.23
C LYS A 36 8.81 -0.52 -4.04
N ILE A 37 9.27 0.45 -3.27
CA ILE A 37 8.48 1.65 -3.03
C ILE A 37 8.76 2.68 -4.12
N GLU A 38 7.77 2.86 -4.99
CA GLU A 38 7.87 3.81 -6.08
C GLU A 38 7.85 5.23 -5.54
N ALA A 39 8.58 6.13 -6.20
CA ALA A 39 8.66 7.53 -5.78
C ALA A 39 7.29 8.21 -5.87
N ASP A 40 6.46 7.71 -6.76
CA ASP A 40 5.11 8.25 -6.95
C ASP A 40 4.12 7.57 -6.00
N THR A 41 4.56 6.51 -5.36
CA THR A 41 3.70 5.77 -4.45
C THR A 41 3.76 6.31 -3.02
N ARG A 42 2.63 6.81 -2.54
CA ARG A 42 2.54 7.34 -1.20
C ARG A 42 1.59 6.49 -0.37
N ILE A 43 2.13 5.87 0.68
CA ILE A 43 1.33 5.02 1.54
C ILE A 43 0.76 5.83 2.71
N TRP A 44 -0.54 5.76 2.88
CA TRP A 44 -1.22 6.47 3.95
C TRP A 44 -1.83 5.47 4.93
N VAL A 45 -1.98 5.88 6.17
CA VAL A 45 -2.56 5.02 7.19
C VAL A 45 -3.94 5.54 7.58
N ASP A 46 -4.53 4.94 8.61
CA ASP A 46 -5.87 5.31 9.10
C ASP A 46 -5.93 6.75 9.61
N GLY A 47 -4.78 7.36 9.81
CA GLY A 47 -4.75 8.74 10.29
C GLY A 47 -5.33 8.85 11.68
N THR A 48 -4.72 8.17 12.63
CA THR A 48 -5.16 8.20 14.02
C THR A 48 -4.85 9.55 14.68
N GLY A 49 -5.50 10.60 14.19
CA GLY A 49 -5.28 11.92 14.72
C GLY A 49 -6.36 12.90 14.32
N ASP A 50 -5.96 13.94 13.59
CA ASP A 50 -6.88 14.98 13.13
C ASP A 50 -7.24 14.81 11.67
N GLU A 51 -6.24 14.53 10.87
CA GLU A 51 -6.40 14.39 9.43
C GLU A 51 -7.03 13.07 9.04
N MET A 52 -7.59 13.05 7.82
CA MET A 52 -8.25 11.88 7.27
C MET A 52 -7.21 10.82 6.91
N TRP A 53 -6.09 11.28 6.39
CA TRP A 53 -5.02 10.38 5.97
C TRP A 53 -3.69 10.83 6.56
N ASP A 54 -2.96 9.88 7.12
CA ASP A 54 -1.65 10.17 7.70
C ASP A 54 -0.57 9.49 6.88
N VAL A 55 0.62 10.05 6.90
CA VAL A 55 1.73 9.52 6.14
C VAL A 55 2.43 8.38 6.87
N VAL A 56 2.69 7.29 6.16
CA VAL A 56 3.35 6.13 6.74
C VAL A 56 4.72 6.51 7.31
N SER A 57 4.97 6.05 8.52
CA SER A 57 6.22 6.30 9.21
C SER A 57 7.37 5.63 8.47
N LYS A 58 8.49 6.34 8.37
CA LYS A 58 9.65 5.83 7.65
C LYS A 58 10.23 4.59 8.35
N SER A 59 10.16 4.57 9.67
CA SER A 59 10.65 3.43 10.43
C SER A 59 9.72 2.23 10.23
N LYS A 60 8.44 2.53 10.08
CA LYS A 60 7.42 1.52 9.86
C LYS A 60 7.55 0.92 8.47
N LEU A 61 7.81 1.79 7.50
CA LEU A 61 7.98 1.39 6.12
C LEU A 61 9.22 0.50 5.96
N LYS A 62 10.31 0.91 6.59
CA LYS A 62 11.56 0.16 6.51
C LYS A 62 11.41 -1.20 7.18
N LYS A 63 10.61 -1.25 8.23
CA LYS A 63 10.37 -2.49 8.95
C LYS A 63 9.53 -3.44 8.08
N ALA A 64 8.49 -2.89 7.46
CA ALA A 64 7.61 -3.68 6.60
C ALA A 64 8.34 -4.17 5.37
N THR A 65 9.27 -3.37 4.86
CA THR A 65 10.05 -3.76 3.69
C THR A 65 10.81 -5.07 3.95
N LYS A 66 11.22 -5.25 5.20
CA LYS A 66 11.94 -6.45 5.58
C LYS A 66 10.96 -7.60 5.79
N GLN A 67 9.86 -7.31 6.49
CA GLN A 67 8.83 -8.32 6.78
C GLN A 67 8.17 -8.81 5.50
N TYR A 68 8.17 -7.96 4.46
CA TYR A 68 7.57 -8.31 3.18
C TYR A 68 8.13 -9.62 2.64
N HIS A 69 9.42 -9.84 2.86
CA HIS A 69 10.09 -11.05 2.39
C HIS A 69 9.57 -12.28 3.13
N ILE A 70 9.00 -12.05 4.30
CA ILE A 70 8.45 -13.11 5.12
C ILE A 70 7.01 -13.38 4.72
N GLN A 71 6.29 -12.31 4.37
CA GLN A 71 4.89 -12.41 3.97
C GLN A 71 4.75 -13.23 2.70
N THR A 72 5.70 -13.08 1.79
CA THR A 72 5.69 -13.84 0.53
C THR A 72 5.82 -15.33 0.83
N LYS A 73 6.36 -15.64 2.01
CA LYS A 73 6.55 -17.02 2.43
C LYS A 73 5.33 -17.50 3.20
N LYS A 74 4.30 -16.67 3.22
CA LYS A 74 3.05 -17.01 3.91
C LYS A 74 1.94 -17.23 2.89
N GLN A 75 2.32 -17.21 1.61
CA GLN A 75 1.39 -17.40 0.49
C GLN A 75 0.47 -16.19 0.33
N GLU A 76 -0.54 -16.11 1.22
CA GLU A 76 -1.54 -15.03 1.25
C GLU A 76 -1.68 -14.27 -0.08
N LYS A 77 -1.45 -12.95 -0.04
CA LYS A 77 -1.55 -12.10 -1.24
C LYS A 77 -2.95 -12.20 -1.85
N ALA A 78 -3.88 -11.43 -1.32
CA ALA A 78 -5.25 -11.41 -1.80
C ALA A 78 -5.29 -10.91 -3.24
N PRO A 79 -5.88 -11.70 -4.15
CA PRO A 79 -5.98 -11.34 -5.57
C PRO A 79 -6.92 -10.16 -5.78
N HIS A 80 -8.05 -10.17 -5.09
CA HIS A 80 -9.03 -9.10 -5.20
C HIS A 80 -10.08 -9.25 -4.11
N GLU A 81 -10.59 -8.13 -3.64
CA GLU A 81 -11.62 -8.11 -2.61
C GLU A 81 -13.00 -8.04 -3.27
N LYS A 82 -13.96 -7.42 -2.60
CA LYS A 82 -15.30 -7.29 -3.15
C LYS A 82 -15.86 -5.89 -2.90
N ILE A 83 -15.01 -4.89 -3.07
CA ILE A 83 -15.41 -3.51 -2.86
C ILE A 83 -15.37 -2.73 -4.16
N VAL A 84 -16.52 -2.17 -4.55
CA VAL A 84 -16.61 -1.39 -5.77
C VAL A 84 -16.46 0.09 -5.44
N SER A 85 -17.14 0.52 -4.38
CA SER A 85 -17.09 1.90 -3.93
C SER A 85 -17.46 1.97 -2.46
N TYR A 86 -16.64 2.63 -1.66
CA TYR A 86 -16.89 2.76 -0.22
C TYR A 86 -16.41 4.11 0.30
N GLU A 87 -16.19 5.05 -0.60
CA GLU A 87 -15.72 6.38 -0.21
C GLU A 87 -16.90 7.27 0.18
N ASN A 88 -16.66 8.16 1.11
CA ASN A 88 -17.69 9.08 1.61
C ASN A 88 -17.28 10.53 1.35
N GLY A 89 -15.98 10.76 1.23
CA GLY A 89 -15.49 12.09 0.99
C GLY A 89 -14.97 12.27 -0.42
N ASP A 90 -15.60 13.14 -1.17
CA ASP A 90 -15.19 13.39 -2.55
C ASP A 90 -14.31 14.63 -2.64
N ASN A 91 -13.37 14.60 -3.59
CA ASN A 91 -12.45 15.71 -3.87
C ASN A 91 -11.45 15.97 -2.73
N VAL A 92 -11.61 15.28 -1.60
CA VAL A 92 -10.71 15.48 -0.46
C VAL A 92 -9.39 14.74 -0.68
N ASN A 93 -8.69 15.14 -1.73
CA ASN A 93 -7.42 14.54 -2.07
C ASN A 93 -6.59 15.50 -2.91
N LEU A 94 -7.26 16.16 -3.86
CA LEU A 94 -6.61 17.10 -4.76
C LEU A 94 -6.38 18.45 -4.08
N SER A 95 -5.62 18.44 -3.00
CA SER A 95 -5.32 19.67 -2.27
C SER A 95 -3.88 19.65 -1.75
N GLU A 96 -3.07 18.77 -2.34
CA GLU A 96 -1.67 18.64 -1.93
C GLU A 96 -0.75 19.34 -2.93
N ALA A 97 -0.58 18.71 -4.09
CA ALA A 97 0.29 19.25 -5.14
C ALA A 97 -0.40 20.41 -5.87
N ILE A 98 -0.54 21.53 -5.19
CA ILE A 98 -1.18 22.70 -5.78
C ILE A 98 -0.12 23.75 -6.11
N ASN A 99 1.09 23.53 -5.61
CA ASN A 99 2.19 24.44 -5.86
C ASN A 99 3.50 23.80 -5.39
N VAL A 100 4.59 24.56 -5.49
CA VAL A 100 5.90 24.06 -5.11
C VAL A 100 6.34 24.67 -3.79
N GLN A 101 5.66 24.28 -2.72
CA GLN A 101 5.96 24.78 -1.38
C GLN A 101 7.37 24.39 -0.95
N LEU A 102 7.78 23.19 -1.31
CA LEU A 102 9.09 22.68 -0.96
C LEU A 102 10.10 23.00 -2.04
N THR A 103 10.22 24.28 -2.37
CA THR A 103 11.15 24.73 -3.39
C THR A 103 12.59 24.61 -2.92
N LEU A 104 12.78 24.56 -1.61
CA LEU A 104 14.11 24.44 -1.03
C LEU A 104 14.60 23.00 -1.09
N ASP A 105 13.67 22.06 -1.26
CA ASP A 105 14.03 20.65 -1.33
C ASP A 105 14.06 20.21 -2.78
N THR A 106 14.77 19.10 -3.04
CA THR A 106 14.92 18.56 -4.39
C THR A 106 15.79 19.47 -5.26
N LYS A 107 15.31 20.70 -5.48
CA LYS A 107 15.98 21.71 -6.30
C LYS A 107 15.97 21.34 -7.78
N LEU A 108 16.55 20.20 -8.12
CA LEU A 108 16.59 19.75 -9.50
C LEU A 108 15.90 18.41 -9.64
N PRO A 109 14.64 18.40 -10.09
CA PRO A 109 13.88 17.17 -10.29
C PRO A 109 14.38 16.39 -11.50
N GLU A 110 14.40 15.07 -11.38
CA GLU A 110 14.85 14.20 -12.46
C GLU A 110 16.32 14.46 -12.79
N ALA A 111 17.10 14.74 -11.75
CA ALA A 111 18.52 15.01 -11.90
C ALA A 111 19.31 14.24 -10.85
N LYS A 112 20.63 14.45 -10.84
CA LYS A 112 21.51 13.78 -9.89
C LYS A 112 21.32 12.25 -9.96
N GLU A 113 21.32 11.58 -8.82
CA GLU A 113 21.17 10.13 -8.77
C GLU A 113 19.69 9.77 -8.64
N LEU A 114 18.88 10.75 -8.27
CA LEU A 114 17.45 10.55 -8.09
C LEU A 114 16.70 10.66 -9.41
N HIS A 115 17.44 10.56 -10.52
CA HIS A 115 16.85 10.65 -11.86
C HIS A 115 16.17 9.32 -12.23
N HIS A 116 15.02 9.08 -11.64
CA HIS A 116 14.27 7.86 -11.91
C HIS A 116 12.80 8.07 -11.63
N HIS A 117 12.02 8.22 -12.68
CA HIS A 117 10.58 8.43 -12.55
C HIS A 117 9.86 7.11 -12.29
N HIS A 118 10.62 6.03 -12.18
CA HIS A 118 10.06 4.72 -11.92
C HIS A 118 11.15 3.72 -11.56
N HIS A 119 10.82 2.80 -10.69
CA HIS A 119 11.74 1.76 -10.25
C HIS A 119 11.02 0.43 -10.15
N HIS A 120 11.76 -0.67 -10.25
CA HIS A 120 11.20 -2.00 -10.15
C HIS A 120 12.29 -2.97 -9.70
N MET A 1 1.62 5.50 -6.83
CA MET A 1 0.19 5.79 -6.54
C MET A 1 -0.06 5.76 -5.03
N GLN A 2 -1.27 6.12 -4.63
CA GLN A 2 -1.65 6.14 -3.23
C GLN A 2 -2.09 4.76 -2.76
N ILE A 3 -1.67 4.38 -1.57
CA ILE A 3 -2.05 3.11 -0.98
C ILE A 3 -2.58 3.36 0.42
N TYR A 4 -3.84 3.06 0.64
CA TYR A 4 -4.44 3.29 1.96
C TYR A 4 -4.55 2.00 2.75
N THR A 5 -4.19 2.09 4.02
CA THR A 5 -4.23 0.94 4.91
C THR A 5 -4.91 1.31 6.23
N SER A 6 -5.45 0.31 6.90
CA SER A 6 -6.10 0.50 8.18
C SER A 6 -5.71 -0.64 9.10
N GLU A 7 -4.62 -0.45 9.82
CA GLU A 7 -4.09 -1.47 10.72
C GLU A 7 -4.95 -1.61 11.97
N LYS A 8 -5.62 -0.54 12.35
CA LYS A 8 -6.47 -0.55 13.55
C LYS A 8 -7.81 -1.21 13.21
N ARG A 9 -8.20 -1.13 11.95
CA ARG A 9 -9.45 -1.74 11.51
C ARG A 9 -9.18 -3.17 11.07
N GLY A 10 -8.05 -3.36 10.40
CA GLY A 10 -7.67 -4.68 9.94
C GLY A 10 -8.62 -5.25 8.90
N SER A 11 -8.84 -4.51 7.83
CA SER A 11 -9.73 -4.97 6.77
C SER A 11 -9.03 -5.98 5.86
N ASP A 12 -9.35 -7.26 6.07
CA ASP A 12 -8.76 -8.33 5.25
C ASP A 12 -9.54 -8.50 3.94
N THR A 13 -10.85 -8.65 4.06
CA THR A 13 -11.71 -8.84 2.91
C THR A 13 -12.16 -7.50 2.32
N ALA A 14 -11.65 -6.43 2.90
CA ALA A 14 -11.96 -5.08 2.46
C ALA A 14 -10.68 -4.31 2.20
N GLY A 15 -9.60 -5.05 2.06
CA GLY A 15 -8.31 -4.44 1.84
C GLY A 15 -7.89 -4.51 0.40
N ASN A 16 -8.02 -3.41 -0.30
CA ASN A 16 -7.63 -3.34 -1.70
C ASN A 16 -6.49 -2.34 -1.87
N GLY A 17 -6.38 -1.42 -0.93
CA GLY A 17 -5.35 -0.41 -0.97
C GLY A 17 -5.91 0.94 -1.36
N THR A 18 -7.22 1.00 -1.49
CA THR A 18 -7.91 2.21 -1.86
C THR A 18 -8.48 2.89 -0.62
N GLU A 19 -9.20 4.00 -0.79
CA GLU A 19 -9.78 4.71 0.34
C GLU A 19 -11.06 4.03 0.79
N GLU A 20 -11.81 3.52 -0.17
CA GLU A 20 -13.06 2.82 0.11
C GLU A 20 -12.76 1.38 0.55
N ALA A 21 -11.55 0.92 0.22
CA ALA A 21 -11.12 -0.42 0.57
C ALA A 21 -9.67 -0.39 1.04
N PRO A 22 -9.46 -0.09 2.33
CA PRO A 22 -8.12 0.02 2.91
C PRO A 22 -7.57 -1.34 3.36
N LEU A 23 -6.30 -1.57 3.05
CA LEU A 23 -5.64 -2.83 3.40
C LEU A 23 -5.52 -3.00 4.92
N LYS A 24 -5.28 -4.23 5.35
CA LYS A 24 -5.18 -4.53 6.78
C LYS A 24 -3.88 -4.00 7.39
N THR A 25 -2.77 -4.10 6.65
CA THR A 25 -1.50 -3.64 7.17
C THR A 25 -0.60 -3.10 6.05
N VAL A 26 0.41 -2.33 6.43
CA VAL A 26 1.36 -1.75 5.48
C VAL A 26 2.06 -2.85 4.68
N LEU A 27 2.16 -4.04 5.26
CA LEU A 27 2.79 -5.18 4.61
C LEU A 27 2.08 -5.48 3.29
N GLN A 28 0.75 -5.40 3.33
CA GLN A 28 -0.08 -5.66 2.14
C GLN A 28 0.12 -4.59 1.07
N ALA A 29 0.69 -3.46 1.46
CA ALA A 29 0.93 -2.39 0.51
C ALA A 29 2.19 -2.67 -0.29
N ILE A 30 3.13 -3.38 0.34
CA ILE A 30 4.39 -3.70 -0.29
C ILE A 30 4.29 -4.97 -1.13
N VAL A 31 3.43 -5.89 -0.72
CA VAL A 31 3.23 -7.14 -1.46
C VAL A 31 2.73 -6.86 -2.87
N LYS A 32 1.89 -5.84 -2.99
CA LYS A 32 1.31 -5.45 -4.27
C LYS A 32 2.32 -4.67 -5.12
N LEU A 33 3.46 -4.34 -4.51
CA LEU A 33 4.50 -3.58 -5.20
C LEU A 33 5.67 -4.48 -5.59
N ASP A 34 5.54 -5.78 -5.33
CA ASP A 34 6.60 -6.76 -5.64
C ASP A 34 7.86 -6.47 -4.81
N GLY A 35 7.69 -5.67 -3.77
CA GLY A 35 8.79 -5.32 -2.91
C GLY A 35 9.59 -4.14 -3.42
N LYS A 36 8.97 -3.33 -4.28
CA LYS A 36 9.64 -2.17 -4.84
C LYS A 36 8.88 -0.88 -4.49
N ILE A 37 9.56 0.02 -3.79
CA ILE A 37 8.95 1.29 -3.41
C ILE A 37 9.50 2.40 -4.32
N GLU A 38 8.61 3.12 -4.98
CA GLU A 38 9.02 4.19 -5.88
C GLU A 38 8.67 5.56 -5.32
N ALA A 39 8.94 6.60 -6.10
CA ALA A 39 8.70 7.98 -5.69
C ALA A 39 7.21 8.29 -5.54
N ASP A 40 6.39 7.79 -6.46
CA ASP A 40 4.96 8.05 -6.40
C ASP A 40 4.26 7.12 -5.41
N THR A 41 5.02 6.25 -4.76
CA THR A 41 4.44 5.35 -3.78
C THR A 41 4.19 6.09 -2.47
N ARG A 42 2.92 6.23 -2.11
CA ARG A 42 2.55 6.91 -0.88
C ARG A 42 1.57 6.06 -0.11
N ILE A 43 2.01 5.51 1.00
CA ILE A 43 1.17 4.66 1.83
C ILE A 43 0.61 5.46 3.00
N TRP A 44 -0.70 5.40 3.16
CA TRP A 44 -1.38 6.10 4.22
C TRP A 44 -2.05 5.10 5.15
N VAL A 45 -2.06 5.39 6.43
CA VAL A 45 -2.67 4.51 7.41
C VAL A 45 -3.98 5.09 7.94
N ASP A 46 -4.53 4.43 8.96
CA ASP A 46 -5.79 4.80 9.61
C ASP A 46 -5.96 6.31 9.80
N GLY A 47 -4.94 6.96 10.35
CA GLY A 47 -5.02 8.40 10.56
C GLY A 47 -4.40 8.81 11.88
N THR A 48 -3.86 10.02 11.92
CA THR A 48 -3.23 10.55 13.12
C THR A 48 -4.26 11.23 14.03
N GLY A 49 -5.49 11.32 13.57
CA GLY A 49 -6.54 11.93 14.35
C GLY A 49 -6.97 13.27 13.77
N ASP A 50 -6.00 14.12 13.48
CA ASP A 50 -6.28 15.44 12.90
C ASP A 50 -6.79 15.29 11.48
N GLU A 51 -6.12 14.42 10.75
CA GLU A 51 -6.46 14.17 9.37
C GLU A 51 -7.17 12.83 9.20
N MET A 52 -7.80 12.67 8.04
CA MET A 52 -8.53 11.45 7.72
C MET A 52 -7.56 10.29 7.51
N TRP A 53 -6.39 10.61 6.98
CA TRP A 53 -5.37 9.60 6.71
C TRP A 53 -4.02 10.06 7.24
N ASP A 54 -3.20 9.11 7.65
CA ASP A 54 -1.88 9.41 8.18
C ASP A 54 -0.80 8.84 7.27
N VAL A 55 0.39 9.39 7.33
CA VAL A 55 1.49 8.94 6.50
C VAL A 55 2.20 7.75 7.17
N VAL A 56 2.53 6.74 6.38
CA VAL A 56 3.21 5.56 6.90
C VAL A 56 4.55 5.96 7.52
N SER A 57 4.79 5.47 8.71
CA SER A 57 6.02 5.76 9.42
C SER A 57 7.21 5.15 8.68
N LYS A 58 8.28 5.94 8.56
CA LYS A 58 9.47 5.50 7.85
C LYS A 58 10.15 4.35 8.58
N SER A 59 10.09 4.39 9.90
CA SER A 59 10.70 3.36 10.74
C SER A 59 9.94 2.04 10.58
N LYS A 60 8.66 2.14 10.23
CA LYS A 60 7.83 0.96 10.04
C LYS A 60 7.94 0.46 8.61
N LEU A 61 7.97 1.38 7.66
CA LEU A 61 8.08 1.04 6.24
C LEU A 61 9.36 0.25 5.96
N LYS A 62 10.48 0.74 6.50
CA LYS A 62 11.77 0.09 6.29
C LYS A 62 11.77 -1.33 6.88
N LYS A 63 11.07 -1.50 7.99
CA LYS A 63 10.98 -2.81 8.63
C LYS A 63 10.07 -3.73 7.83
N ALA A 64 8.93 -3.20 7.42
CA ALA A 64 7.96 -3.95 6.65
C ALA A 64 8.57 -4.44 5.34
N THR A 65 9.45 -3.63 4.76
CA THR A 65 10.11 -4.00 3.51
C THR A 65 10.94 -5.27 3.71
N LYS A 66 11.56 -5.38 4.89
CA LYS A 66 12.37 -6.54 5.22
C LYS A 66 11.49 -7.72 5.60
N GLN A 67 10.53 -7.46 6.48
CA GLN A 67 9.60 -8.48 6.94
C GLN A 67 8.81 -9.07 5.78
N TYR A 68 8.52 -8.25 4.79
CA TYR A 68 7.78 -8.68 3.61
C TYR A 68 8.47 -9.83 2.90
N HIS A 69 9.79 -9.74 2.77
CA HIS A 69 10.55 -10.78 2.08
C HIS A 69 10.64 -12.06 2.90
N ILE A 70 10.44 -11.93 4.20
CA ILE A 70 10.50 -13.07 5.08
C ILE A 70 9.15 -13.78 5.17
N GLN A 71 8.08 -13.00 5.20
CA GLN A 71 6.74 -13.57 5.32
C GLN A 71 6.12 -13.92 3.97
N THR A 72 6.00 -12.92 3.10
CA THR A 72 5.39 -13.13 1.79
C THR A 72 6.42 -13.48 0.72
N LYS A 73 7.50 -12.70 0.69
CA LYS A 73 8.58 -12.86 -0.29
C LYS A 73 8.12 -12.43 -1.67
N LYS A 74 7.25 -13.22 -2.25
CA LYS A 74 6.69 -12.95 -3.57
C LYS A 74 5.63 -13.99 -3.93
N GLN A 75 4.37 -13.65 -3.67
CA GLN A 75 3.26 -14.56 -3.97
C GLN A 75 1.94 -13.85 -3.76
N GLU A 76 1.62 -13.58 -2.49
CA GLU A 76 0.38 -12.92 -2.14
C GLU A 76 0.33 -11.51 -2.71
N LYS A 77 -0.53 -11.32 -3.72
CA LYS A 77 -0.71 -10.04 -4.40
C LYS A 77 0.55 -9.60 -5.13
N ALA A 78 1.45 -10.55 -5.37
CA ALA A 78 2.70 -10.27 -6.07
C ALA A 78 2.85 -11.16 -7.31
N PRO A 79 2.18 -10.79 -8.41
CA PRO A 79 2.23 -11.56 -9.65
C PRO A 79 3.49 -11.26 -10.46
N HIS A 80 4.62 -11.74 -9.99
CA HIS A 80 5.88 -11.52 -10.68
C HIS A 80 6.61 -12.85 -10.89
N GLU A 81 5.95 -13.78 -11.55
CA GLU A 81 6.55 -15.05 -11.86
C GLU A 81 7.24 -14.95 -13.21
N LYS A 82 8.12 -15.90 -13.53
CA LYS A 82 8.86 -15.89 -14.79
C LYS A 82 9.78 -14.66 -14.84
N ILE A 83 10.38 -14.42 -16.00
CA ILE A 83 11.26 -13.28 -16.22
C ILE A 83 12.36 -13.23 -15.15
N VAL A 84 12.89 -14.41 -14.83
CA VAL A 84 13.92 -14.54 -13.82
C VAL A 84 15.26 -14.00 -14.32
N SER A 85 15.26 -13.54 -15.56
CA SER A 85 16.45 -12.99 -16.19
C SER A 85 16.89 -11.67 -15.56
N TYR A 86 16.00 -11.01 -14.83
CA TYR A 86 16.34 -9.73 -14.20
C TYR A 86 15.88 -9.68 -12.75
N GLU A 87 14.88 -10.47 -12.40
CA GLU A 87 14.37 -10.48 -11.03
C GLU A 87 13.59 -11.76 -10.75
N ASN A 88 13.80 -12.30 -9.56
CA ASN A 88 13.13 -13.51 -9.13
C ASN A 88 12.23 -13.20 -7.93
N GLY A 89 12.53 -12.10 -7.26
CA GLY A 89 11.76 -11.70 -6.10
C GLY A 89 12.18 -12.48 -4.87
N ASP A 90 13.38 -13.02 -4.92
CA ASP A 90 13.92 -13.81 -3.81
C ASP A 90 14.35 -12.91 -2.68
N ASN A 91 15.60 -12.43 -2.76
CA ASN A 91 16.17 -11.55 -1.75
C ASN A 91 16.20 -12.25 -0.38
N VAL A 92 17.10 -13.23 -0.28
CA VAL A 92 17.32 -14.03 0.95
C VAL A 92 16.07 -14.75 1.42
N ASN A 93 16.16 -15.37 2.61
CA ASN A 93 15.07 -16.12 3.21
C ASN A 93 14.84 -17.43 2.46
N LEU A 94 15.24 -18.54 3.07
CA LEU A 94 15.09 -19.85 2.45
C LEU A 94 13.62 -20.20 2.24
N SER A 95 13.36 -21.08 1.30
CA SER A 95 12.00 -21.50 0.99
C SER A 95 11.99 -22.95 0.52
N GLU A 96 11.46 -23.83 1.35
CA GLU A 96 11.39 -25.24 1.03
C GLU A 96 10.00 -25.61 0.52
N ALA A 97 9.66 -26.89 0.61
CA ALA A 97 8.37 -27.37 0.15
C ALA A 97 7.28 -26.99 1.15
N ILE A 98 6.47 -26.00 0.79
CA ILE A 98 5.39 -25.55 1.65
C ILE A 98 4.17 -26.42 1.43
N ASN A 99 4.24 -27.22 0.38
CA ASN A 99 3.16 -28.12 0.04
C ASN A 99 3.52 -29.53 0.50
N VAL A 100 2.87 -29.97 1.57
CA VAL A 100 3.09 -31.30 2.15
C VAL A 100 4.42 -31.36 2.91
N GLN A 101 4.32 -31.38 4.23
CA GLN A 101 5.51 -31.44 5.08
C GLN A 101 5.69 -32.85 5.62
N LEU A 102 4.61 -33.60 5.72
CA LEU A 102 4.67 -34.96 6.25
C LEU A 102 3.91 -35.95 5.37
N THR A 103 2.60 -36.02 5.55
CA THR A 103 1.76 -36.95 4.79
C THR A 103 0.30 -36.51 4.82
N LEU A 104 -0.21 -36.24 6.03
CA LEU A 104 -1.59 -35.82 6.22
C LEU A 104 -1.76 -34.32 5.97
N ASP A 105 -1.08 -33.83 4.95
CA ASP A 105 -1.12 -32.43 4.61
C ASP A 105 -2.23 -32.15 3.61
N THR A 106 -2.89 -31.01 3.78
CA THR A 106 -3.98 -30.62 2.89
C THR A 106 -3.42 -30.10 1.56
N LYS A 107 -3.39 -30.98 0.57
CA LYS A 107 -2.89 -30.64 -0.75
C LYS A 107 -3.91 -29.79 -1.50
N LEU A 108 -3.70 -28.47 -1.49
CA LEU A 108 -4.59 -27.54 -2.16
C LEU A 108 -3.78 -26.59 -3.04
N PRO A 109 -4.36 -26.16 -4.18
CA PRO A 109 -3.70 -25.24 -5.11
C PRO A 109 -3.77 -23.79 -4.63
N GLU A 110 -3.30 -22.89 -5.49
CA GLU A 110 -3.29 -21.47 -5.17
C GLU A 110 -4.61 -20.82 -5.59
N ALA A 111 -5.24 -21.41 -6.60
CA ALA A 111 -6.52 -20.95 -7.13
C ALA A 111 -6.36 -19.59 -7.83
N LYS A 112 -7.46 -19.11 -8.42
CA LYS A 112 -7.44 -17.84 -9.13
C LYS A 112 -8.59 -16.95 -8.68
N GLU A 113 -8.88 -17.01 -7.38
CA GLU A 113 -9.95 -16.22 -6.77
C GLU A 113 -11.27 -16.38 -7.52
N LEU A 114 -11.84 -17.56 -7.44
CA LEU A 114 -13.09 -17.86 -8.14
C LEU A 114 -14.31 -17.41 -7.31
N HIS A 115 -14.16 -16.28 -6.63
CA HIS A 115 -15.26 -15.75 -5.82
C HIS A 115 -16.25 -14.99 -6.70
N HIS A 116 -15.69 -14.19 -7.63
CA HIS A 116 -16.47 -13.38 -8.58
C HIS A 116 -17.76 -12.82 -7.97
N HIS A 117 -17.61 -11.92 -7.01
CA HIS A 117 -18.74 -11.31 -6.34
C HIS A 117 -18.41 -9.86 -5.98
N HIS A 118 -19.09 -8.92 -6.62
CA HIS A 118 -18.86 -7.51 -6.34
C HIS A 118 -19.41 -7.12 -4.97
N HIS A 119 -20.36 -7.90 -4.48
CA HIS A 119 -20.94 -7.63 -3.18
C HIS A 119 -20.69 -8.80 -2.24
N HIS A 120 -20.39 -8.46 -1.00
CA HIS A 120 -20.13 -9.44 0.04
C HIS A 120 -20.59 -8.84 1.36
N MET A 1 1.51 5.97 -7.45
CA MET A 1 0.09 5.91 -7.05
C MET A 1 0.00 5.88 -5.53
N GLN A 2 -1.19 6.13 -4.99
CA GLN A 2 -1.38 6.13 -3.55
C GLN A 2 -2.09 4.87 -3.09
N ILE A 3 -1.63 4.31 -1.99
CA ILE A 3 -2.23 3.13 -1.40
C ILE A 3 -2.71 3.47 0.00
N TYR A 4 -4.01 3.40 0.24
CA TYR A 4 -4.55 3.74 1.54
C TYR A 4 -4.80 2.49 2.37
N THR A 5 -4.42 2.55 3.63
CA THR A 5 -4.57 1.45 4.54
C THR A 5 -5.18 1.90 5.87
N SER A 6 -5.92 1.03 6.52
CA SER A 6 -6.54 1.32 7.79
C SER A 6 -6.12 0.26 8.81
N GLU A 7 -4.99 0.53 9.45
CA GLU A 7 -4.41 -0.36 10.44
C GLU A 7 -5.31 -0.54 11.66
N LYS A 8 -6.05 0.51 12.01
CA LYS A 8 -6.96 0.44 13.16
C LYS A 8 -8.23 -0.32 12.79
N ARG A 9 -8.41 -0.51 11.49
CA ARG A 9 -9.56 -1.23 10.96
C ARG A 9 -9.20 -2.69 10.76
N GLY A 10 -8.02 -2.90 10.21
CA GLY A 10 -7.52 -4.23 9.96
C GLY A 10 -8.28 -4.95 8.86
N SER A 11 -8.77 -4.22 7.87
CA SER A 11 -9.50 -4.81 6.78
C SER A 11 -8.54 -5.46 5.78
N ASP A 12 -8.38 -6.77 5.88
CA ASP A 12 -7.47 -7.49 5.00
C ASP A 12 -8.11 -7.82 3.66
N THR A 13 -9.28 -8.42 3.70
CA THR A 13 -9.98 -8.81 2.49
C THR A 13 -10.99 -7.74 2.07
N ALA A 14 -11.29 -6.83 2.97
CA ALA A 14 -12.25 -5.76 2.69
C ALA A 14 -11.56 -4.57 2.05
N GLY A 15 -10.25 -4.48 2.26
CA GLY A 15 -9.50 -3.39 1.70
C GLY A 15 -8.70 -3.81 0.49
N ASN A 16 -8.66 -2.98 -0.52
CA ASN A 16 -7.91 -3.28 -1.72
C ASN A 16 -6.73 -2.33 -1.83
N GLY A 17 -6.68 -1.36 -0.91
CA GLY A 17 -5.61 -0.39 -0.90
C GLY A 17 -6.04 0.97 -1.40
N THR A 18 -7.35 1.17 -1.48
CA THR A 18 -7.90 2.44 -1.93
C THR A 18 -8.48 3.23 -0.76
N GLU A 19 -9.26 4.27 -1.07
CA GLU A 19 -9.84 5.11 -0.02
C GLU A 19 -11.10 4.48 0.54
N GLU A 20 -11.94 3.97 -0.35
CA GLU A 20 -13.18 3.33 0.04
C GLU A 20 -12.91 1.93 0.58
N ALA A 21 -11.83 1.33 0.10
CA ALA A 21 -11.42 0.01 0.53
C ALA A 21 -9.96 0.03 0.96
N PRO A 22 -9.71 0.46 2.20
CA PRO A 22 -8.36 0.56 2.76
C PRO A 22 -7.86 -0.78 3.28
N LEU A 23 -6.63 -1.11 2.96
CA LEU A 23 -6.03 -2.37 3.38
C LEU A 23 -5.83 -2.44 4.90
N LYS A 24 -5.47 -3.61 5.38
CA LYS A 24 -5.28 -3.84 6.80
C LYS A 24 -4.02 -3.15 7.33
N THR A 25 -2.88 -3.48 6.78
CA THR A 25 -1.63 -2.89 7.24
C THR A 25 -0.75 -2.49 6.06
N VAL A 26 0.30 -1.74 6.34
CA VAL A 26 1.23 -1.29 5.32
C VAL A 26 1.85 -2.49 4.60
N LEU A 27 1.94 -3.62 5.29
CA LEU A 27 2.50 -4.83 4.71
C LEU A 27 1.71 -5.26 3.48
N GLN A 28 0.38 -5.14 3.55
CA GLN A 28 -0.48 -5.52 2.44
C GLN A 28 -0.33 -4.54 1.27
N ALA A 29 0.23 -3.39 1.55
CA ALA A 29 0.48 -2.41 0.49
C ALA A 29 1.79 -2.73 -0.21
N ILE A 30 2.68 -3.35 0.56
CA ILE A 30 3.99 -3.73 0.06
C ILE A 30 3.95 -5.06 -0.70
N VAL A 31 3.07 -5.97 -0.27
CA VAL A 31 2.92 -7.26 -0.94
C VAL A 31 2.61 -7.10 -2.43
N LYS A 32 1.96 -6.00 -2.77
CA LYS A 32 1.59 -5.71 -4.15
C LYS A 32 2.76 -5.10 -4.93
N LEU A 33 3.77 -4.64 -4.21
CA LEU A 33 4.92 -4.01 -4.82
C LEU A 33 6.16 -4.91 -4.77
N ASP A 34 6.05 -6.00 -4.02
CA ASP A 34 7.14 -6.96 -3.86
C ASP A 34 8.33 -6.30 -3.13
N GLY A 35 8.02 -5.26 -2.36
CA GLY A 35 9.04 -4.57 -1.61
C GLY A 35 9.63 -3.38 -2.35
N LYS A 36 9.31 -3.26 -3.63
CA LYS A 36 9.82 -2.16 -4.43
C LYS A 36 8.93 -0.94 -4.28
N ILE A 37 9.26 -0.11 -3.29
CA ILE A 37 8.49 1.10 -3.03
C ILE A 37 9.00 2.24 -3.90
N GLU A 38 8.23 2.55 -4.94
CA GLU A 38 8.58 3.62 -5.86
C GLU A 38 8.38 4.99 -5.20
N ALA A 39 8.99 6.00 -5.79
CA ALA A 39 8.87 7.37 -5.30
C ALA A 39 7.46 7.89 -5.55
N ASP A 40 6.87 7.46 -6.66
CA ASP A 40 5.51 7.87 -7.01
C ASP A 40 4.52 7.09 -6.15
N THR A 41 4.99 6.01 -5.55
CA THR A 41 4.16 5.19 -4.70
C THR A 41 4.09 5.76 -3.29
N ARG A 42 2.91 6.15 -2.88
CA ARG A 42 2.70 6.72 -1.56
C ARG A 42 1.70 5.89 -0.78
N ILE A 43 2.09 5.49 0.41
CA ILE A 43 1.22 4.69 1.26
C ILE A 43 0.68 5.55 2.40
N TRP A 44 -0.62 5.53 2.56
CA TRP A 44 -1.28 6.30 3.59
C TRP A 44 -1.95 5.38 4.61
N VAL A 45 -1.86 5.75 5.87
CA VAL A 45 -2.46 4.99 6.94
C VAL A 45 -3.55 5.82 7.62
N ASP A 46 -4.15 5.29 8.67
CA ASP A 46 -5.20 6.00 9.39
C ASP A 46 -4.60 6.80 10.54
N GLY A 47 -3.29 6.92 10.54
CA GLY A 47 -2.59 7.65 11.58
C GLY A 47 -2.84 7.03 12.94
N THR A 48 -3.32 7.84 13.87
CA THR A 48 -3.63 7.35 15.21
C THR A 48 -5.11 7.56 15.50
N GLY A 49 -5.86 7.86 14.45
CA GLY A 49 -7.29 8.10 14.59
C GLY A 49 -7.59 9.58 14.65
N ASP A 50 -6.54 10.38 14.56
CA ASP A 50 -6.64 11.84 14.59
C ASP A 50 -7.09 12.37 13.26
N GLU A 51 -6.49 11.87 12.19
CA GLU A 51 -6.81 12.31 10.85
C GLU A 51 -7.32 11.18 9.99
N MET A 52 -7.78 11.52 8.80
CA MET A 52 -8.31 10.53 7.88
C MET A 52 -7.18 9.66 7.33
N TRP A 53 -6.13 10.30 6.82
CA TRP A 53 -4.99 9.59 6.26
C TRP A 53 -3.68 10.23 6.66
N ASP A 54 -2.77 9.42 7.15
CA ASP A 54 -1.43 9.87 7.54
C ASP A 54 -0.40 9.22 6.62
N VAL A 55 0.75 9.84 6.49
CA VAL A 55 1.79 9.32 5.62
C VAL A 55 2.61 8.24 6.35
N VAL A 56 2.75 7.09 5.72
CA VAL A 56 3.50 5.99 6.32
C VAL A 56 4.93 6.41 6.63
N SER A 57 5.33 6.17 7.86
CA SER A 57 6.67 6.51 8.30
C SER A 57 7.68 5.63 7.59
N LYS A 58 8.78 6.23 7.14
CA LYS A 58 9.82 5.49 6.43
C LYS A 58 10.44 4.43 7.32
N SER A 59 10.45 4.69 8.62
CA SER A 59 11.02 3.75 9.59
C SER A 59 10.14 2.50 9.68
N LYS A 60 8.82 2.72 9.68
CA LYS A 60 7.86 1.63 9.77
C LYS A 60 7.80 0.90 8.43
N LEU A 61 7.82 1.67 7.36
CA LEU A 61 7.77 1.12 6.00
C LEU A 61 9.00 0.25 5.73
N LYS A 62 10.17 0.76 6.11
CA LYS A 62 11.43 0.05 5.89
C LYS A 62 11.41 -1.31 6.60
N LYS A 63 10.89 -1.32 7.83
CA LYS A 63 10.80 -2.55 8.59
C LYS A 63 9.85 -3.53 7.94
N ALA A 64 8.67 -3.04 7.56
CA ALA A 64 7.65 -3.87 6.93
C ALA A 64 8.14 -4.42 5.59
N THR A 65 8.87 -3.61 4.84
CA THR A 65 9.40 -4.02 3.55
C THR A 65 10.32 -5.24 3.71
N LYS A 66 11.21 -5.17 4.68
CA LYS A 66 12.14 -6.25 4.94
C LYS A 66 11.41 -7.47 5.49
N GLN A 67 10.49 -7.23 6.42
CA GLN A 67 9.72 -8.31 7.04
C GLN A 67 8.88 -9.05 6.00
N TYR A 68 8.20 -8.30 5.15
CA TYR A 68 7.34 -8.87 4.12
C TYR A 68 8.09 -9.90 3.27
N HIS A 69 9.31 -9.57 2.87
CA HIS A 69 10.08 -10.47 2.02
C HIS A 69 10.59 -11.67 2.80
N ILE A 70 10.68 -11.53 4.11
CA ILE A 70 11.14 -12.62 4.95
C ILE A 70 9.98 -13.52 5.36
N GLN A 71 8.85 -12.90 5.71
CA GLN A 71 7.68 -13.63 6.18
C GLN A 71 6.76 -14.08 5.05
N THR A 72 6.28 -13.13 4.25
CA THR A 72 5.37 -13.44 3.17
C THR A 72 6.10 -13.99 1.95
N LYS A 73 7.13 -13.25 1.50
CA LYS A 73 7.95 -13.61 0.34
C LYS A 73 7.12 -14.18 -0.81
N LYS A 74 6.04 -13.48 -1.14
CA LYS A 74 5.14 -13.88 -2.21
C LYS A 74 4.19 -12.73 -2.52
N GLN A 75 3.36 -12.91 -3.54
CA GLN A 75 2.41 -11.87 -3.92
C GLN A 75 1.02 -12.47 -4.08
N GLU A 76 0.65 -12.78 -5.33
CA GLU A 76 -0.64 -13.37 -5.67
C GLU A 76 -1.81 -12.42 -5.37
N LYS A 77 -1.98 -12.05 -4.12
CA LYS A 77 -3.03 -11.14 -3.69
C LYS A 77 -2.67 -9.70 -4.04
N ALA A 78 -2.45 -9.44 -5.32
CA ALA A 78 -2.08 -8.11 -5.78
C ALA A 78 -2.85 -7.70 -7.03
N PRO A 79 -4.18 -7.58 -6.95
CA PRO A 79 -5.00 -7.18 -8.10
C PRO A 79 -4.81 -5.71 -8.44
N HIS A 80 -4.60 -5.42 -9.72
CA HIS A 80 -4.41 -4.04 -10.19
C HIS A 80 -4.40 -3.97 -11.71
N GLU A 81 -5.61 -3.97 -12.29
CA GLU A 81 -5.81 -3.88 -13.74
C GLU A 81 -4.94 -4.86 -14.52
N LYS A 82 -4.80 -6.07 -13.99
CA LYS A 82 -3.99 -7.10 -14.64
C LYS A 82 -4.71 -8.44 -14.56
N ILE A 83 -4.75 -9.15 -15.69
CA ILE A 83 -5.39 -10.48 -15.76
C ILE A 83 -6.83 -10.43 -15.22
N VAL A 84 -7.53 -9.34 -15.53
CA VAL A 84 -8.92 -9.12 -15.11
C VAL A 84 -9.04 -9.02 -13.58
N SER A 85 -7.91 -9.04 -12.88
CA SER A 85 -7.90 -8.94 -11.43
C SER A 85 -7.92 -7.47 -11.00
N TYR A 86 -8.91 -7.15 -10.19
CA TYR A 86 -9.11 -5.79 -9.66
C TYR A 86 -10.23 -5.80 -8.64
N GLU A 87 -11.13 -6.77 -8.79
CA GLU A 87 -12.27 -6.98 -7.90
C GLU A 87 -13.02 -5.69 -7.59
N ASN A 88 -13.68 -5.15 -8.61
CA ASN A 88 -14.47 -3.93 -8.46
C ASN A 88 -15.50 -3.84 -9.58
N GLY A 89 -16.70 -3.43 -9.23
CA GLY A 89 -17.76 -3.30 -10.21
C GLY A 89 -18.34 -1.91 -10.25
N ASP A 90 -17.64 -0.98 -9.61
CA ASP A 90 -18.08 0.41 -9.56
C ASP A 90 -17.66 1.15 -10.82
N ASN A 91 -18.40 2.19 -11.17
CA ASN A 91 -18.11 2.98 -12.35
C ASN A 91 -17.11 4.08 -12.02
N VAL A 92 -15.86 3.68 -11.82
CA VAL A 92 -14.79 4.60 -11.49
C VAL A 92 -14.47 5.55 -12.64
N ASN A 93 -15.13 5.34 -13.78
CA ASN A 93 -14.93 6.18 -14.94
C ASN A 93 -15.57 7.54 -14.74
N LEU A 94 -16.60 7.58 -13.89
CA LEU A 94 -17.31 8.82 -13.60
C LEU A 94 -16.74 9.49 -12.35
N SER A 95 -15.45 9.30 -12.11
CA SER A 95 -14.78 9.88 -10.96
C SER A 95 -13.30 10.07 -11.24
N GLU A 96 -12.97 11.08 -12.01
CA GLU A 96 -11.59 11.38 -12.35
C GLU A 96 -11.05 12.50 -11.45
N ALA A 97 -11.93 13.41 -11.08
CA ALA A 97 -11.56 14.52 -10.22
C ALA A 97 -11.99 14.26 -8.78
N ILE A 98 -11.01 14.18 -7.88
CA ILE A 98 -11.29 13.96 -6.48
C ILE A 98 -11.08 15.25 -5.71
N ASN A 99 -10.67 16.27 -6.44
CA ASN A 99 -10.42 17.58 -5.89
C ASN A 99 -10.33 18.60 -7.02
N VAL A 100 -9.63 19.71 -6.80
CA VAL A 100 -9.49 20.72 -7.83
C VAL A 100 -8.55 20.22 -8.92
N GLN A 101 -9.14 19.63 -9.96
CA GLN A 101 -8.37 19.09 -11.06
C GLN A 101 -8.58 19.92 -12.33
N LEU A 102 -9.84 20.23 -12.63
CA LEU A 102 -10.16 21.01 -13.83
C LEU A 102 -10.98 22.24 -13.46
N THR A 103 -10.70 23.34 -14.15
CA THR A 103 -11.40 24.60 -13.92
C THR A 103 -12.59 24.75 -14.88
N LEU A 104 -12.70 23.80 -15.81
CA LEU A 104 -13.76 23.78 -16.81
C LEU A 104 -13.62 24.94 -17.79
N ASP A 105 -14.19 26.08 -17.45
CA ASP A 105 -14.12 27.26 -18.30
C ASP A 105 -13.06 28.22 -17.75
N THR A 106 -13.46 29.04 -16.80
CA THR A 106 -12.55 29.99 -16.18
C THR A 106 -13.24 30.72 -15.04
N LYS A 107 -12.44 31.19 -14.08
CA LYS A 107 -12.98 31.92 -12.94
C LYS A 107 -13.03 33.40 -13.27
N LEU A 108 -12.46 33.74 -14.41
CA LEU A 108 -12.42 35.11 -14.89
C LEU A 108 -12.62 35.11 -16.40
N PRO A 109 -13.89 35.15 -16.84
CA PRO A 109 -14.23 35.14 -18.26
C PRO A 109 -14.04 36.49 -18.95
N GLU A 110 -13.12 36.51 -19.93
CA GLU A 110 -12.80 37.71 -20.70
C GLU A 110 -12.05 38.75 -19.89
N ALA A 111 -11.03 39.35 -20.50
CA ALA A 111 -10.24 40.37 -19.84
C ALA A 111 -10.53 41.74 -20.42
N LYS A 112 -11.05 41.75 -21.64
CA LYS A 112 -11.38 42.99 -22.31
C LYS A 112 -12.76 42.92 -22.93
N GLU A 113 -13.74 43.45 -22.19
CA GLU A 113 -15.13 43.50 -22.61
C GLU A 113 -15.78 42.11 -22.63
N LEU A 114 -16.75 41.93 -21.75
CA LEU A 114 -17.47 40.67 -21.62
C LEU A 114 -18.35 40.43 -22.85
N HIS A 115 -17.77 39.84 -23.87
CA HIS A 115 -18.48 39.56 -25.12
C HIS A 115 -19.43 38.38 -24.97
N HIS A 116 -20.49 38.58 -24.18
CA HIS A 116 -21.51 37.55 -23.93
C HIS A 116 -20.92 36.35 -23.19
N HIS A 117 -20.06 36.62 -22.23
CA HIS A 117 -19.44 35.58 -21.43
C HIS A 117 -19.48 35.98 -19.96
N HIS A 118 -20.59 36.60 -19.56
CA HIS A 118 -20.74 37.06 -18.18
C HIS A 118 -21.75 36.23 -17.39
N HIS A 119 -22.66 35.54 -18.07
CA HIS A 119 -23.66 34.72 -17.39
C HIS A 119 -24.40 33.81 -18.36
N HIS A 120 -24.85 34.37 -19.47
CA HIS A 120 -25.57 33.62 -20.47
C HIS A 120 -25.68 34.47 -21.73
N MET A 1 1.12 6.83 -7.12
CA MET A 1 0.25 5.73 -6.67
C MET A 1 -0.08 5.90 -5.20
N GLN A 2 -1.38 5.86 -4.87
CA GLN A 2 -1.81 6.03 -3.49
C GLN A 2 -2.34 4.71 -2.95
N ILE A 3 -1.89 4.35 -1.76
CA ILE A 3 -2.33 3.12 -1.12
C ILE A 3 -2.81 3.44 0.30
N TYR A 4 -4.07 3.14 0.57
CA TYR A 4 -4.64 3.42 1.87
C TYR A 4 -4.76 2.16 2.73
N THR A 5 -4.48 2.31 4.01
CA THR A 5 -4.57 1.21 4.96
C THR A 5 -5.33 1.67 6.20
N SER A 6 -6.00 0.74 6.87
CA SER A 6 -6.74 1.05 8.08
C SER A 6 -6.55 -0.05 9.10
N GLU A 7 -5.62 0.17 10.00
CA GLU A 7 -5.28 -0.78 11.05
C GLU A 7 -6.42 -0.90 12.06
N LYS A 8 -7.22 0.15 12.19
CA LYS A 8 -8.36 0.14 13.11
C LYS A 8 -9.51 -0.64 12.48
N ARG A 9 -9.40 -0.87 11.17
CA ARG A 9 -10.42 -1.61 10.44
C ARG A 9 -9.98 -3.07 10.29
N GLY A 10 -8.70 -3.25 10.01
CA GLY A 10 -8.13 -4.59 9.87
C GLY A 10 -8.72 -5.40 8.74
N SER A 11 -9.04 -4.76 7.63
CA SER A 11 -9.60 -5.48 6.49
C SER A 11 -8.51 -5.90 5.50
N ASP A 12 -8.10 -7.14 5.57
CA ASP A 12 -7.06 -7.66 4.67
C ASP A 12 -7.69 -8.11 3.36
N THR A 13 -8.72 -8.93 3.48
CA THR A 13 -9.42 -9.45 2.33
C THR A 13 -10.39 -8.43 1.75
N ALA A 14 -11.00 -7.66 2.64
CA ALA A 14 -11.96 -6.63 2.25
C ALA A 14 -11.26 -5.36 1.77
N GLY A 15 -9.96 -5.30 2.00
CA GLY A 15 -9.19 -4.15 1.59
C GLY A 15 -8.41 -4.41 0.33
N ASN A 16 -8.42 -3.44 -0.56
CA ASN A 16 -7.71 -3.57 -1.82
C ASN A 16 -6.59 -2.52 -1.88
N GLY A 17 -6.58 -1.63 -0.90
CA GLY A 17 -5.57 -0.59 -0.86
C GLY A 17 -6.11 0.77 -1.23
N THR A 18 -7.42 0.89 -1.26
CA THR A 18 -8.06 2.14 -1.61
C THR A 18 -8.78 2.72 -0.40
N GLU A 19 -9.57 3.77 -0.59
CA GLU A 19 -10.29 4.39 0.51
C GLU A 19 -11.58 3.62 0.82
N GLU A 20 -12.23 3.15 -0.23
CA GLU A 20 -13.46 2.37 -0.08
C GLU A 20 -13.13 0.97 0.42
N ALA A 21 -11.93 0.51 0.05
CA ALA A 21 -11.46 -0.80 0.45
C ALA A 21 -10.06 -0.67 1.06
N PRO A 22 -9.99 -0.32 2.35
CA PRO A 22 -8.73 -0.12 3.06
C PRO A 22 -8.12 -1.44 3.54
N LEU A 23 -6.82 -1.55 3.41
CA LEU A 23 -6.10 -2.76 3.81
C LEU A 23 -5.95 -2.82 5.33
N LYS A 24 -5.61 -4.00 5.83
CA LYS A 24 -5.43 -4.21 7.27
C LYS A 24 -4.20 -3.47 7.79
N THR A 25 -3.05 -3.75 7.19
CA THR A 25 -1.81 -3.11 7.61
C THR A 25 -0.96 -2.71 6.41
N VAL A 26 0.11 -1.97 6.68
CA VAL A 26 1.02 -1.52 5.63
C VAL A 26 1.67 -2.72 4.92
N LEU A 27 1.69 -3.86 5.59
CA LEU A 27 2.25 -5.08 5.04
C LEU A 27 1.59 -5.43 3.71
N GLN A 28 0.26 -5.37 3.69
CA GLN A 28 -0.53 -5.68 2.50
C GLN A 28 -0.37 -4.60 1.41
N ALA A 29 0.13 -3.44 1.80
CA ALA A 29 0.33 -2.37 0.85
C ALA A 29 1.63 -2.60 0.07
N ILE A 30 2.59 -3.25 0.73
CA ILE A 30 3.88 -3.51 0.12
C ILE A 30 3.88 -4.81 -0.68
N VAL A 31 3.04 -5.77 -0.29
CA VAL A 31 2.94 -7.05 -0.99
C VAL A 31 2.69 -6.83 -2.49
N LYS A 32 1.90 -5.81 -2.83
CA LYS A 32 1.56 -5.51 -4.21
C LYS A 32 2.74 -4.93 -4.99
N LEU A 33 3.75 -4.43 -4.29
CA LEU A 33 4.90 -3.84 -4.95
C LEU A 33 6.14 -4.70 -4.80
N ASP A 34 6.02 -5.80 -4.07
CA ASP A 34 7.14 -6.72 -3.82
C ASP A 34 8.30 -5.94 -3.18
N GLY A 35 7.96 -4.97 -2.36
CA GLY A 35 8.97 -4.16 -1.68
C GLY A 35 9.58 -3.09 -2.56
N LYS A 36 8.90 -2.75 -3.66
CA LYS A 36 9.40 -1.71 -4.56
C LYS A 36 8.72 -0.39 -4.29
N ILE A 37 9.18 0.29 -3.25
CA ILE A 37 8.64 1.59 -2.87
C ILE A 37 9.42 2.69 -3.58
N GLU A 38 8.78 3.39 -4.50
CA GLU A 38 9.46 4.45 -5.24
C GLU A 38 8.88 5.82 -4.88
N ALA A 39 9.36 6.85 -5.57
CA ALA A 39 8.94 8.23 -5.31
C ALA A 39 7.43 8.43 -5.48
N ASP A 40 6.86 7.82 -6.51
CA ASP A 40 5.42 7.95 -6.76
C ASP A 40 4.61 7.10 -5.78
N THR A 41 5.28 6.22 -5.05
CA THR A 41 4.60 5.38 -4.09
C THR A 41 4.27 6.16 -2.82
N ARG A 42 2.99 6.33 -2.56
CA ARG A 42 2.53 7.04 -1.37
C ARG A 42 1.60 6.14 -0.58
N ILE A 43 2.06 5.68 0.56
CA ILE A 43 1.25 4.80 1.40
C ILE A 43 0.71 5.55 2.60
N TRP A 44 -0.59 5.52 2.74
CA TRP A 44 -1.26 6.18 3.84
C TRP A 44 -1.61 5.13 4.88
N VAL A 45 -1.50 5.49 6.15
CA VAL A 45 -1.79 4.56 7.21
C VAL A 45 -3.11 4.90 7.89
N ASP A 46 -3.39 4.20 8.98
CA ASP A 46 -4.63 4.37 9.75
C ASP A 46 -4.95 5.82 10.09
N GLY A 47 -3.92 6.63 10.27
CA GLY A 47 -4.13 8.02 10.60
C GLY A 47 -3.65 8.36 11.99
N THR A 48 -2.34 8.49 12.13
CA THR A 48 -1.74 8.81 13.41
C THR A 48 -1.71 10.32 13.65
N GLY A 49 -2.78 11.01 13.28
CA GLY A 49 -2.83 12.44 13.45
C GLY A 49 -4.25 12.98 13.47
N ASP A 50 -4.42 14.15 12.87
CA ASP A 50 -5.72 14.82 12.82
C ASP A 50 -6.62 14.21 11.76
N GLU A 51 -6.02 13.97 10.60
CA GLU A 51 -6.73 13.45 9.46
C GLU A 51 -6.99 11.95 9.54
N MET A 52 -7.92 11.50 8.70
CA MET A 52 -8.31 10.09 8.64
C MET A 52 -7.19 9.26 8.03
N TRP A 53 -6.36 9.90 7.24
CA TRP A 53 -5.25 9.22 6.59
C TRP A 53 -3.95 9.95 6.90
N ASP A 54 -2.96 9.20 7.32
CA ASP A 54 -1.66 9.76 7.67
C ASP A 54 -0.57 9.10 6.82
N VAL A 55 0.61 9.70 6.80
CA VAL A 55 1.70 9.17 6.01
C VAL A 55 2.36 8.00 6.74
N VAL A 56 2.75 6.98 5.99
CA VAL A 56 3.39 5.81 6.58
C VAL A 56 4.74 6.19 7.19
N SER A 57 4.97 5.70 8.40
CA SER A 57 6.21 5.97 9.10
C SER A 57 7.37 5.31 8.39
N LYS A 58 8.47 6.04 8.25
CA LYS A 58 9.66 5.54 7.56
C LYS A 58 10.22 4.29 8.25
N SER A 59 10.14 4.26 9.57
CA SER A 59 10.63 3.13 10.35
C SER A 59 9.71 1.92 10.20
N LYS A 60 8.42 2.19 10.12
CA LYS A 60 7.41 1.14 9.99
C LYS A 60 7.44 0.55 8.60
N LEU A 61 7.56 1.43 7.60
CA LEU A 61 7.59 1.01 6.21
C LEU A 61 8.84 0.17 5.91
N LYS A 62 9.98 0.63 6.40
CA LYS A 62 11.25 -0.06 6.16
C LYS A 62 11.23 -1.45 6.79
N LYS A 63 10.77 -1.53 8.03
CA LYS A 63 10.70 -2.79 8.74
C LYS A 63 9.75 -3.75 8.04
N ALA A 64 8.57 -3.26 7.69
CA ALA A 64 7.57 -4.07 7.02
C ALA A 64 8.06 -4.57 5.66
N THR A 65 8.70 -3.69 4.91
CA THR A 65 9.20 -4.04 3.58
C THR A 65 10.23 -5.17 3.65
N LYS A 66 11.11 -5.10 4.64
CA LYS A 66 12.15 -6.11 4.81
C LYS A 66 11.55 -7.43 5.31
N GLN A 67 10.64 -7.32 6.27
CA GLN A 67 9.99 -8.50 6.84
C GLN A 67 9.12 -9.20 5.80
N TYR A 68 8.27 -8.43 5.14
CA TYR A 68 7.37 -8.96 4.13
C TYR A 68 8.11 -9.74 3.05
N HIS A 69 9.23 -9.20 2.59
CA HIS A 69 9.99 -9.82 1.52
C HIS A 69 10.52 -11.19 1.91
N ILE A 70 10.87 -11.35 3.17
CA ILE A 70 11.41 -12.61 3.65
C ILE A 70 10.30 -13.54 4.15
N GLN A 71 9.24 -12.97 4.70
CA GLN A 71 8.16 -13.77 5.27
C GLN A 71 7.08 -14.15 4.26
N THR A 72 6.48 -13.16 3.61
CA THR A 72 5.42 -13.42 2.65
C THR A 72 5.97 -13.60 1.24
N LYS A 73 6.75 -12.63 0.79
CA LYS A 73 7.35 -12.65 -0.54
C LYS A 73 6.32 -13.00 -1.62
N LYS A 74 5.11 -12.47 -1.48
CA LYS A 74 4.04 -12.73 -2.42
C LYS A 74 3.28 -11.46 -2.77
N GLN A 75 2.68 -11.46 -3.94
CA GLN A 75 1.91 -10.33 -4.45
C GLN A 75 0.60 -10.81 -5.06
N GLU A 76 0.43 -12.13 -5.08
CA GLU A 76 -0.76 -12.76 -5.64
C GLU A 76 -1.99 -12.57 -4.75
N LYS A 77 -2.44 -11.33 -4.63
CA LYS A 77 -3.61 -11.02 -3.81
C LYS A 77 -4.86 -11.01 -4.68
N ALA A 78 -5.48 -12.18 -4.83
CA ALA A 78 -6.69 -12.32 -5.64
C ALA A 78 -7.85 -11.51 -5.05
N PRO A 79 -8.31 -10.47 -5.77
CA PRO A 79 -9.40 -9.62 -5.33
C PRO A 79 -10.76 -10.28 -5.55
N HIS A 80 -11.55 -10.37 -4.50
CA HIS A 80 -12.87 -10.98 -4.59
C HIS A 80 -13.92 -9.88 -4.61
N GLU A 81 -13.74 -8.91 -3.70
CA GLU A 81 -14.61 -7.75 -3.55
C GLU A 81 -16.05 -8.14 -3.20
N LYS A 82 -16.76 -8.75 -4.14
CA LYS A 82 -18.13 -9.16 -3.93
C LYS A 82 -18.27 -10.67 -4.11
N ILE A 83 -19.50 -11.16 -4.18
CA ILE A 83 -19.76 -12.57 -4.36
C ILE A 83 -19.70 -12.91 -5.85
N VAL A 84 -18.49 -12.89 -6.37
CA VAL A 84 -18.27 -13.19 -7.77
C VAL A 84 -17.26 -14.33 -7.90
N SER A 85 -17.33 -15.07 -9.01
CA SER A 85 -16.44 -16.19 -9.25
C SER A 85 -14.99 -15.71 -9.37
N TYR A 86 -14.27 -15.81 -8.26
CA TYR A 86 -12.88 -15.40 -8.20
C TYR A 86 -12.17 -16.21 -7.12
N GLU A 87 -12.56 -17.47 -7.02
CA GLU A 87 -12.00 -18.38 -6.04
C GLU A 87 -10.61 -18.83 -6.48
N ASN A 88 -10.37 -18.77 -7.78
CA ASN A 88 -9.08 -19.15 -8.34
C ASN A 88 -8.12 -17.98 -8.29
N GLY A 89 -6.97 -18.19 -7.66
CA GLY A 89 -5.98 -17.13 -7.57
C GLY A 89 -4.73 -17.59 -6.85
N ASP A 90 -4.89 -18.05 -5.62
CA ASP A 90 -3.76 -18.52 -4.82
C ASP A 90 -3.99 -19.96 -4.40
N ASN A 91 -4.88 -20.16 -3.43
CA ASN A 91 -5.19 -21.49 -2.93
C ASN A 91 -6.68 -21.60 -2.66
N VAL A 92 -7.17 -22.83 -2.59
CA VAL A 92 -8.58 -23.09 -2.33
C VAL A 92 -8.77 -23.98 -1.11
N ASN A 93 -8.26 -23.54 0.03
CA ASN A 93 -8.38 -24.31 1.25
C ASN A 93 -9.71 -24.01 1.94
N LEU A 94 -10.27 -25.02 2.57
CA LEU A 94 -11.54 -24.87 3.27
C LEU A 94 -11.30 -24.38 4.69
N SER A 95 -12.05 -23.37 5.10
CA SER A 95 -11.93 -22.80 6.43
C SER A 95 -13.27 -22.23 6.88
N GLU A 96 -14.09 -23.08 7.47
CA GLU A 96 -15.41 -22.67 7.93
C GLU A 96 -15.37 -22.35 9.42
N ALA A 97 -14.47 -23.00 10.15
CA ALA A 97 -14.34 -22.77 11.58
C ALA A 97 -13.64 -21.45 11.89
N ILE A 98 -13.59 -20.57 10.91
CA ILE A 98 -12.97 -19.27 11.06
C ILE A 98 -13.94 -18.17 10.67
N ASN A 99 -15.18 -18.56 10.36
CA ASN A 99 -16.21 -17.61 9.96
C ASN A 99 -17.56 -18.01 10.56
N VAL A 100 -18.49 -17.06 10.58
CA VAL A 100 -19.82 -17.30 11.11
C VAL A 100 -20.73 -17.97 10.08
N GLN A 101 -20.70 -19.29 10.05
CA GLN A 101 -21.51 -20.04 9.12
C GLN A 101 -22.79 -20.54 9.80
N LEU A 102 -22.64 -21.23 10.92
CA LEU A 102 -23.77 -21.75 11.66
C LEU A 102 -23.42 -21.91 13.13
N THR A 103 -24.39 -21.67 14.00
CA THR A 103 -24.19 -21.80 15.43
C THR A 103 -24.83 -23.08 15.96
N LEU A 104 -24.06 -24.17 15.95
CA LEU A 104 -24.52 -25.48 16.42
C LEU A 104 -25.62 -26.04 15.52
N ASP A 105 -25.23 -26.88 14.57
CA ASP A 105 -26.18 -27.49 13.65
C ASP A 105 -26.90 -28.65 14.32
N THR A 106 -26.25 -29.23 15.33
CA THR A 106 -26.80 -30.36 16.08
C THR A 106 -28.22 -30.09 16.57
N LYS A 107 -29.18 -30.76 15.95
CA LYS A 107 -30.58 -30.60 16.30
C LYS A 107 -30.89 -31.33 17.60
N LEU A 108 -31.45 -30.61 18.56
CA LEU A 108 -31.81 -31.19 19.84
C LEU A 108 -33.21 -31.79 19.79
N PRO A 109 -33.44 -32.90 20.51
CA PRO A 109 -34.73 -33.58 20.54
C PRO A 109 -35.82 -32.78 21.24
N GLU A 110 -37.04 -33.29 21.18
CA GLU A 110 -38.20 -32.65 21.79
C GLU A 110 -38.11 -32.60 23.32
N ALA A 111 -37.42 -31.59 23.84
CA ALA A 111 -37.27 -31.43 25.27
C ALA A 111 -38.56 -30.86 25.87
N LYS A 112 -38.73 -31.05 27.18
CA LYS A 112 -39.92 -30.57 27.90
C LYS A 112 -41.20 -31.15 27.31
N GLU A 113 -41.16 -32.46 27.01
CA GLU A 113 -42.29 -33.21 26.44
C GLU A 113 -43.04 -32.43 25.36
N LEU A 114 -42.30 -31.70 24.54
CA LEU A 114 -42.89 -30.90 23.46
C LEU A 114 -43.64 -31.81 22.47
N HIS A 115 -43.10 -33.00 22.26
CA HIS A 115 -43.69 -33.96 21.34
C HIS A 115 -44.85 -34.70 22.00
N HIS A 116 -45.93 -33.97 22.28
CA HIS A 116 -47.12 -34.55 22.89
C HIS A 116 -47.77 -35.54 21.95
N HIS A 117 -48.20 -36.68 22.47
CA HIS A 117 -48.83 -37.72 21.65
C HIS A 117 -50.32 -37.44 21.45
N HIS A 118 -50.68 -36.16 21.47
CA HIS A 118 -52.06 -35.71 21.29
C HIS A 118 -52.11 -34.20 21.47
N HIS A 119 -53.16 -33.57 20.96
CA HIS A 119 -53.31 -32.11 21.07
C HIS A 119 -53.90 -31.76 22.44
N HIS A 120 -53.23 -32.22 23.48
CA HIS A 120 -53.64 -31.99 24.86
C HIS A 120 -52.66 -32.69 25.79
N MET A 1 2.82 4.84 -7.66
CA MET A 1 1.37 4.77 -7.35
C MET A 1 1.15 4.95 -5.85
N GLN A 2 -0.07 5.31 -5.48
CA GLN A 2 -0.39 5.51 -4.07
C GLN A 2 -1.36 4.42 -3.59
N ILE A 3 -1.26 4.06 -2.33
CA ILE A 3 -2.11 3.03 -1.74
C ILE A 3 -2.62 3.47 -0.37
N TYR A 4 -3.89 3.26 -0.10
CA TYR A 4 -4.49 3.62 1.17
C TYR A 4 -4.59 2.41 2.09
N THR A 5 -4.32 2.62 3.38
CA THR A 5 -4.37 1.55 4.37
C THR A 5 -5.04 2.05 5.65
N SER A 6 -5.55 1.11 6.44
CA SER A 6 -6.20 1.42 7.70
C SER A 6 -5.82 0.37 8.74
N GLU A 7 -4.76 0.65 9.47
CA GLU A 7 -4.23 -0.27 10.47
C GLU A 7 -4.98 -0.19 11.80
N LYS A 8 -5.57 0.96 12.12
CA LYS A 8 -6.30 1.11 13.37
C LYS A 8 -7.70 0.54 13.22
N ARG A 9 -8.11 0.32 11.97
CA ARG A 9 -9.41 -0.23 11.67
C ARG A 9 -9.26 -1.72 11.38
N GLY A 10 -8.22 -2.05 10.64
CA GLY A 10 -7.95 -3.43 10.29
C GLY A 10 -8.96 -4.01 9.31
N SER A 11 -9.30 -3.25 8.28
CA SER A 11 -10.25 -3.71 7.28
C SER A 11 -9.69 -4.90 6.51
N ASP A 12 -10.16 -6.09 6.85
CA ASP A 12 -9.70 -7.30 6.19
C ASP A 12 -10.44 -7.55 4.89
N THR A 13 -11.76 -7.57 4.98
CA THR A 13 -12.61 -7.82 3.82
C THR A 13 -12.81 -6.55 3.00
N ALA A 14 -12.43 -5.42 3.59
CA ALA A 14 -12.56 -4.13 2.93
C ALA A 14 -11.19 -3.57 2.61
N GLY A 15 -10.20 -4.44 2.61
CA GLY A 15 -8.86 -4.04 2.33
C GLY A 15 -8.47 -4.23 0.89
N ASN A 16 -8.72 -3.24 0.07
CA ASN A 16 -8.36 -3.31 -1.33
C ASN A 16 -7.15 -2.44 -1.60
N GLY A 17 -7.02 -1.39 -0.80
CA GLY A 17 -5.91 -0.47 -0.94
C GLY A 17 -6.32 0.86 -1.52
N THR A 18 -7.62 1.11 -1.57
CA THR A 18 -8.14 2.36 -2.10
C THR A 18 -8.74 3.20 -0.97
N GLU A 19 -9.42 4.29 -1.31
CA GLU A 19 -10.02 5.15 -0.29
C GLU A 19 -11.28 4.54 0.31
N GLU A 20 -12.14 3.98 -0.54
CA GLU A 20 -13.38 3.37 -0.08
C GLU A 20 -13.11 1.98 0.47
N ALA A 21 -11.96 1.43 0.15
CA ALA A 21 -11.56 0.12 0.61
C ALA A 21 -10.09 0.11 1.00
N PRO A 22 -9.78 0.52 2.24
CA PRO A 22 -8.41 0.58 2.74
C PRO A 22 -7.94 -0.74 3.34
N LEU A 23 -6.68 -1.08 3.07
CA LEU A 23 -6.09 -2.32 3.55
C LEU A 23 -6.01 -2.38 5.07
N LYS A 24 -5.85 -3.57 5.62
CA LYS A 24 -5.79 -3.76 7.06
C LYS A 24 -4.43 -3.35 7.64
N THR A 25 -3.37 -3.56 6.88
CA THR A 25 -2.03 -3.20 7.35
C THR A 25 -1.16 -2.69 6.21
N VAL A 26 -0.09 -1.98 6.56
CA VAL A 26 0.84 -1.43 5.57
C VAL A 26 1.51 -2.56 4.79
N LEU A 27 1.58 -3.74 5.42
CA LEU A 27 2.19 -4.90 4.80
C LEU A 27 1.47 -5.28 3.51
N GLN A 28 0.15 -5.18 3.53
CA GLN A 28 -0.66 -5.52 2.36
C GLN A 28 -0.44 -4.53 1.21
N ALA A 29 0.13 -3.39 1.52
CA ALA A 29 0.42 -2.40 0.50
C ALA A 29 1.76 -2.73 -0.15
N ILE A 30 2.64 -3.33 0.64
CA ILE A 30 3.98 -3.69 0.19
C ILE A 30 3.97 -5.03 -0.55
N VAL A 31 3.08 -5.93 -0.14
CA VAL A 31 2.96 -7.25 -0.77
C VAL A 31 2.69 -7.12 -2.28
N LYS A 32 2.15 -5.98 -2.66
CA LYS A 32 1.84 -5.70 -4.06
C LYS A 32 3.10 -5.30 -4.83
N LEU A 33 3.89 -4.41 -4.23
CA LEU A 33 5.10 -3.91 -4.89
C LEU A 33 6.31 -4.80 -4.61
N ASP A 34 6.13 -5.77 -3.73
CA ASP A 34 7.19 -6.71 -3.35
C ASP A 34 8.36 -5.99 -2.68
N GLY A 35 8.05 -4.89 -2.01
CA GLY A 35 9.08 -4.13 -1.33
C GLY A 35 9.76 -3.11 -2.22
N LYS A 36 9.38 -3.09 -3.49
CA LYS A 36 9.95 -2.15 -4.44
C LYS A 36 9.30 -0.78 -4.30
N ILE A 37 9.58 -0.12 -3.19
CA ILE A 37 9.04 1.19 -2.90
C ILE A 37 9.84 2.25 -3.65
N GLU A 38 9.22 2.87 -4.64
CA GLU A 38 9.90 3.88 -5.45
C GLU A 38 9.41 5.29 -5.08
N ALA A 39 9.89 6.27 -5.82
CA ALA A 39 9.56 7.68 -5.59
C ALA A 39 8.06 7.95 -5.67
N ASP A 40 7.39 7.41 -6.68
CA ASP A 40 5.96 7.65 -6.85
C ASP A 40 5.13 6.79 -5.90
N THR A 41 5.80 5.98 -5.10
CA THR A 41 5.08 5.14 -4.15
C THR A 41 4.70 5.95 -2.92
N ARG A 42 3.41 6.11 -2.71
CA ARG A 42 2.91 6.86 -1.57
C ARG A 42 1.87 6.05 -0.83
N ILE A 43 2.22 5.58 0.34
CA ILE A 43 1.31 4.78 1.13
C ILE A 43 0.69 5.63 2.24
N TRP A 44 -0.62 5.72 2.21
CA TRP A 44 -1.36 6.49 3.18
C TRP A 44 -1.97 5.56 4.20
N VAL A 45 -1.81 5.88 5.47
CA VAL A 45 -2.36 5.06 6.54
C VAL A 45 -3.54 5.80 7.15
N ASP A 46 -4.16 5.21 8.15
CA ASP A 46 -5.31 5.82 8.80
C ASP A 46 -4.86 6.62 10.02
N GLY A 47 -3.56 6.79 10.13
CA GLY A 47 -2.97 7.55 11.21
C GLY A 47 -3.09 6.87 12.56
N THR A 48 -3.36 7.67 13.57
CA THR A 48 -3.51 7.17 14.93
C THR A 48 -4.96 6.77 15.20
N GLY A 49 -5.83 7.01 14.22
CA GLY A 49 -7.22 6.66 14.39
C GLY A 49 -8.12 7.88 14.35
N ASP A 50 -7.59 9.01 14.83
CA ASP A 50 -8.34 10.26 14.86
C ASP A 50 -8.63 10.76 13.47
N GLU A 51 -7.60 10.70 12.63
CA GLU A 51 -7.70 11.15 11.26
C GLU A 51 -8.12 10.03 10.33
N MET A 52 -8.31 10.38 9.07
CA MET A 52 -8.69 9.41 8.07
C MET A 52 -7.46 8.89 7.34
N TRP A 53 -6.58 9.81 6.95
CA TRP A 53 -5.37 9.44 6.21
C TRP A 53 -4.16 10.17 6.73
N ASP A 54 -3.10 9.41 6.98
CA ASP A 54 -1.84 9.95 7.45
C ASP A 54 -0.71 9.40 6.59
N VAL A 55 0.50 9.90 6.77
CA VAL A 55 1.63 9.45 5.98
C VAL A 55 2.38 8.31 6.68
N VAL A 56 2.74 7.29 5.91
CA VAL A 56 3.47 6.15 6.47
C VAL A 56 4.88 6.56 6.83
N SER A 57 5.36 6.11 7.98
CA SER A 57 6.69 6.43 8.43
C SER A 57 7.71 5.60 7.65
N LYS A 58 8.78 6.26 7.21
CA LYS A 58 9.82 5.58 6.43
C LYS A 58 10.53 4.51 7.27
N SER A 59 10.64 4.76 8.56
CA SER A 59 11.30 3.85 9.48
C SER A 59 10.52 2.53 9.58
N LYS A 60 9.19 2.63 9.44
CA LYS A 60 8.31 1.48 9.52
C LYS A 60 8.12 0.86 8.14
N LEU A 61 7.91 1.71 7.15
CA LEU A 61 7.69 1.27 5.77
C LEU A 61 8.84 0.40 5.26
N LYS A 62 10.07 0.89 5.41
CA LYS A 62 11.23 0.14 4.94
C LYS A 62 11.49 -1.07 5.83
N LYS A 63 11.00 -1.01 7.06
CA LYS A 63 11.16 -2.11 8.00
C LYS A 63 10.29 -3.27 7.55
N ALA A 64 9.03 -2.96 7.25
CA ALA A 64 8.08 -3.97 6.79
C ALA A 64 8.50 -4.49 5.42
N THR A 65 9.22 -3.66 4.67
CA THR A 65 9.70 -4.03 3.35
C THR A 65 10.59 -5.27 3.44
N LYS A 66 11.57 -5.23 4.32
CA LYS A 66 12.49 -6.35 4.50
C LYS A 66 11.76 -7.52 5.14
N GLN A 67 10.89 -7.22 6.10
CA GLN A 67 10.12 -8.24 6.80
C GLN A 67 9.28 -9.05 5.82
N TYR A 68 8.57 -8.34 4.94
CA TYR A 68 7.71 -8.99 3.95
C TYR A 68 8.50 -9.96 3.07
N HIS A 69 9.71 -9.58 2.72
CA HIS A 69 10.55 -10.41 1.85
C HIS A 69 10.99 -11.68 2.55
N ILE A 70 11.13 -11.62 3.86
CA ILE A 70 11.55 -12.79 4.63
C ILE A 70 10.35 -13.64 5.06
N GLN A 71 9.23 -12.98 5.35
CA GLN A 71 8.04 -13.67 5.83
C GLN A 71 7.12 -14.16 4.71
N THR A 72 6.69 -13.27 3.85
CA THR A 72 5.76 -13.63 2.78
C THR A 72 6.47 -14.05 1.50
N LYS A 73 7.40 -13.22 1.02
CA LYS A 73 8.17 -13.47 -0.21
C LYS A 73 7.31 -14.13 -1.29
N LYS A 74 6.27 -13.42 -1.72
CA LYS A 74 5.34 -13.92 -2.73
C LYS A 74 6.00 -14.05 -4.10
N GLN A 75 6.64 -15.19 -4.32
CA GLN A 75 7.33 -15.48 -5.59
C GLN A 75 8.58 -14.63 -5.76
N GLU A 76 9.73 -15.31 -5.84
CA GLU A 76 11.00 -14.63 -6.01
C GLU A 76 11.01 -13.89 -7.34
N LYS A 77 11.12 -12.57 -7.26
CA LYS A 77 11.11 -11.74 -8.46
C LYS A 77 12.41 -11.94 -9.24
N ALA A 78 12.29 -12.61 -10.38
CA ALA A 78 13.43 -12.89 -11.22
C ALA A 78 13.09 -12.71 -12.72
N PRO A 79 11.95 -13.24 -13.22
CA PRO A 79 11.59 -13.12 -14.64
C PRO A 79 11.43 -11.67 -15.11
N HIS A 80 10.80 -10.83 -14.29
CA HIS A 80 10.59 -9.44 -14.66
C HIS A 80 11.36 -8.49 -13.75
N GLU A 81 12.35 -9.02 -13.04
CA GLU A 81 13.14 -8.20 -12.14
C GLU A 81 14.62 -8.27 -12.52
N LYS A 82 15.14 -7.16 -13.00
CA LYS A 82 16.54 -7.08 -13.40
C LYS A 82 17.12 -5.73 -13.06
N ILE A 83 18.30 -5.74 -12.44
CA ILE A 83 19.00 -4.53 -12.04
C ILE A 83 18.16 -3.75 -11.02
N VAL A 84 17.77 -4.45 -9.96
CA VAL A 84 16.97 -3.85 -8.92
C VAL A 84 17.73 -3.84 -7.61
N SER A 85 17.73 -2.70 -6.93
CA SER A 85 18.44 -2.54 -5.67
C SER A 85 17.78 -3.34 -4.54
N TYR A 86 18.19 -4.59 -4.43
CA TYR A 86 17.67 -5.49 -3.42
C TYR A 86 18.61 -6.68 -3.24
N GLU A 87 19.83 -6.53 -3.72
CA GLU A 87 20.84 -7.57 -3.64
C GLU A 87 21.38 -7.67 -2.22
N ASN A 88 21.43 -6.55 -1.53
CA ASN A 88 21.92 -6.50 -0.16
C ASN A 88 20.82 -6.90 0.81
N GLY A 89 20.48 -8.18 0.79
CA GLY A 89 19.44 -8.68 1.67
C GLY A 89 19.74 -10.06 2.19
N ASP A 90 20.96 -10.27 2.66
CA ASP A 90 21.37 -11.57 3.19
C ASP A 90 20.88 -11.72 4.63
N ASN A 91 20.47 -12.94 4.97
CA ASN A 91 19.96 -13.28 6.29
C ASN A 91 18.67 -12.53 6.61
N VAL A 92 18.81 -11.29 7.13
CA VAL A 92 17.67 -10.45 7.50
C VAL A 92 16.68 -11.20 8.38
N ASN A 93 17.19 -11.99 9.32
CA ASN A 93 16.34 -12.75 10.21
C ASN A 93 15.77 -11.83 11.30
N LEU A 94 14.80 -11.03 10.92
CA LEU A 94 14.16 -10.10 11.84
C LEU A 94 13.02 -10.79 12.58
N SER A 95 12.11 -11.38 11.83
CA SER A 95 10.95 -12.07 12.39
C SER A 95 10.44 -13.11 11.41
N GLU A 96 9.81 -14.15 11.93
CA GLU A 96 9.27 -15.21 11.11
C GLU A 96 7.83 -14.88 10.71
N ALA A 97 7.25 -15.72 9.87
CA ALA A 97 5.89 -15.52 9.39
C ALA A 97 4.86 -16.13 10.33
N ILE A 98 5.25 -16.38 11.57
CA ILE A 98 4.35 -16.96 12.55
C ILE A 98 3.82 -15.86 13.46
N ASN A 99 3.04 -14.96 12.87
CA ASN A 99 2.45 -13.86 13.62
C ASN A 99 1.16 -14.28 14.29
N VAL A 100 0.39 -15.08 13.57
CA VAL A 100 -0.88 -15.57 14.07
C VAL A 100 -0.68 -16.74 15.02
N GLN A 101 -0.43 -16.43 16.28
CA GLN A 101 -0.21 -17.44 17.30
C GLN A 101 -1.52 -18.06 17.76
N LEU A 102 -2.60 -17.29 17.65
CA LEU A 102 -3.91 -17.76 18.06
C LEU A 102 -4.91 -17.68 16.92
N THR A 103 -5.14 -18.82 16.26
CA THR A 103 -6.07 -18.89 15.14
C THR A 103 -7.50 -19.03 15.65
N LEU A 104 -7.93 -18.09 16.49
CA LEU A 104 -9.27 -18.11 17.07
C LEU A 104 -10.20 -17.17 16.33
N ASP A 105 -9.85 -16.86 15.09
CA ASP A 105 -10.64 -15.97 14.26
C ASP A 105 -11.92 -16.68 13.80
N THR A 106 -11.76 -17.60 12.86
CA THR A 106 -12.87 -18.34 12.33
C THR A 106 -13.20 -19.55 13.21
N LYS A 107 -13.87 -19.28 14.33
CA LYS A 107 -14.26 -20.33 15.26
C LYS A 107 -15.75 -20.26 15.55
N LEU A 108 -16.45 -21.36 15.31
CA LEU A 108 -17.87 -21.44 15.55
C LEU A 108 -18.14 -22.30 16.78
N PRO A 109 -18.50 -21.68 17.91
CA PRO A 109 -18.77 -22.38 19.16
C PRO A 109 -20.21 -22.90 19.22
N GLU A 110 -20.44 -23.81 20.16
CA GLU A 110 -21.76 -24.41 20.37
C GLU A 110 -22.29 -25.09 19.12
N ALA A 111 -21.48 -25.95 18.52
CA ALA A 111 -21.87 -26.67 17.32
C ALA A 111 -22.74 -27.89 17.68
N LYS A 112 -23.83 -27.63 18.37
CA LYS A 112 -24.73 -28.69 18.77
C LYS A 112 -26.17 -28.30 18.48
N GLU A 113 -26.84 -29.12 17.69
CA GLU A 113 -28.25 -28.86 17.33
C GLU A 113 -29.13 -28.87 18.57
N LEU A 114 -29.43 -27.69 19.08
CA LEU A 114 -30.30 -27.55 20.24
C LEU A 114 -31.72 -27.28 19.77
N HIS A 115 -31.92 -27.48 18.47
CA HIS A 115 -33.21 -27.27 17.84
C HIS A 115 -34.12 -28.46 18.13
N HIS A 116 -35.09 -28.25 19.01
CA HIS A 116 -36.04 -29.28 19.40
C HIS A 116 -36.74 -29.86 18.17
N HIS A 117 -36.40 -31.11 17.87
CA HIS A 117 -36.98 -31.81 16.73
C HIS A 117 -38.49 -31.93 16.89
N HIS A 118 -39.23 -31.52 15.86
CA HIS A 118 -40.69 -31.58 15.88
C HIS A 118 -41.18 -33.03 15.86
N HIS A 119 -41.79 -33.44 16.96
CA HIS A 119 -42.32 -34.80 17.07
C HIS A 119 -43.80 -34.74 17.47
N HIS A 120 -44.36 -33.55 17.42
CA HIS A 120 -45.74 -33.32 17.77
C HIS A 120 -46.20 -32.00 17.17
N MET A 1 1.86 5.58 -6.83
CA MET A 1 0.42 5.33 -6.60
C MET A 1 0.08 5.55 -5.14
N GLN A 2 -1.17 5.88 -4.85
CA GLN A 2 -1.61 6.10 -3.48
C GLN A 2 -2.12 4.79 -2.90
N ILE A 3 -1.64 4.45 -1.72
CA ILE A 3 -2.07 3.23 -1.05
C ILE A 3 -2.59 3.56 0.34
N TYR A 4 -3.86 3.30 0.57
CA TYR A 4 -4.46 3.58 1.86
C TYR A 4 -4.56 2.30 2.69
N THR A 5 -4.06 2.37 3.91
CA THR A 5 -4.07 1.23 4.81
C THR A 5 -4.77 1.57 6.12
N SER A 6 -5.55 0.64 6.63
CA SER A 6 -6.24 0.82 7.89
C SER A 6 -5.91 -0.35 8.81
N GLU A 7 -4.83 -0.20 9.55
CA GLU A 7 -4.36 -1.23 10.46
C GLU A 7 -5.22 -1.32 11.71
N LYS A 8 -5.95 -0.25 12.00
CA LYS A 8 -6.85 -0.23 13.15
C LYS A 8 -8.18 -0.85 12.76
N ARG A 9 -8.40 -0.97 11.46
CA ARG A 9 -9.63 -1.56 10.95
C ARG A 9 -9.38 -3.02 10.60
N GLY A 10 -8.21 -3.30 10.04
CA GLY A 10 -7.85 -4.66 9.67
C GLY A 10 -8.77 -5.25 8.61
N SER A 11 -9.04 -4.48 7.56
CA SER A 11 -9.88 -4.95 6.48
C SER A 11 -9.14 -5.98 5.63
N ASP A 12 -9.45 -7.25 5.84
CA ASP A 12 -8.80 -8.32 5.10
C ASP A 12 -9.43 -8.53 3.73
N THR A 13 -10.74 -8.72 3.73
CA THR A 13 -11.48 -8.95 2.48
C THR A 13 -11.94 -7.64 1.86
N ALA A 14 -11.53 -6.54 2.48
CA ALA A 14 -11.90 -5.21 2.00
C ALA A 14 -10.64 -4.36 1.84
N GLY A 15 -9.51 -5.02 1.82
CA GLY A 15 -8.26 -4.32 1.71
C GLY A 15 -7.67 -4.40 0.32
N ASN A 16 -7.80 -3.32 -0.44
CA ASN A 16 -7.24 -3.27 -1.77
C ASN A 16 -6.12 -2.23 -1.83
N GLY A 17 -6.19 -1.28 -0.91
CA GLY A 17 -5.19 -0.23 -0.84
C GLY A 17 -5.72 1.09 -1.33
N THR A 18 -7.04 1.23 -1.38
CA THR A 18 -7.66 2.45 -1.83
C THR A 18 -8.46 3.08 -0.69
N GLU A 19 -9.27 4.10 -0.99
CA GLU A 19 -10.05 4.77 0.04
C GLU A 19 -11.30 3.97 0.39
N GLU A 20 -11.95 3.42 -0.62
CA GLU A 20 -13.17 2.63 -0.41
C GLU A 20 -12.79 1.22 0.04
N ALA A 21 -11.57 0.82 -0.25
CA ALA A 21 -11.06 -0.48 0.13
C ALA A 21 -9.68 -0.35 0.77
N PRO A 22 -9.65 -0.04 2.07
CA PRO A 22 -8.42 0.15 2.83
C PRO A 22 -7.78 -1.16 3.22
N LEU A 23 -6.48 -1.28 3.01
CA LEU A 23 -5.75 -2.50 3.33
C LEU A 23 -5.71 -2.77 4.83
N LYS A 24 -5.43 -4.01 5.19
CA LYS A 24 -5.40 -4.45 6.58
C LYS A 24 -4.13 -3.98 7.30
N THR A 25 -2.99 -4.06 6.64
CA THR A 25 -1.74 -3.65 7.26
C THR A 25 -0.78 -3.06 6.24
N VAL A 26 0.25 -2.37 6.72
CA VAL A 26 1.25 -1.76 5.85
C VAL A 26 2.00 -2.84 5.05
N LEU A 27 2.08 -4.03 5.65
CA LEU A 27 2.74 -5.17 5.00
C LEU A 27 1.99 -5.52 3.72
N GLN A 28 0.67 -5.41 3.78
CA GLN A 28 -0.19 -5.73 2.65
C GLN A 28 -0.08 -4.65 1.57
N ALA A 29 0.45 -3.50 1.94
CA ALA A 29 0.63 -2.42 0.98
C ALA A 29 1.84 -2.71 0.12
N ILE A 30 2.80 -3.42 0.70
CA ILE A 30 4.03 -3.78 0.02
C ILE A 30 3.85 -5.01 -0.85
N VAL A 31 2.99 -5.92 -0.41
CA VAL A 31 2.72 -7.13 -1.18
C VAL A 31 2.04 -6.76 -2.50
N LYS A 32 1.28 -5.66 -2.45
CA LYS A 32 0.57 -5.16 -3.61
C LYS A 32 1.53 -4.63 -4.66
N LEU A 33 2.70 -4.19 -4.22
CA LEU A 33 3.71 -3.65 -5.12
C LEU A 33 4.87 -4.63 -5.30
N ASP A 34 4.71 -5.81 -4.73
CA ASP A 34 5.74 -6.87 -4.80
C ASP A 34 7.09 -6.36 -4.28
N GLY A 35 7.03 -5.56 -3.22
CA GLY A 35 8.25 -5.04 -2.62
C GLY A 35 8.89 -3.92 -3.41
N LYS A 36 8.25 -3.49 -4.48
CA LYS A 36 8.78 -2.42 -5.30
C LYS A 36 8.06 -1.11 -5.03
N ILE A 37 8.57 -0.36 -4.08
CA ILE A 37 7.97 0.92 -3.71
C ILE A 37 8.53 2.04 -4.58
N GLU A 38 7.79 2.42 -5.60
CA GLU A 38 8.21 3.49 -6.50
C GLU A 38 8.17 4.83 -5.79
N ALA A 39 8.98 5.78 -6.28
CA ALA A 39 9.07 7.11 -5.71
C ALA A 39 7.77 7.90 -5.87
N ASP A 40 6.85 7.35 -6.64
CA ASP A 40 5.55 7.98 -6.88
C ASP A 40 4.51 7.42 -5.90
N THR A 41 4.90 6.38 -5.19
CA THR A 41 4.00 5.72 -4.26
C THR A 41 3.99 6.39 -2.89
N ARG A 42 2.78 6.59 -2.38
CA ARG A 42 2.58 7.18 -1.07
C ARG A 42 1.65 6.29 -0.27
N ILE A 43 2.12 5.78 0.85
CA ILE A 43 1.31 4.92 1.69
C ILE A 43 0.71 5.71 2.84
N TRP A 44 -0.62 5.69 2.90
CA TRP A 44 -1.35 6.40 3.94
C TRP A 44 -1.88 5.41 4.96
N VAL A 45 -1.81 5.77 6.22
CA VAL A 45 -2.27 4.91 7.30
C VAL A 45 -3.57 5.42 7.90
N ASP A 46 -4.01 4.79 8.99
CA ASP A 46 -5.26 5.15 9.69
C ASP A 46 -5.28 6.63 10.08
N GLY A 47 -4.10 7.21 10.25
CA GLY A 47 -4.02 8.60 10.61
C GLY A 47 -3.42 8.81 11.98
N THR A 48 -3.14 10.06 12.33
CA THR A 48 -2.57 10.40 13.61
C THR A 48 -3.67 10.69 14.64
N GLY A 49 -4.91 10.52 14.22
CA GLY A 49 -6.04 10.78 15.09
C GLY A 49 -6.84 11.97 14.62
N ASP A 50 -6.15 13.06 14.29
CA ASP A 50 -6.79 14.27 13.81
C ASP A 50 -7.24 14.09 12.38
N GLU A 51 -6.36 13.50 11.58
CA GLU A 51 -6.61 13.27 10.18
C GLU A 51 -7.07 11.85 9.91
N MET A 52 -7.75 11.69 8.77
CA MET A 52 -8.26 10.39 8.35
C MET A 52 -7.17 9.59 7.67
N TRP A 53 -6.24 10.30 7.04
CA TRP A 53 -5.14 9.64 6.34
C TRP A 53 -3.84 10.38 6.62
N ASP A 54 -2.81 9.64 7.00
CA ASP A 54 -1.51 10.21 7.28
C ASP A 54 -0.44 9.39 6.59
N VAL A 55 0.77 9.92 6.51
CA VAL A 55 1.86 9.23 5.85
C VAL A 55 2.44 8.13 6.73
N VAL A 56 2.72 6.97 6.13
CA VAL A 56 3.28 5.85 6.86
C VAL A 56 4.63 6.22 7.46
N SER A 57 4.87 5.77 8.68
CA SER A 57 6.12 6.03 9.35
C SER A 57 7.28 5.36 8.63
N LYS A 58 8.36 6.09 8.45
CA LYS A 58 9.53 5.57 7.75
C LYS A 58 10.26 4.53 8.60
N SER A 59 10.09 4.65 9.91
CA SER A 59 10.70 3.73 10.84
C SER A 59 10.00 2.37 10.79
N LYS A 60 8.68 2.40 10.66
CA LYS A 60 7.90 1.18 10.59
C LYS A 60 7.96 0.58 9.19
N LEU A 61 7.91 1.44 8.18
CA LEU A 61 7.97 1.00 6.78
C LEU A 61 9.28 0.26 6.51
N LYS A 62 10.35 0.74 7.11
CA LYS A 62 11.66 0.14 6.95
C LYS A 62 11.67 -1.29 7.48
N LYS A 63 10.93 -1.51 8.56
CA LYS A 63 10.83 -2.83 9.16
C LYS A 63 9.94 -3.73 8.32
N ALA A 64 8.84 -3.16 7.84
CA ALA A 64 7.89 -3.90 7.01
C ALA A 64 8.55 -4.34 5.71
N THR A 65 9.40 -3.48 5.16
CA THR A 65 10.11 -3.79 3.92
C THR A 65 10.94 -5.06 4.08
N LYS A 66 11.54 -5.20 5.27
CA LYS A 66 12.36 -6.37 5.57
C LYS A 66 11.47 -7.58 5.83
N GLN A 67 10.48 -7.37 6.68
CA GLN A 67 9.54 -8.43 7.06
C GLN A 67 8.89 -9.08 5.84
N TYR A 68 8.41 -8.25 4.92
CA TYR A 68 7.76 -8.72 3.71
C TYR A 68 8.68 -9.64 2.90
N HIS A 69 9.93 -9.23 2.75
CA HIS A 69 10.89 -9.99 1.95
C HIS A 69 11.28 -11.30 2.63
N ILE A 70 11.10 -11.39 3.93
CA ILE A 70 11.44 -12.60 4.65
C ILE A 70 10.27 -13.58 4.65
N GLN A 71 9.06 -13.05 4.83
CA GLN A 71 7.87 -13.90 4.92
C GLN A 71 7.19 -14.16 3.56
N THR A 72 6.83 -13.09 2.86
CA THR A 72 6.11 -13.18 1.60
C THR A 72 6.97 -13.59 0.41
N LYS A 73 8.29 -13.63 0.59
CA LYS A 73 9.20 -14.00 -0.49
C LYS A 73 8.73 -15.27 -1.22
N LYS A 74 8.67 -15.21 -2.53
CA LYS A 74 8.23 -16.33 -3.34
C LYS A 74 9.15 -16.54 -4.53
N GLN A 75 9.11 -17.74 -5.09
CA GLN A 75 9.94 -18.08 -6.23
C GLN A 75 9.08 -18.31 -7.46
N GLU A 76 7.78 -18.46 -7.25
CA GLU A 76 6.83 -18.68 -8.33
C GLU A 76 6.52 -17.37 -9.07
N LYS A 77 7.56 -16.72 -9.55
CA LYS A 77 7.41 -15.47 -10.28
C LYS A 77 7.19 -15.75 -11.76
N ALA A 78 5.92 -15.96 -12.12
CA ALA A 78 5.55 -16.24 -13.50
C ALA A 78 5.97 -15.11 -14.43
N PRO A 79 6.39 -15.46 -15.66
CA PRO A 79 6.83 -14.47 -16.66
C PRO A 79 5.74 -13.44 -16.97
N HIS A 80 5.92 -12.25 -16.42
CA HIS A 80 4.97 -11.16 -16.62
C HIS A 80 5.63 -9.83 -16.31
N GLU A 81 6.46 -9.82 -15.28
CA GLU A 81 7.16 -8.62 -14.86
C GLU A 81 8.48 -8.49 -15.59
N LYS A 82 9.29 -7.52 -15.17
CA LYS A 82 10.58 -7.29 -15.79
C LYS A 82 11.60 -6.93 -14.72
N ILE A 83 11.83 -7.86 -13.81
CA ILE A 83 12.78 -7.66 -12.73
C ILE A 83 14.19 -7.97 -13.21
N VAL A 84 14.79 -7.04 -13.93
CA VAL A 84 16.13 -7.20 -14.47
C VAL A 84 17.19 -6.76 -13.46
N SER A 85 17.22 -7.43 -12.32
CA SER A 85 18.20 -7.11 -11.29
C SER A 85 19.51 -7.85 -11.55
N TYR A 86 19.41 -8.92 -12.34
CA TYR A 86 20.55 -9.75 -12.71
C TYR A 86 21.15 -10.45 -11.47
N GLU A 87 20.27 -11.01 -10.64
CA GLU A 87 20.67 -11.72 -9.42
C GLU A 87 21.65 -12.84 -9.74
N ASN A 88 21.39 -13.56 -10.83
CA ASN A 88 22.25 -14.67 -11.24
C ASN A 88 23.47 -14.16 -12.00
N GLY A 89 24.34 -13.46 -11.29
CA GLY A 89 25.55 -12.95 -11.91
C GLY A 89 26.68 -13.94 -11.91
N ASP A 90 26.51 -15.03 -11.18
CA ASP A 90 27.52 -16.07 -11.09
C ASP A 90 26.91 -17.44 -11.34
N ASN A 91 27.72 -18.34 -11.89
CA ASN A 91 27.32 -19.69 -12.19
C ASN A 91 28.55 -20.54 -12.45
N VAL A 92 29.68 -20.13 -11.86
CA VAL A 92 30.94 -20.84 -12.05
C VAL A 92 31.62 -21.13 -10.71
N ASN A 93 31.09 -20.56 -9.64
CA ASN A 93 31.65 -20.77 -8.31
C ASN A 93 31.33 -22.17 -7.78
N LEU A 94 32.12 -23.14 -8.23
CA LEU A 94 31.97 -24.55 -7.83
C LEU A 94 30.58 -25.07 -8.15
N SER A 95 29.85 -25.50 -7.13
CA SER A 95 28.51 -26.02 -7.32
C SER A 95 27.67 -25.81 -6.07
N GLU A 96 26.51 -25.20 -6.24
CA GLU A 96 25.61 -24.96 -5.13
C GLU A 96 24.83 -26.24 -4.83
N ALA A 97 24.75 -26.60 -3.56
CA ALA A 97 24.04 -27.80 -3.14
C ALA A 97 22.53 -27.60 -3.28
N ILE A 98 21.92 -28.33 -4.19
CA ILE A 98 20.48 -28.22 -4.43
C ILE A 98 19.82 -29.58 -4.19
N ASN A 99 20.48 -30.42 -3.42
CA ASN A 99 19.94 -31.73 -3.12
C ASN A 99 20.49 -32.24 -1.79
N VAL A 100 19.99 -33.39 -1.36
CA VAL A 100 20.42 -34.00 -0.11
C VAL A 100 21.63 -34.89 -0.33
N GLN A 101 22.78 -34.45 0.15
CA GLN A 101 24.02 -35.21 0.02
C GLN A 101 25.04 -34.75 1.04
N LEU A 102 25.50 -33.52 0.91
CA LEU A 102 26.49 -32.97 1.83
C LEU A 102 25.81 -32.48 3.10
N THR A 103 25.82 -33.32 4.12
CA THR A 103 25.21 -32.98 5.41
C THR A 103 26.22 -32.22 6.28
N LEU A 104 26.85 -31.23 5.70
CA LEU A 104 27.84 -30.40 6.40
C LEU A 104 27.69 -28.96 5.96
N ASP A 105 28.65 -28.13 6.34
CA ASP A 105 28.61 -26.72 5.97
C ASP A 105 28.79 -26.55 4.47
N THR A 106 27.80 -25.94 3.83
CA THR A 106 27.83 -25.72 2.39
C THR A 106 26.77 -24.70 2.01
N LYS A 107 25.63 -24.78 2.67
CA LYS A 107 24.52 -23.87 2.43
C LYS A 107 24.74 -22.54 3.12
N LEU A 108 25.62 -21.73 2.53
CA LEU A 108 25.94 -20.42 3.06
C LEU A 108 24.68 -19.56 3.15
N PRO A 109 24.49 -18.86 4.28
CA PRO A 109 23.32 -18.00 4.50
C PRO A 109 23.30 -16.77 3.59
N GLU A 110 22.40 -15.84 3.94
CA GLU A 110 22.23 -14.60 3.21
C GLU A 110 21.63 -14.85 1.82
N ALA A 111 20.30 -14.75 1.76
CA ALA A 111 19.54 -14.96 0.53
C ALA A 111 19.69 -16.39 0.02
N LYS A 112 20.43 -16.57 -1.08
CA LYS A 112 20.67 -17.88 -1.69
C LYS A 112 19.38 -18.51 -2.22
N GLU A 113 18.31 -17.74 -2.23
CA GLU A 113 17.00 -18.21 -2.71
C GLU A 113 16.96 -18.27 -4.23
N LEU A 114 17.92 -18.96 -4.82
CA LEU A 114 18.00 -19.08 -6.27
C LEU A 114 17.41 -20.41 -6.73
N HIS A 115 17.83 -21.49 -6.08
CA HIS A 115 17.36 -22.82 -6.42
C HIS A 115 17.06 -23.59 -5.14
N HIS A 116 15.78 -23.86 -4.89
CA HIS A 116 15.37 -24.57 -3.68
C HIS A 116 15.72 -26.06 -3.77
N HIS A 117 15.08 -26.77 -4.70
CA HIS A 117 15.35 -28.19 -4.86
C HIS A 117 15.17 -28.59 -6.33
N HIS A 118 15.84 -27.87 -7.21
CA HIS A 118 15.77 -28.14 -8.64
C HIS A 118 17.11 -27.79 -9.29
N HIS A 119 17.98 -28.78 -9.42
CA HIS A 119 19.29 -28.59 -10.03
C HIS A 119 19.20 -28.78 -11.53
N HIS A 120 18.23 -29.59 -11.95
CA HIS A 120 18.02 -29.88 -13.36
C HIS A 120 16.53 -29.94 -13.64
N MET A 1 1.63 6.85 -6.87
CA MET A 1 0.89 5.67 -6.37
C MET A 1 0.40 5.95 -4.96
N GLN A 2 -0.88 5.71 -4.71
CA GLN A 2 -1.48 5.95 -3.40
C GLN A 2 -2.07 4.67 -2.85
N ILE A 3 -1.64 4.27 -1.67
CA ILE A 3 -2.16 3.07 -1.04
C ILE A 3 -2.62 3.41 0.38
N TYR A 4 -3.92 3.24 0.61
CA TYR A 4 -4.49 3.54 1.92
C TYR A 4 -4.72 2.25 2.72
N THR A 5 -4.36 2.29 3.99
CA THR A 5 -4.52 1.15 4.87
C THR A 5 -5.14 1.56 6.20
N SER A 6 -6.01 0.72 6.73
CA SER A 6 -6.65 0.98 8.01
C SER A 6 -6.23 -0.09 9.01
N GLU A 7 -5.26 0.25 9.83
CA GLU A 7 -4.70 -0.65 10.83
C GLU A 7 -5.69 -1.01 11.93
N LYS A 8 -6.53 -0.05 12.33
CA LYS A 8 -7.49 -0.29 13.39
C LYS A 8 -8.72 -1.00 12.82
N ARG A 9 -8.86 -0.94 11.52
CA ARG A 9 -9.97 -1.60 10.84
C ARG A 9 -9.56 -3.03 10.51
N GLY A 10 -8.33 -3.17 10.03
CA GLY A 10 -7.80 -4.48 9.70
C GLY A 10 -8.56 -5.21 8.60
N SER A 11 -8.94 -4.50 7.55
CA SER A 11 -9.65 -5.14 6.46
C SER A 11 -8.64 -5.83 5.53
N ASP A 12 -8.52 -7.14 5.69
CA ASP A 12 -7.58 -7.92 4.88
C ASP A 12 -8.17 -8.29 3.52
N THR A 13 -9.34 -8.89 3.53
CA THR A 13 -10.00 -9.32 2.32
C THR A 13 -11.02 -8.29 1.82
N ALA A 14 -11.08 -7.16 2.50
CA ALA A 14 -12.01 -6.10 2.13
C ALA A 14 -11.28 -4.87 1.63
N GLY A 15 -9.96 -4.85 1.84
CA GLY A 15 -9.17 -3.73 1.41
C GLY A 15 -8.37 -4.03 0.18
N ASN A 16 -8.37 -3.09 -0.76
CA ASN A 16 -7.60 -3.25 -1.98
C ASN A 16 -6.39 -2.34 -1.94
N GLY A 17 -6.40 -1.45 -0.96
CA GLY A 17 -5.32 -0.50 -0.81
C GLY A 17 -5.74 0.89 -1.25
N THR A 18 -7.03 1.10 -1.38
CA THR A 18 -7.57 2.38 -1.78
C THR A 18 -8.32 3.04 -0.61
N GLU A 19 -9.07 4.09 -0.89
CA GLU A 19 -9.80 4.78 0.17
C GLU A 19 -11.11 4.09 0.48
N GLU A 20 -11.79 3.63 -0.56
CA GLU A 20 -13.05 2.93 -0.40
C GLU A 20 -12.81 1.51 0.07
N ALA A 21 -11.59 1.03 -0.16
CA ALA A 21 -11.20 -0.31 0.25
C ALA A 21 -9.79 -0.26 0.85
N PRO A 22 -9.69 0.09 2.13
CA PRO A 22 -8.41 0.19 2.83
C PRO A 22 -7.91 -1.15 3.34
N LEU A 23 -6.63 -1.43 3.15
CA LEU A 23 -6.04 -2.68 3.59
C LEU A 23 -5.89 -2.73 5.11
N LYS A 24 -5.43 -3.87 5.62
CA LYS A 24 -5.26 -4.03 7.06
C LYS A 24 -4.04 -3.29 7.58
N THR A 25 -2.88 -3.60 7.03
CA THR A 25 -1.65 -2.96 7.47
C THR A 25 -0.77 -2.58 6.30
N VAL A 26 0.27 -1.79 6.58
CA VAL A 26 1.21 -1.37 5.55
C VAL A 26 1.85 -2.59 4.88
N LEU A 27 1.96 -3.67 5.63
CA LEU A 27 2.53 -4.91 5.12
C LEU A 27 1.76 -5.40 3.89
N GLN A 28 0.43 -5.37 3.99
CA GLN A 28 -0.43 -5.81 2.89
C GLN A 28 -0.35 -4.85 1.71
N ALA A 29 0.13 -3.65 1.96
CA ALA A 29 0.28 -2.67 0.90
C ALA A 29 1.58 -2.92 0.14
N ILE A 30 2.54 -3.48 0.84
CA ILE A 30 3.84 -3.78 0.26
C ILE A 30 3.85 -5.14 -0.43
N VAL A 31 3.12 -6.10 0.12
CA VAL A 31 3.03 -7.43 -0.46
C VAL A 31 2.60 -7.36 -1.93
N LYS A 32 1.72 -6.41 -2.24
CA LYS A 32 1.19 -6.24 -3.59
C LYS A 32 2.21 -5.63 -4.54
N LEU A 33 3.18 -4.90 -4.01
CA LEU A 33 4.18 -4.25 -4.86
C LEU A 33 5.51 -5.00 -4.85
N ASP A 34 5.55 -6.13 -4.14
CA ASP A 34 6.78 -6.94 -4.05
C ASP A 34 7.89 -6.15 -3.34
N GLY A 35 7.51 -5.07 -2.68
CA GLY A 35 8.49 -4.25 -1.98
C GLY A 35 9.01 -3.11 -2.83
N LYS A 36 8.45 -2.96 -4.03
CA LYS A 36 8.86 -1.89 -4.93
C LYS A 36 8.24 -0.57 -4.52
N ILE A 37 8.55 -0.13 -3.32
CA ILE A 37 8.04 1.13 -2.81
C ILE A 37 8.99 2.26 -3.18
N GLU A 38 8.73 2.93 -4.30
CA GLU A 38 9.57 4.02 -4.77
C GLU A 38 9.04 5.38 -4.30
N ALA A 39 9.68 6.45 -4.76
CA ALA A 39 9.30 7.82 -4.39
C ALA A 39 7.84 8.14 -4.68
N ASP A 40 7.33 7.66 -5.80
CA ASP A 40 5.93 7.92 -6.16
C ASP A 40 4.98 7.07 -5.33
N THR A 41 5.51 6.07 -4.66
CA THR A 41 4.68 5.22 -3.83
C THR A 41 4.46 5.87 -2.48
N ARG A 42 3.21 6.23 -2.20
CA ARG A 42 2.87 6.86 -0.94
C ARG A 42 1.79 6.05 -0.24
N ILE A 43 2.17 5.44 0.86
CA ILE A 43 1.25 4.63 1.64
C ILE A 43 0.70 5.42 2.81
N TRP A 44 -0.61 5.38 2.97
CA TRP A 44 -1.28 6.09 4.04
C TRP A 44 -1.79 5.09 5.05
N VAL A 45 -1.74 5.46 6.32
CA VAL A 45 -2.19 4.58 7.39
C VAL A 45 -3.51 5.07 7.97
N ASP A 46 -3.93 4.38 9.03
CA ASP A 46 -5.20 4.66 9.74
C ASP A 46 -5.43 6.14 9.98
N GLY A 47 -4.39 6.82 10.45
CA GLY A 47 -4.50 8.23 10.73
C GLY A 47 -3.94 8.60 12.09
N THR A 48 -3.63 9.87 12.27
CA THR A 48 -3.09 10.36 13.54
C THR A 48 -4.22 10.61 14.55
N GLY A 49 -5.41 10.86 14.03
CA GLY A 49 -6.56 11.13 14.88
C GLY A 49 -7.30 12.36 14.41
N ASP A 50 -6.54 13.38 14.05
CA ASP A 50 -7.12 14.63 13.55
C ASP A 50 -7.53 14.46 12.11
N GLU A 51 -6.65 13.83 11.35
CA GLU A 51 -6.87 13.61 9.94
C GLU A 51 -7.42 12.22 9.68
N MET A 52 -7.98 12.07 8.48
CA MET A 52 -8.57 10.79 8.05
C MET A 52 -7.49 9.79 7.68
N TRP A 53 -6.37 10.29 7.19
CA TRP A 53 -5.26 9.45 6.79
C TRP A 53 -3.95 10.09 7.21
N ASP A 54 -2.93 9.26 7.36
CA ASP A 54 -1.61 9.75 7.74
C ASP A 54 -0.55 9.06 6.89
N VAL A 55 0.64 9.63 6.83
CA VAL A 55 1.71 9.08 6.03
C VAL A 55 2.43 7.96 6.79
N VAL A 56 2.71 6.86 6.09
CA VAL A 56 3.40 5.74 6.71
C VAL A 56 4.83 6.13 7.10
N SER A 57 5.23 5.73 8.29
CA SER A 57 6.56 6.03 8.77
C SER A 57 7.59 5.28 7.93
N LYS A 58 8.66 5.97 7.55
CA LYS A 58 9.69 5.37 6.70
C LYS A 58 10.38 4.21 7.42
N SER A 59 10.54 4.34 8.73
CA SER A 59 11.18 3.31 9.53
C SER A 59 10.31 2.06 9.63
N LYS A 60 9.00 2.25 9.52
CA LYS A 60 8.04 1.15 9.60
C LYS A 60 7.82 0.55 8.22
N LEU A 61 7.76 1.44 7.23
CA LEU A 61 7.53 1.07 5.85
C LEU A 61 8.67 0.22 5.29
N LYS A 62 9.89 0.72 5.41
CA LYS A 62 11.05 0.01 4.87
C LYS A 62 11.36 -1.24 5.69
N LYS A 63 11.04 -1.21 6.98
CA LYS A 63 11.26 -2.36 7.84
C LYS A 63 10.39 -3.52 7.37
N ALA A 64 9.13 -3.19 7.08
CA ALA A 64 8.17 -4.17 6.62
C ALA A 64 8.53 -4.65 5.23
N THR A 65 9.11 -3.76 4.41
CA THR A 65 9.51 -4.11 3.06
C THR A 65 10.56 -5.23 3.07
N LYS A 66 11.53 -5.09 3.96
CA LYS A 66 12.60 -6.07 4.08
C LYS A 66 12.07 -7.38 4.64
N GLN A 67 11.27 -7.28 5.70
CA GLN A 67 10.71 -8.46 6.35
C GLN A 67 9.73 -9.19 5.44
N TYR A 68 8.82 -8.47 4.81
CA TYR A 68 7.80 -9.07 3.94
C TYR A 68 8.42 -9.98 2.88
N HIS A 69 9.52 -9.55 2.29
CA HIS A 69 10.16 -10.32 1.23
C HIS A 69 10.64 -11.68 1.73
N ILE A 70 11.09 -11.71 2.96
CA ILE A 70 11.58 -12.93 3.56
C ILE A 70 10.47 -13.71 4.27
N GLN A 71 9.55 -12.98 4.91
CA GLN A 71 8.51 -13.60 5.71
C GLN A 71 7.24 -13.96 4.95
N THR A 72 6.60 -12.97 4.33
CA THR A 72 5.36 -13.24 3.63
C THR A 72 5.58 -13.69 2.19
N LYS A 73 6.27 -12.87 1.39
CA LYS A 73 6.53 -13.13 -0.03
C LYS A 73 5.53 -14.11 -0.64
N LYS A 74 6.03 -15.18 -1.26
CA LYS A 74 5.20 -16.23 -1.88
C LYS A 74 4.35 -15.67 -3.03
N GLN A 75 3.35 -14.88 -2.71
CA GLN A 75 2.47 -14.29 -3.70
C GLN A 75 2.14 -12.86 -3.31
N GLU A 76 2.04 -11.98 -4.30
CA GLU A 76 1.75 -10.57 -4.07
C GLU A 76 0.32 -10.37 -3.56
N LYS A 77 -0.52 -11.40 -3.74
CA LYS A 77 -1.92 -11.35 -3.31
C LYS A 77 -2.67 -10.24 -4.05
N ALA A 78 -2.12 -9.86 -5.19
CA ALA A 78 -2.72 -8.80 -6.00
C ALA A 78 -3.12 -9.32 -7.37
N PRO A 79 -4.42 -9.63 -7.56
CA PRO A 79 -4.95 -10.11 -8.84
C PRO A 79 -4.94 -9.01 -9.89
N HIS A 80 -4.77 -7.79 -9.43
CA HIS A 80 -4.73 -6.62 -10.32
C HIS A 80 -3.55 -5.74 -9.90
N GLU A 81 -3.62 -4.45 -10.23
CA GLU A 81 -2.56 -3.49 -9.90
C GLU A 81 -1.24 -3.93 -10.51
N LYS A 82 -1.22 -4.05 -11.84
CA LYS A 82 -0.03 -4.47 -12.56
C LYS A 82 0.10 -3.68 -13.85
N ILE A 83 1.03 -4.10 -14.70
CA ILE A 83 1.28 -3.47 -15.99
C ILE A 83 1.83 -2.06 -15.79
N VAL A 84 3.06 -1.98 -15.32
CA VAL A 84 3.71 -0.70 -15.09
C VAL A 84 4.41 -0.28 -16.37
N SER A 85 4.27 1.01 -16.71
CA SER A 85 4.88 1.54 -17.91
C SER A 85 6.41 1.41 -17.87
N TYR A 86 6.98 1.71 -16.71
CA TYR A 86 8.43 1.63 -16.53
C TYR A 86 8.80 1.87 -15.07
N GLU A 87 9.73 1.07 -14.56
CA GLU A 87 10.19 1.22 -13.18
C GLU A 87 11.40 2.16 -13.14
N ASN A 88 11.66 2.80 -14.28
CA ASN A 88 12.77 3.73 -14.45
C ASN A 88 14.10 3.06 -14.14
N GLY A 89 14.67 3.37 -12.98
CA GLY A 89 15.95 2.79 -12.59
C GLY A 89 17.03 3.05 -13.62
N ASP A 90 17.89 2.06 -13.84
CA ASP A 90 18.96 2.17 -14.82
C ASP A 90 18.51 1.59 -16.14
N ASN A 91 17.51 0.70 -16.06
CA ASN A 91 16.91 0.00 -17.21
C ASN A 91 17.97 -0.54 -18.17
N VAL A 92 18.18 0.14 -19.29
CA VAL A 92 19.16 -0.29 -20.28
C VAL A 92 19.86 0.90 -20.90
N ASN A 93 19.50 2.10 -20.46
CA ASN A 93 20.09 3.32 -21.00
C ASN A 93 20.98 4.01 -19.97
N LEU A 94 20.71 3.77 -18.69
CA LEU A 94 21.48 4.39 -17.63
C LEU A 94 22.32 3.36 -16.88
N SER A 95 22.43 2.18 -17.47
CA SER A 95 23.20 1.09 -16.88
C SER A 95 24.68 1.26 -17.20
N GLU A 96 25.22 2.44 -16.91
CA GLU A 96 26.63 2.72 -17.15
C GLU A 96 27.47 2.43 -15.92
N ALA A 97 27.56 3.40 -15.02
CA ALA A 97 28.35 3.23 -13.81
C ALA A 97 27.68 3.89 -12.62
N ILE A 98 27.25 3.07 -11.66
CA ILE A 98 26.61 3.58 -10.45
C ILE A 98 27.70 4.00 -9.49
N ASN A 99 28.82 3.31 -9.61
CA ASN A 99 29.99 3.57 -8.80
C ASN A 99 31.20 2.98 -9.49
N VAL A 100 32.33 3.65 -9.42
CA VAL A 100 33.53 3.18 -10.08
C VAL A 100 34.79 3.56 -9.29
N GLN A 101 35.04 2.82 -8.22
CA GLN A 101 36.20 3.06 -7.37
C GLN A 101 37.48 2.70 -8.11
N LEU A 102 37.35 1.85 -9.12
CA LEU A 102 38.48 1.42 -9.92
C LEU A 102 38.28 1.81 -11.38
N THR A 103 38.46 3.08 -11.67
CA THR A 103 38.32 3.57 -13.04
C THR A 103 39.65 3.48 -13.78
N LEU A 104 40.74 3.40 -13.01
CA LEU A 104 42.07 3.29 -13.57
C LEU A 104 42.73 2.01 -13.09
N ASP A 105 43.94 1.74 -13.58
CA ASP A 105 44.67 0.54 -13.19
C ASP A 105 45.29 0.68 -11.81
N THR A 106 45.00 1.79 -11.15
CA THR A 106 45.52 2.03 -9.81
C THR A 106 44.78 1.17 -8.78
N LYS A 107 45.06 -0.12 -8.81
CA LYS A 107 44.44 -1.08 -7.89
C LYS A 107 44.72 -0.69 -6.44
N LEU A 108 46.00 -0.64 -6.09
CA LEU A 108 46.46 -0.29 -4.74
C LEU A 108 45.69 -1.06 -3.66
N PRO A 109 45.91 -2.38 -3.57
CA PRO A 109 45.27 -3.24 -2.59
C PRO A 109 45.98 -3.25 -1.25
N GLU A 110 46.94 -2.34 -1.11
CA GLU A 110 47.73 -2.24 0.10
C GLU A 110 47.35 -1.01 0.91
N ALA A 111 47.64 0.18 0.36
CA ALA A 111 47.33 1.42 1.04
C ALA A 111 47.40 2.60 0.10
N LYS A 112 46.83 3.73 0.53
CA LYS A 112 46.82 4.96 -0.26
C LYS A 112 46.08 4.75 -1.58
N GLU A 113 44.98 4.01 -1.50
CA GLU A 113 44.16 3.69 -2.67
C GLU A 113 43.74 4.93 -3.45
N LEU A 114 43.41 6.00 -2.71
CA LEU A 114 42.99 7.27 -3.31
C LEU A 114 41.84 7.09 -4.31
N HIS A 115 40.99 6.10 -4.06
CA HIS A 115 39.87 5.82 -4.93
C HIS A 115 38.71 6.75 -4.60
N HIS A 116 38.97 8.03 -4.71
CA HIS A 116 37.96 9.05 -4.40
C HIS A 116 37.99 10.15 -5.44
N HIS A 117 38.36 9.80 -6.66
CA HIS A 117 38.45 10.76 -7.76
C HIS A 117 38.32 10.05 -9.10
N HIS A 118 37.32 10.46 -9.89
CA HIS A 118 37.09 9.86 -11.20
C HIS A 118 38.02 10.45 -12.25
N HIS A 119 38.71 11.53 -11.85
CA HIS A 119 39.67 12.25 -12.69
C HIS A 119 38.97 13.13 -13.73
N HIS A 120 37.90 12.61 -14.33
CA HIS A 120 37.13 13.34 -15.32
C HIS A 120 35.80 12.63 -15.55
N MET A 1 0.95 7.68 -6.95
CA MET A 1 0.34 6.41 -6.50
C MET A 1 -0.03 6.51 -5.03
N GLN A 2 -1.30 6.27 -4.71
CA GLN A 2 -1.75 6.35 -3.33
C GLN A 2 -2.25 4.99 -2.84
N ILE A 3 -1.92 4.66 -1.61
CA ILE A 3 -2.36 3.40 -1.00
C ILE A 3 -2.92 3.69 0.38
N TYR A 4 -4.18 3.43 0.59
CA TYR A 4 -4.82 3.68 1.87
C TYR A 4 -4.98 2.39 2.67
N THR A 5 -4.60 2.45 3.93
CA THR A 5 -4.70 1.29 4.81
C THR A 5 -5.42 1.65 6.10
N SER A 6 -5.88 0.63 6.82
CA SER A 6 -6.56 0.80 8.09
C SER A 6 -6.19 -0.34 9.02
N GLU A 7 -5.10 -0.15 9.75
CA GLU A 7 -4.58 -1.15 10.67
C GLU A 7 -5.50 -1.37 11.86
N LYS A 8 -6.35 -0.38 12.16
CA LYS A 8 -7.27 -0.49 13.27
C LYS A 8 -8.50 -1.27 12.82
N ARG A 9 -8.65 -1.41 11.52
CA ARG A 9 -9.77 -2.13 10.94
C ARG A 9 -9.33 -3.56 10.62
N GLY A 10 -8.13 -3.68 10.06
CA GLY A 10 -7.59 -4.99 9.73
C GLY A 10 -8.37 -5.68 8.61
N SER A 11 -8.76 -4.92 7.60
CA SER A 11 -9.51 -5.47 6.47
C SER A 11 -8.59 -6.26 5.55
N ASP A 12 -8.66 -7.59 5.64
CA ASP A 12 -7.84 -8.46 4.81
C ASP A 12 -8.46 -8.65 3.43
N THR A 13 -9.75 -9.02 3.44
CA THR A 13 -10.48 -9.25 2.19
C THR A 13 -10.96 -7.93 1.60
N ALA A 14 -11.18 -6.96 2.46
CA ALA A 14 -11.65 -5.64 2.04
C ALA A 14 -10.47 -4.69 1.89
N GLY A 15 -9.28 -5.26 1.82
CA GLY A 15 -8.09 -4.47 1.69
C GLY A 15 -7.55 -4.46 0.27
N ASN A 16 -7.73 -3.36 -0.41
CA ASN A 16 -7.25 -3.24 -1.78
C ASN A 16 -6.18 -2.17 -1.88
N GLY A 17 -6.19 -1.25 -0.93
CA GLY A 17 -5.21 -0.18 -0.92
C GLY A 17 -5.76 1.15 -1.35
N THR A 18 -7.06 1.34 -1.21
CA THR A 18 -7.70 2.59 -1.57
C THR A 18 -8.68 3.03 -0.49
N GLU A 19 -9.30 4.19 -0.68
CA GLU A 19 -10.28 4.68 0.27
C GLU A 19 -11.48 3.73 0.29
N GLU A 20 -11.80 3.24 -0.90
CA GLU A 20 -12.90 2.30 -1.10
C GLU A 20 -12.63 0.98 -0.37
N ALA A 21 -11.36 0.59 -0.37
CA ALA A 21 -10.95 -0.66 0.25
C ALA A 21 -9.61 -0.49 0.97
N PRO A 22 -9.64 -0.25 2.28
CA PRO A 22 -8.44 -0.04 3.08
C PRO A 22 -7.77 -1.34 3.47
N LEU A 23 -6.46 -1.44 3.22
CA LEU A 23 -5.72 -2.64 3.54
C LEU A 23 -5.59 -2.84 5.05
N LYS A 24 -5.38 -4.08 5.45
CA LYS A 24 -5.25 -4.45 6.86
C LYS A 24 -4.10 -3.73 7.54
N THR A 25 -2.92 -3.76 6.95
CA THR A 25 -1.76 -3.11 7.53
C THR A 25 -0.82 -2.60 6.46
N VAL A 26 0.18 -1.81 6.88
CA VAL A 26 1.17 -1.27 5.96
C VAL A 26 1.86 -2.40 5.19
N LEU A 27 2.03 -3.53 5.88
CA LEU A 27 2.67 -4.71 5.28
C LEU A 27 1.91 -5.14 4.02
N GLN A 28 0.59 -5.17 4.12
CA GLN A 28 -0.27 -5.58 3.03
C GLN A 28 -0.23 -4.58 1.87
N ALA A 29 0.26 -3.37 2.14
CA ALA A 29 0.38 -2.36 1.10
C ALA A 29 1.64 -2.60 0.29
N ILE A 30 2.66 -3.10 0.98
CA ILE A 30 3.95 -3.38 0.37
C ILE A 30 3.94 -4.69 -0.38
N VAL A 31 3.23 -5.67 0.15
CA VAL A 31 3.12 -6.98 -0.49
C VAL A 31 2.55 -6.87 -1.90
N LYS A 32 1.71 -5.87 -2.12
CA LYS A 32 1.09 -5.66 -3.44
C LYS A 32 2.09 -5.07 -4.42
N LEU A 33 3.11 -4.40 -3.90
CA LEU A 33 4.14 -3.80 -4.74
C LEU A 33 5.39 -4.67 -4.72
N ASP A 34 5.30 -5.80 -4.02
CA ASP A 34 6.41 -6.74 -3.87
C ASP A 34 7.66 -6.04 -3.34
N GLY A 35 7.46 -5.09 -2.44
CA GLY A 35 8.58 -4.38 -1.84
C GLY A 35 9.09 -3.22 -2.69
N LYS A 36 8.58 -3.08 -3.90
CA LYS A 36 9.02 -2.01 -4.78
C LYS A 36 8.26 -0.73 -4.48
N ILE A 37 8.77 0.03 -3.53
CA ILE A 37 8.15 1.28 -3.13
C ILE A 37 8.72 2.44 -3.94
N GLU A 38 7.95 2.88 -4.92
CA GLU A 38 8.35 3.99 -5.78
C GLU A 38 8.21 5.32 -5.04
N ALA A 39 8.93 6.33 -5.50
CA ALA A 39 8.88 7.66 -4.90
C ALA A 39 7.50 8.28 -5.07
N ASP A 40 6.74 7.75 -6.01
CA ASP A 40 5.39 8.23 -6.27
C ASP A 40 4.38 7.46 -5.42
N THR A 41 4.87 6.48 -4.67
CA THR A 41 4.01 5.69 -3.82
C THR A 41 3.84 6.34 -2.45
N ARG A 42 2.62 6.75 -2.15
CA ARG A 42 2.30 7.36 -0.88
C ARG A 42 1.32 6.47 -0.13
N ILE A 43 1.80 5.85 0.93
CA ILE A 43 0.96 4.96 1.72
C ILE A 43 0.40 5.70 2.92
N TRP A 44 -0.91 5.67 3.04
CA TRP A 44 -1.61 6.32 4.13
C TRP A 44 -2.15 5.27 5.08
N VAL A 45 -2.13 5.57 6.37
CA VAL A 45 -2.62 4.64 7.37
C VAL A 45 -3.95 5.11 7.94
N ASP A 46 -4.42 4.36 8.93
CA ASP A 46 -5.70 4.59 9.61
C ASP A 46 -5.98 6.07 9.90
N GLY A 47 -5.02 6.72 10.56
CA GLY A 47 -5.21 8.12 10.91
C GLY A 47 -4.99 8.36 12.39
N THR A 48 -4.09 9.27 12.73
CA THR A 48 -3.80 9.58 14.12
C THR A 48 -3.60 11.08 14.36
N GLY A 49 -3.14 11.78 13.32
CA GLY A 49 -2.90 13.20 13.43
C GLY A 49 -4.16 14.04 13.32
N ASP A 50 -4.15 14.98 12.37
CA ASP A 50 -5.29 15.88 12.17
C ASP A 50 -6.16 15.42 11.00
N GLU A 51 -5.50 15.05 9.90
CA GLU A 51 -6.19 14.60 8.71
C GLU A 51 -6.82 13.23 8.89
N MET A 52 -7.76 12.89 8.02
CA MET A 52 -8.45 11.61 8.08
C MET A 52 -7.46 10.46 8.03
N TRP A 53 -6.56 10.51 7.07
CA TRP A 53 -5.55 9.47 6.90
C TRP A 53 -4.21 10.02 7.35
N ASP A 54 -3.32 9.13 7.78
CA ASP A 54 -2.00 9.55 8.23
C ASP A 54 -0.94 9.02 7.28
N VAL A 55 0.26 9.58 7.37
CA VAL A 55 1.35 9.16 6.50
C VAL A 55 2.09 7.98 7.13
N VAL A 56 2.43 6.99 6.31
CA VAL A 56 3.14 5.83 6.80
C VAL A 56 4.54 6.20 7.27
N SER A 57 4.90 5.69 8.42
CA SER A 57 6.20 5.95 8.99
C SER A 57 7.24 5.09 8.28
N LYS A 58 8.37 5.69 7.96
CA LYS A 58 9.44 4.98 7.25
C LYS A 58 10.04 3.89 8.13
N SER A 59 9.85 4.03 9.44
CA SER A 59 10.36 3.08 10.40
C SER A 59 9.66 1.73 10.24
N LYS A 60 8.36 1.75 10.00
CA LYS A 60 7.59 0.53 9.83
C LYS A 60 7.62 0.10 8.37
N LEU A 61 7.48 1.07 7.48
CA LEU A 61 7.48 0.83 6.04
C LEU A 61 8.70 0.03 5.59
N LYS A 62 9.87 0.41 6.07
CA LYS A 62 11.10 -0.27 5.67
C LYS A 62 11.22 -1.65 6.31
N LYS A 63 10.81 -1.76 7.57
CA LYS A 63 10.87 -3.03 8.27
C LYS A 63 9.92 -4.04 7.66
N ALA A 64 8.73 -3.57 7.29
CA ALA A 64 7.72 -4.44 6.69
C ALA A 64 8.18 -4.93 5.32
N THR A 65 8.91 -4.09 4.59
CA THR A 65 9.42 -4.47 3.27
C THR A 65 10.40 -5.63 3.41
N LYS A 66 11.22 -5.57 4.45
CA LYS A 66 12.21 -6.60 4.70
C LYS A 66 11.53 -7.89 5.15
N GLN A 67 10.69 -7.78 6.18
CA GLN A 67 9.98 -8.93 6.71
C GLN A 67 9.17 -9.66 5.65
N TYR A 68 8.36 -8.91 4.91
CA TYR A 68 7.53 -9.49 3.86
C TYR A 68 8.36 -10.30 2.87
N HIS A 69 9.47 -9.74 2.43
CA HIS A 69 10.30 -10.42 1.44
C HIS A 69 11.07 -11.60 2.02
N ILE A 70 11.28 -11.59 3.32
CA ILE A 70 12.00 -12.67 3.98
C ILE A 70 11.07 -13.81 4.38
N GLN A 71 9.86 -13.47 4.79
CA GLN A 71 8.91 -14.49 5.24
C GLN A 71 8.09 -15.06 4.08
N THR A 72 7.39 -14.20 3.37
CA THR A 72 6.56 -14.63 2.24
C THR A 72 7.32 -14.58 0.93
N LYS A 73 8.09 -13.51 0.76
CA LYS A 73 8.90 -13.28 -0.44
C LYS A 73 8.03 -12.88 -1.63
N LYS A 74 6.72 -13.08 -1.48
CA LYS A 74 5.74 -12.76 -2.52
C LYS A 74 4.35 -13.06 -1.98
N GLN A 75 3.38 -12.20 -2.28
CA GLN A 75 2.02 -12.40 -1.82
C GLN A 75 1.06 -12.53 -2.99
N GLU A 76 0.73 -11.40 -3.61
CA GLU A 76 -0.19 -11.35 -4.75
C GLU A 76 -1.60 -11.73 -4.32
N LYS A 77 -2.34 -10.74 -3.83
CA LYS A 77 -3.71 -10.96 -3.38
C LYS A 77 -4.56 -9.75 -3.71
N ALA A 78 -5.85 -9.81 -3.33
CA ALA A 78 -6.80 -8.70 -3.57
C ALA A 78 -7.10 -8.58 -5.06
N PRO A 79 -8.10 -7.73 -5.45
CA PRO A 79 -8.48 -7.52 -6.86
C PRO A 79 -7.35 -6.92 -7.72
N HIS A 80 -6.15 -6.81 -7.11
CA HIS A 80 -4.97 -6.27 -7.78
C HIS A 80 -5.09 -4.76 -7.95
N GLU A 81 -5.91 -4.32 -8.90
CA GLU A 81 -6.08 -2.89 -9.14
C GLU A 81 -7.16 -2.34 -8.22
N LYS A 82 -7.29 -1.02 -8.21
CA LYS A 82 -8.24 -0.34 -7.34
C LYS A 82 -9.17 0.56 -8.16
N ILE A 83 -10.33 0.86 -7.62
CA ILE A 83 -11.28 1.74 -8.29
C ILE A 83 -11.01 3.18 -7.87
N VAL A 84 -9.87 3.69 -8.32
CA VAL A 84 -9.44 5.04 -8.01
C VAL A 84 -10.36 6.09 -8.62
N SER A 85 -11.40 6.44 -7.88
CA SER A 85 -12.36 7.43 -8.34
C SER A 85 -12.14 8.77 -7.63
N TYR A 86 -10.89 9.09 -7.37
CA TYR A 86 -10.55 10.34 -6.70
C TYR A 86 -10.46 11.49 -7.69
N GLU A 87 -10.35 12.71 -7.17
CA GLU A 87 -10.25 13.92 -7.98
C GLU A 87 -11.45 14.05 -8.93
N ASN A 88 -12.58 13.49 -8.54
CA ASN A 88 -13.79 13.56 -9.34
C ASN A 88 -14.65 14.74 -8.95
N GLY A 89 -15.18 14.70 -7.72
CA GLY A 89 -16.01 15.78 -7.24
C GLY A 89 -15.43 16.42 -5.99
N ASP A 90 -14.34 17.15 -6.16
CA ASP A 90 -13.68 17.80 -5.04
C ASP A 90 -13.70 19.32 -5.24
N ASN A 91 -13.20 20.04 -4.27
CA ASN A 91 -13.15 21.50 -4.32
C ASN A 91 -12.11 22.05 -3.36
N VAL A 92 -12.09 21.47 -2.13
CA VAL A 92 -11.17 21.87 -1.05
C VAL A 92 -11.09 23.39 -0.86
N ASN A 93 -10.12 23.84 -0.06
CA ASN A 93 -9.91 25.26 0.21
C ASN A 93 -11.13 25.90 0.86
N LEU A 94 -11.28 25.66 2.16
CA LEU A 94 -12.39 26.22 2.94
C LEU A 94 -13.73 25.65 2.46
N SER A 95 -13.86 24.33 2.57
CA SER A 95 -15.08 23.64 2.17
C SER A 95 -15.51 22.67 3.27
N GLU A 96 -14.71 22.58 4.31
CA GLU A 96 -14.99 21.69 5.42
C GLU A 96 -15.80 22.42 6.51
N ALA A 97 -15.96 21.76 7.66
CA ALA A 97 -16.71 22.34 8.76
C ALA A 97 -15.92 23.41 9.49
N ILE A 98 -15.75 24.56 8.86
CA ILE A 98 -15.01 25.66 9.44
C ILE A 98 -15.99 26.65 10.07
N ASN A 99 -17.20 26.67 9.55
CA ASN A 99 -18.23 27.56 10.05
C ASN A 99 -19.14 26.84 11.03
N VAL A 100 -18.83 25.59 11.31
CA VAL A 100 -19.62 24.78 12.22
C VAL A 100 -18.75 24.23 13.35
N GLN A 101 -18.49 25.06 14.35
CA GLN A 101 -17.67 24.67 15.49
C GLN A 101 -18.32 23.52 16.25
N LEU A 102 -19.64 23.61 16.43
CA LEU A 102 -20.37 22.58 17.12
C LEU A 102 -20.90 21.55 16.13
N THR A 103 -20.00 20.75 15.59
CA THR A 103 -20.35 19.72 14.63
C THR A 103 -20.72 18.41 15.33
N LEU A 104 -20.93 18.49 16.64
CA LEU A 104 -21.28 17.33 17.43
C LEU A 104 -22.68 17.48 18.01
N ASP A 105 -23.59 16.62 17.56
CA ASP A 105 -24.97 16.65 18.02
C ASP A 105 -25.22 15.47 18.96
N THR A 106 -26.05 15.70 19.98
CA THR A 106 -26.38 14.66 20.94
C THR A 106 -27.26 13.60 20.29
N LYS A 107 -27.95 13.99 19.23
CA LYS A 107 -28.82 13.09 18.50
C LYS A 107 -28.49 13.17 17.01
N LEU A 108 -27.37 12.57 16.65
CA LEU A 108 -26.91 12.56 15.27
C LEU A 108 -27.82 11.69 14.41
N PRO A 109 -28.28 12.24 13.27
CA PRO A 109 -29.16 11.51 12.35
C PRO A 109 -28.51 10.24 11.81
N GLU A 110 -29.28 9.15 11.82
CA GLU A 110 -28.86 7.84 11.34
C GLU A 110 -27.60 7.37 12.07
N ALA A 111 -26.46 7.43 11.38
CA ALA A 111 -25.20 7.01 11.95
C ALA A 111 -24.06 7.65 11.17
N LYS A 112 -22.85 7.53 11.67
CA LYS A 112 -21.68 8.09 11.01
C LYS A 112 -20.67 6.99 10.75
N GLU A 113 -20.73 5.97 11.60
CA GLU A 113 -19.85 4.82 11.51
C GLU A 113 -20.62 3.64 10.92
N LEU A 114 -21.93 3.65 11.16
CA LEU A 114 -22.85 2.63 10.67
C LEU A 114 -22.60 1.27 11.33
N HIS A 115 -23.40 0.28 10.93
CA HIS A 115 -23.31 -1.09 11.45
C HIS A 115 -23.72 -1.18 12.92
N HIS A 116 -23.00 -0.46 13.79
CA HIS A 116 -23.27 -0.45 15.23
C HIS A 116 -23.38 -1.86 15.79
N HIS A 117 -22.30 -2.63 15.64
CA HIS A 117 -22.21 -4.01 16.11
C HIS A 117 -23.11 -4.94 15.30
N HIS A 118 -24.42 -4.79 15.47
CA HIS A 118 -25.39 -5.61 14.75
C HIS A 118 -26.77 -4.98 14.85
N HIS A 119 -26.89 -3.77 14.33
CA HIS A 119 -28.16 -3.06 14.36
C HIS A 119 -28.66 -2.79 12.94
N HIS A 120 -29.95 -2.99 12.74
CA HIS A 120 -30.57 -2.73 11.45
C HIS A 120 -31.75 -1.77 11.66
N MET A 1 0.58 6.62 -6.83
CA MET A 1 -0.30 5.53 -6.34
C MET A 1 -0.54 5.70 -4.85
N GLN A 2 -1.81 5.79 -4.45
CA GLN A 2 -2.15 5.94 -3.05
C GLN A 2 -2.57 4.60 -2.47
N ILE A 3 -2.09 4.30 -1.29
CA ILE A 3 -2.43 3.07 -0.62
C ILE A 3 -2.94 3.38 0.78
N TYR A 4 -4.20 3.09 1.02
CA TYR A 4 -4.81 3.33 2.32
C TYR A 4 -4.75 2.08 3.19
N THR A 5 -4.18 2.23 4.38
CA THR A 5 -4.03 1.10 5.29
C THR A 5 -4.68 1.40 6.65
N SER A 6 -5.24 0.36 7.27
CA SER A 6 -5.84 0.48 8.58
C SER A 6 -5.57 -0.80 9.37
N GLU A 7 -4.41 -0.84 10.00
CA GLU A 7 -3.99 -1.99 10.78
C GLU A 7 -4.82 -2.17 12.03
N LYS A 8 -5.27 -1.05 12.59
CA LYS A 8 -6.09 -1.08 13.80
C LYS A 8 -7.49 -1.60 13.49
N ARG A 9 -7.82 -1.64 12.21
CA ARG A 9 -9.12 -2.13 11.77
C ARG A 9 -8.98 -3.56 11.29
N GLY A 10 -7.93 -3.83 10.53
CA GLY A 10 -7.70 -5.16 10.02
C GLY A 10 -8.79 -5.63 9.09
N SER A 11 -8.84 -5.07 7.89
CA SER A 11 -9.84 -5.44 6.91
C SER A 11 -9.26 -6.46 5.91
N ASP A 12 -9.64 -7.71 6.07
CA ASP A 12 -9.16 -8.77 5.18
C ASP A 12 -9.91 -8.75 3.86
N THR A 13 -11.24 -8.73 3.95
CA THR A 13 -12.09 -8.74 2.77
C THR A 13 -12.23 -7.33 2.16
N ALA A 14 -11.82 -6.32 2.92
CA ALA A 14 -11.90 -4.95 2.45
C ALA A 14 -10.51 -4.35 2.32
N GLY A 15 -9.50 -5.21 2.28
CA GLY A 15 -8.14 -4.76 2.18
C GLY A 15 -7.67 -4.64 0.75
N ASN A 16 -8.13 -3.61 0.06
CA ASN A 16 -7.71 -3.38 -1.32
C ASN A 16 -6.49 -2.48 -1.33
N GLY A 17 -6.50 -1.49 -0.45
CA GLY A 17 -5.41 -0.56 -0.36
C GLY A 17 -5.74 0.79 -0.96
N THR A 18 -7.02 1.15 -0.92
CA THR A 18 -7.45 2.43 -1.45
C THR A 18 -8.35 3.14 -0.45
N GLU A 19 -8.75 4.36 -0.79
CA GLU A 19 -9.58 5.18 0.08
C GLU A 19 -10.89 4.48 0.47
N GLU A 20 -11.48 3.76 -0.48
CA GLU A 20 -12.74 3.07 -0.23
C GLU A 20 -12.53 1.71 0.43
N ALA A 21 -11.31 1.20 0.39
CA ALA A 21 -11.01 -0.11 0.96
C ALA A 21 -9.64 -0.10 1.64
N PRO A 22 -9.62 -0.04 2.98
CA PRO A 22 -8.39 0.01 3.75
C PRO A 22 -7.75 -1.36 3.96
N LEU A 23 -6.44 -1.42 3.77
CA LEU A 23 -5.69 -2.65 3.95
C LEU A 23 -5.62 -3.05 5.42
N LYS A 24 -5.43 -4.34 5.66
CA LYS A 24 -5.34 -4.88 7.01
C LYS A 24 -4.01 -4.55 7.66
N THR A 25 -2.93 -4.73 6.91
CA THR A 25 -1.60 -4.45 7.42
C THR A 25 -0.78 -3.72 6.38
N VAL A 26 0.24 -3.01 6.83
CA VAL A 26 1.12 -2.27 5.93
C VAL A 26 1.88 -3.24 5.02
N LEU A 27 1.96 -4.50 5.47
CA LEU A 27 2.64 -5.54 4.71
C LEU A 27 1.94 -5.77 3.37
N GLN A 28 0.61 -5.74 3.41
CA GLN A 28 -0.20 -5.95 2.22
C GLN A 28 -0.04 -4.79 1.23
N ALA A 29 0.47 -3.68 1.71
CA ALA A 29 0.69 -2.53 0.84
C ALA A 29 1.97 -2.71 0.05
N ILE A 30 2.90 -3.46 0.63
CA ILE A 30 4.19 -3.71 0.02
C ILE A 30 4.17 -4.93 -0.89
N VAL A 31 3.32 -5.90 -0.57
CA VAL A 31 3.20 -7.12 -1.37
C VAL A 31 2.84 -6.79 -2.82
N LYS A 32 2.09 -5.71 -3.01
CA LYS A 32 1.64 -5.29 -4.33
C LYS A 32 2.78 -4.65 -5.13
N LEU A 33 3.81 -4.20 -4.44
CA LEU A 33 4.94 -3.56 -5.11
C LEU A 33 6.20 -4.42 -5.01
N ASP A 34 6.09 -5.52 -4.27
CA ASP A 34 7.19 -6.45 -4.06
C ASP A 34 8.38 -5.74 -3.41
N GLY A 35 8.08 -4.85 -2.47
CA GLY A 35 9.13 -4.14 -1.75
C GLY A 35 9.66 -2.92 -2.49
N LYS A 36 9.17 -2.69 -3.69
CA LYS A 36 9.64 -1.56 -4.49
C LYS A 36 8.81 -0.31 -4.20
N ILE A 37 9.23 0.42 -3.18
CA ILE A 37 8.56 1.65 -2.79
C ILE A 37 9.27 2.84 -3.44
N GLU A 38 8.58 3.54 -4.31
CA GLU A 38 9.18 4.67 -5.00
C GLU A 38 8.47 5.98 -4.67
N ALA A 39 8.87 7.06 -5.33
CA ALA A 39 8.33 8.40 -5.08
C ALA A 39 6.81 8.47 -5.29
N ASP A 40 6.29 7.77 -6.28
CA ASP A 40 4.86 7.79 -6.56
C ASP A 40 4.08 6.97 -5.53
N THR A 41 4.80 6.16 -4.77
CA THR A 41 4.17 5.33 -3.75
C THR A 41 3.81 6.16 -2.53
N ARG A 42 2.52 6.26 -2.25
CA ARG A 42 2.05 7.02 -1.09
C ARG A 42 1.15 6.15 -0.24
N ILE A 43 1.64 5.77 0.93
CA ILE A 43 0.87 4.93 1.83
C ILE A 43 0.32 5.77 2.97
N TRP A 44 -0.99 5.77 3.10
CA TRP A 44 -1.67 6.54 4.13
C TRP A 44 -2.39 5.62 5.10
N VAL A 45 -2.57 6.12 6.31
CA VAL A 45 -3.28 5.37 7.34
C VAL A 45 -4.62 6.06 7.61
N ASP A 46 -5.33 5.63 8.64
CA ASP A 46 -6.63 6.19 9.00
C ASP A 46 -6.56 7.68 9.33
N GLY A 47 -5.37 8.16 9.67
CA GLY A 47 -5.21 9.57 9.98
C GLY A 47 -4.73 9.82 11.38
N THR A 48 -4.13 10.99 11.60
CA THR A 48 -3.64 11.38 12.90
C THR A 48 -4.71 12.10 13.70
N GLY A 49 -5.88 12.25 13.10
CA GLY A 49 -6.98 12.93 13.75
C GLY A 49 -7.27 14.28 13.11
N ASP A 50 -6.21 15.06 12.91
CA ASP A 50 -6.34 16.38 12.29
C ASP A 50 -6.60 16.25 10.80
N GLU A 51 -5.86 15.35 10.19
CA GLU A 51 -5.98 15.13 8.76
C GLU A 51 -6.75 13.85 8.44
N MET A 52 -7.22 13.78 7.20
CA MET A 52 -7.98 12.64 6.73
C MET A 52 -7.06 11.46 6.47
N TRP A 53 -5.86 11.78 5.99
CA TRP A 53 -4.88 10.76 5.67
C TRP A 53 -3.54 11.10 6.30
N ASP A 54 -2.95 10.14 6.98
CA ASP A 54 -1.65 10.35 7.61
C ASP A 54 -0.61 9.48 6.93
N VAL A 55 0.64 9.89 7.01
CA VAL A 55 1.73 9.17 6.36
C VAL A 55 2.21 8.00 7.22
N VAL A 56 2.38 6.84 6.59
CA VAL A 56 2.86 5.67 7.30
C VAL A 56 4.30 5.88 7.79
N SER A 57 4.59 5.37 8.98
CA SER A 57 5.90 5.52 9.56
C SER A 57 6.94 4.71 8.77
N LYS A 58 8.08 5.34 8.50
CA LYS A 58 9.15 4.70 7.73
C LYS A 58 9.80 3.57 8.54
N SER A 59 9.81 3.72 9.86
CA SER A 59 10.40 2.73 10.75
C SER A 59 9.60 1.44 10.70
N LYS A 60 8.31 1.55 10.42
CA LYS A 60 7.43 0.39 10.33
C LYS A 60 7.44 -0.15 8.91
N LEU A 61 7.39 0.76 7.95
CA LEU A 61 7.36 0.41 6.53
C LEU A 61 8.61 -0.36 6.11
N LYS A 62 9.78 0.11 6.53
CA LYS A 62 11.04 -0.52 6.14
C LYS A 62 11.18 -1.91 6.78
N LYS A 63 10.63 -2.09 7.97
CA LYS A 63 10.70 -3.38 8.64
C LYS A 63 9.87 -4.41 7.89
N ALA A 64 8.73 -3.94 7.39
CA ALA A 64 7.83 -4.80 6.64
C ALA A 64 8.39 -5.08 5.24
N THR A 65 9.17 -4.15 4.71
CA THR A 65 9.77 -4.30 3.39
C THR A 65 10.65 -5.55 3.36
N LYS A 66 11.42 -5.74 4.43
CA LYS A 66 12.31 -6.88 4.54
C LYS A 66 11.52 -8.14 4.85
N GLN A 67 10.64 -8.04 5.85
CA GLN A 67 9.81 -9.17 6.27
C GLN A 67 9.07 -9.79 5.09
N TYR A 68 8.48 -8.94 4.26
CA TYR A 68 7.73 -9.40 3.10
C TYR A 68 8.61 -10.27 2.18
N HIS A 69 9.83 -9.82 1.94
CA HIS A 69 10.73 -10.53 1.05
C HIS A 69 11.34 -11.77 1.70
N ILE A 70 11.35 -11.79 3.02
CA ILE A 70 11.90 -12.93 3.75
C ILE A 70 10.85 -14.03 3.92
N GLN A 71 9.61 -13.64 4.19
CA GLN A 71 8.53 -14.60 4.40
C GLN A 71 7.95 -15.08 3.08
N THR A 72 7.49 -14.16 2.25
CA THR A 72 6.90 -14.52 0.96
C THR A 72 7.97 -14.97 -0.02
N LYS A 73 9.05 -14.19 -0.12
CA LYS A 73 10.18 -14.47 -1.04
C LYS A 73 9.72 -15.00 -2.40
N LYS A 74 8.67 -14.38 -2.93
CA LYS A 74 8.10 -14.75 -4.21
C LYS A 74 6.89 -13.88 -4.48
N GLN A 75 6.55 -13.71 -5.75
CA GLN A 75 5.41 -12.91 -6.14
C GLN A 75 4.73 -13.53 -7.36
N GLU A 76 3.42 -13.36 -7.45
CA GLU A 76 2.66 -13.91 -8.56
C GLU A 76 2.38 -12.83 -9.60
N LYS A 77 1.31 -12.99 -10.35
CA LYS A 77 0.93 -12.02 -11.37
C LYS A 77 -0.57 -11.76 -11.30
N ALA A 78 -0.97 -10.97 -10.31
CA ALA A 78 -2.38 -10.64 -10.12
C ALA A 78 -2.71 -9.31 -10.78
N PRO A 79 -3.84 -9.26 -11.51
CA PRO A 79 -4.27 -8.04 -12.20
C PRO A 79 -4.71 -6.95 -11.22
N HIS A 80 -4.45 -5.70 -11.59
CA HIS A 80 -4.81 -4.57 -10.75
C HIS A 80 -6.27 -4.19 -10.98
N GLU A 81 -7.16 -4.68 -10.13
CA GLU A 81 -8.57 -4.37 -10.23
C GLU A 81 -8.83 -2.92 -9.86
N LYS A 82 -9.98 -2.41 -10.26
CA LYS A 82 -10.38 -1.02 -10.01
C LYS A 82 -9.55 -0.06 -10.86
N ILE A 83 -10.21 0.59 -11.81
CA ILE A 83 -9.55 1.54 -12.68
C ILE A 83 -9.20 2.80 -11.91
N VAL A 84 -8.03 2.80 -11.30
CA VAL A 84 -7.58 3.94 -10.54
C VAL A 84 -6.55 4.74 -11.34
N SER A 85 -6.28 4.26 -12.54
CA SER A 85 -5.32 4.90 -13.43
C SER A 85 -5.97 6.05 -14.18
N TYR A 86 -5.94 7.23 -13.59
CA TYR A 86 -6.50 8.42 -14.20
C TYR A 86 -5.46 9.55 -14.23
N GLU A 87 -4.20 9.15 -14.31
CA GLU A 87 -3.10 10.11 -14.33
C GLU A 87 -2.76 10.49 -15.76
N ASN A 88 -3.04 9.58 -16.69
CA ASN A 88 -2.80 9.79 -18.12
C ASN A 88 -1.30 9.82 -18.43
N GLY A 89 -0.53 9.05 -17.66
CA GLY A 89 0.90 9.00 -17.88
C GLY A 89 1.64 10.15 -17.20
N ASP A 90 1.41 11.36 -17.69
CA ASP A 90 2.06 12.55 -17.16
C ASP A 90 1.21 13.79 -17.40
N ASN A 91 1.51 14.87 -16.71
CA ASN A 91 0.78 16.11 -16.84
C ASN A 91 1.67 17.29 -16.45
N VAL A 92 1.42 18.44 -17.06
CA VAL A 92 2.19 19.65 -16.80
C VAL A 92 2.21 19.98 -15.31
N ASN A 93 3.39 19.89 -14.72
CA ASN A 93 3.54 20.18 -13.30
C ASN A 93 4.42 21.40 -13.09
N LEU A 94 4.01 22.27 -12.19
CA LEU A 94 4.77 23.47 -11.89
C LEU A 94 5.83 23.17 -10.82
N SER A 95 6.88 22.48 -11.25
CA SER A 95 7.96 22.11 -10.34
C SER A 95 8.97 23.24 -10.17
N GLU A 96 8.66 24.41 -10.73
CA GLU A 96 9.53 25.56 -10.62
C GLU A 96 8.70 26.83 -10.51
N ALA A 97 9.35 27.90 -10.07
CA ALA A 97 8.69 29.19 -9.91
C ALA A 97 9.70 30.32 -10.02
N ILE A 98 10.69 30.12 -10.88
CA ILE A 98 11.74 31.11 -11.08
C ILE A 98 11.59 31.75 -12.46
N ASN A 99 11.13 30.97 -13.44
CA ASN A 99 10.94 31.48 -14.78
C ASN A 99 9.48 31.85 -14.97
N VAL A 100 8.64 31.13 -14.26
CA VAL A 100 7.19 31.35 -14.32
C VAL A 100 6.79 32.50 -13.40
N GLN A 101 7.63 32.77 -12.41
CA GLN A 101 7.35 33.84 -11.47
C GLN A 101 8.52 34.81 -11.36
N LEU A 102 9.47 34.51 -10.48
CA LEU A 102 10.64 35.36 -10.28
C LEU A 102 11.73 34.60 -9.55
N THR A 103 12.82 35.28 -9.25
CA THR A 103 13.95 34.67 -8.55
C THR A 103 13.65 34.44 -7.07
N LEU A 104 12.79 33.47 -6.78
CA LEU A 104 12.44 33.13 -5.42
C LEU A 104 13.50 32.21 -4.82
N ASP A 105 13.90 32.49 -3.59
CA ASP A 105 14.92 31.68 -2.93
C ASP A 105 14.35 30.34 -2.52
N THR A 106 15.11 29.28 -2.78
CA THR A 106 14.71 27.94 -2.43
C THR A 106 15.89 27.15 -1.88
N LYS A 107 16.77 27.83 -1.16
CA LYS A 107 17.95 27.17 -0.58
C LYS A 107 17.55 26.37 0.65
N LEU A 108 16.89 27.04 1.59
CA LEU A 108 16.44 26.42 2.84
C LEU A 108 15.66 27.46 3.67
N PRO A 109 16.27 28.63 3.99
CA PRO A 109 15.59 29.66 4.77
C PRO A 109 14.74 30.54 3.88
N GLU A 110 13.47 30.71 4.28
CA GLU A 110 12.52 31.54 3.53
C GLU A 110 12.26 30.96 2.15
N ALA A 111 12.45 29.66 2.00
CA ALA A 111 12.21 29.00 0.73
C ALA A 111 10.72 28.99 0.43
N LYS A 112 10.38 29.30 -0.82
CA LYS A 112 8.99 29.35 -1.23
C LYS A 112 8.29 30.46 -0.43
N GLU A 113 8.78 31.68 -0.64
CA GLU A 113 8.28 32.87 0.05
C GLU A 113 6.76 33.02 -0.05
N LEU A 114 6.08 32.70 1.03
CA LEU A 114 4.62 32.83 1.10
C LEU A 114 4.26 33.96 2.05
N HIS A 115 5.24 34.79 2.38
CA HIS A 115 5.03 35.92 3.28
C HIS A 115 4.33 37.08 2.60
N HIS A 116 3.17 36.80 2.00
CA HIS A 116 2.39 37.81 1.31
C HIS A 116 1.23 38.29 2.17
N HIS A 117 1.02 37.60 3.29
CA HIS A 117 -0.06 37.94 4.21
C HIS A 117 0.38 39.07 5.14
N HIS A 118 0.43 40.29 4.60
CA HIS A 118 0.85 41.44 5.40
C HIS A 118 -0.16 42.59 5.32
N HIS A 119 -1.34 42.31 4.76
CA HIS A 119 -2.39 43.33 4.64
C HIS A 119 -3.69 42.67 4.18
N HIS A 120 -3.98 41.51 4.77
CA HIS A 120 -5.17 40.74 4.43
C HIS A 120 -5.22 39.55 5.37
N MET A 1 1.24 5.70 -6.96
CA MET A 1 -0.13 5.32 -6.58
C MET A 1 -0.32 5.47 -5.08
N GLN A 2 -1.55 5.73 -4.66
CA GLN A 2 -1.85 5.89 -3.25
C GLN A 2 -2.22 4.55 -2.64
N ILE A 3 -1.69 4.28 -1.46
CA ILE A 3 -1.99 3.04 -0.77
C ILE A 3 -2.45 3.33 0.64
N TYR A 4 -3.69 2.99 0.95
CA TYR A 4 -4.24 3.24 2.27
C TYR A 4 -4.28 1.95 3.08
N THR A 5 -3.84 2.04 4.33
CA THR A 5 -3.82 0.89 5.22
C THR A 5 -4.55 1.22 6.53
N SER A 6 -5.31 0.26 7.04
CA SER A 6 -6.02 0.46 8.29
C SER A 6 -5.83 -0.76 9.17
N GLU A 7 -4.76 -0.73 9.95
CA GLU A 7 -4.42 -1.84 10.84
C GLU A 7 -5.43 -1.97 11.96
N LYS A 8 -6.12 -0.86 12.27
CA LYS A 8 -7.14 -0.86 13.29
C LYS A 8 -8.43 -1.49 12.78
N ARG A 9 -8.50 -1.61 11.46
CA ARG A 9 -9.66 -2.21 10.81
C ARG A 9 -9.37 -3.66 10.47
N GLY A 10 -8.15 -3.93 10.00
CA GLY A 10 -7.74 -5.27 9.67
C GLY A 10 -8.54 -5.87 8.52
N SER A 11 -8.77 -5.08 7.49
CA SER A 11 -9.53 -5.56 6.35
C SER A 11 -8.65 -6.35 5.38
N ASP A 12 -8.74 -7.68 5.45
CA ASP A 12 -7.98 -8.54 4.55
C ASP A 12 -8.76 -8.73 3.26
N THR A 13 -10.02 -9.10 3.42
CA THR A 13 -10.92 -9.36 2.30
C THR A 13 -11.53 -8.06 1.77
N ALA A 14 -11.18 -6.95 2.38
CA ALA A 14 -11.68 -5.64 1.98
C ALA A 14 -10.52 -4.68 1.77
N GLY A 15 -9.33 -5.23 1.65
CA GLY A 15 -8.16 -4.41 1.47
C GLY A 15 -7.67 -4.37 0.04
N ASN A 16 -7.93 -3.28 -0.65
CA ASN A 16 -7.48 -3.11 -2.02
C ASN A 16 -6.31 -2.14 -2.05
N GLY A 17 -6.25 -1.31 -1.01
CA GLY A 17 -5.20 -0.33 -0.90
C GLY A 17 -5.72 1.06 -1.20
N THR A 18 -7.04 1.18 -1.27
CA THR A 18 -7.67 2.45 -1.56
C THR A 18 -8.37 2.99 -0.30
N GLU A 19 -9.24 3.99 -0.45
CA GLU A 19 -9.91 4.58 0.71
C GLU A 19 -11.11 3.76 1.16
N GLU A 20 -11.97 3.42 0.21
CA GLU A 20 -13.15 2.63 0.51
C GLU A 20 -12.76 1.19 0.84
N ALA A 21 -11.62 0.77 0.31
CA ALA A 21 -11.09 -0.57 0.54
C ALA A 21 -9.66 -0.47 1.10
N PRO A 22 -9.54 -0.28 2.43
CA PRO A 22 -8.26 -0.13 3.09
C PRO A 22 -7.63 -1.48 3.45
N LEU A 23 -6.32 -1.57 3.24
CA LEU A 23 -5.59 -2.80 3.53
C LEU A 23 -5.51 -3.09 5.02
N LYS A 24 -5.24 -4.34 5.36
CA LYS A 24 -5.14 -4.77 6.75
C LYS A 24 -3.89 -4.21 7.43
N THR A 25 -2.73 -4.52 6.88
CA THR A 25 -1.47 -4.05 7.47
C THR A 25 -0.56 -3.44 6.43
N VAL A 26 0.46 -2.73 6.90
CA VAL A 26 1.45 -2.07 6.03
C VAL A 26 2.16 -3.09 5.12
N LEU A 27 2.21 -4.35 5.55
CA LEU A 27 2.85 -5.39 4.76
C LEU A 27 2.14 -5.54 3.43
N GLN A 28 0.83 -5.36 3.45
CA GLN A 28 0.00 -5.48 2.26
C GLN A 28 0.16 -4.26 1.38
N ALA A 29 0.71 -3.20 1.94
CA ALA A 29 0.92 -1.98 1.18
C ALA A 29 2.12 -2.17 0.26
N ILE A 30 3.01 -3.07 0.64
CA ILE A 30 4.21 -3.34 -0.14
C ILE A 30 3.99 -4.44 -1.16
N VAL A 31 3.06 -5.35 -0.89
CA VAL A 31 2.76 -6.45 -1.82
C VAL A 31 2.25 -5.90 -3.15
N LYS A 32 1.63 -4.73 -3.09
CA LYS A 32 1.10 -4.06 -4.28
C LYS A 32 2.22 -3.46 -5.10
N LEU A 33 3.40 -3.34 -4.50
CA LEU A 33 4.55 -2.75 -5.16
C LEU A 33 5.58 -3.81 -5.55
N ASP A 34 5.39 -5.04 -5.05
CA ASP A 34 6.31 -6.14 -5.34
C ASP A 34 7.71 -5.80 -4.76
N GLY A 35 7.71 -4.96 -3.73
CA GLY A 35 8.95 -4.54 -3.11
C GLY A 35 9.63 -3.45 -3.90
N LYS A 36 9.02 -3.06 -5.01
CA LYS A 36 9.54 -2.01 -5.87
C LYS A 36 8.82 -0.71 -5.60
N ILE A 37 9.47 0.17 -4.84
CA ILE A 37 8.88 1.46 -4.49
C ILE A 37 9.00 2.45 -5.65
N GLU A 38 7.87 2.99 -6.07
CA GLU A 38 7.86 3.95 -7.16
C GLU A 38 7.97 5.37 -6.62
N ALA A 39 8.10 6.33 -7.52
CA ALA A 39 8.21 7.73 -7.13
C ALA A 39 6.89 8.29 -6.65
N ASP A 40 5.81 7.62 -7.03
CA ASP A 40 4.48 8.07 -6.64
C ASP A 40 3.94 7.22 -5.49
N THR A 41 4.80 6.43 -4.86
CA THR A 41 4.36 5.59 -3.75
C THR A 41 4.03 6.44 -2.52
N ARG A 42 2.78 6.43 -2.12
CA ARG A 42 2.34 7.16 -0.95
C ARG A 42 1.45 6.26 -0.11
N ILE A 43 1.95 5.82 1.03
CA ILE A 43 1.20 4.95 1.90
C ILE A 43 0.62 5.72 3.06
N TRP A 44 -0.67 5.60 3.23
CA TRP A 44 -1.40 6.28 4.28
C TRP A 44 -1.88 5.26 5.29
N VAL A 45 -1.95 5.66 6.55
CA VAL A 45 -2.40 4.76 7.61
C VAL A 45 -3.79 5.13 8.10
N ASP A 46 -4.22 4.44 9.15
CA ASP A 46 -5.53 4.63 9.77
C ASP A 46 -5.81 6.11 10.08
N GLY A 47 -4.81 6.79 10.61
CA GLY A 47 -4.97 8.19 10.96
C GLY A 47 -4.52 8.47 12.37
N THR A 48 -3.64 9.45 12.55
CA THR A 48 -3.15 9.80 13.87
C THR A 48 -2.81 11.28 13.94
N GLY A 49 -3.47 12.07 13.11
CA GLY A 49 -3.22 13.49 13.08
C GLY A 49 -4.47 14.32 12.89
N ASP A 50 -4.34 15.42 12.16
CA ASP A 50 -5.46 16.33 11.89
C ASP A 50 -6.40 15.73 10.87
N GLU A 51 -5.82 15.17 9.83
CA GLU A 51 -6.57 14.59 8.74
C GLU A 51 -7.04 13.18 9.03
N MET A 52 -7.95 12.70 8.17
CA MET A 52 -8.51 11.36 8.31
C MET A 52 -7.41 10.31 8.17
N TRP A 53 -6.62 10.45 7.11
CA TRP A 53 -5.54 9.51 6.85
C TRP A 53 -4.20 10.16 7.15
N ASP A 54 -3.30 9.39 7.73
CA ASP A 54 -1.98 9.90 8.06
C ASP A 54 -0.94 9.21 7.21
N VAL A 55 0.30 9.64 7.31
CA VAL A 55 1.38 9.06 6.52
C VAL A 55 2.02 7.90 7.28
N VAL A 56 2.42 6.86 6.54
CA VAL A 56 3.06 5.71 7.15
C VAL A 56 4.38 6.11 7.79
N SER A 57 4.61 5.62 9.00
CA SER A 57 5.82 5.93 9.73
C SER A 57 7.02 5.28 9.04
N LYS A 58 8.11 6.05 8.92
CA LYS A 58 9.32 5.56 8.28
C LYS A 58 9.91 4.38 9.05
N SER A 59 9.69 4.36 10.35
CA SER A 59 10.18 3.28 11.20
C SER A 59 9.36 2.01 10.98
N LYS A 60 8.08 2.21 10.67
CA LYS A 60 7.18 1.09 10.42
C LYS A 60 7.42 0.53 9.03
N LEU A 61 7.62 1.42 8.06
CA LEU A 61 7.86 1.02 6.69
C LEU A 61 9.15 0.20 6.58
N LYS A 62 10.21 0.69 7.23
CA LYS A 62 11.49 0.00 7.21
C LYS A 62 11.42 -1.33 7.95
N LYS A 63 10.47 -1.44 8.86
CA LYS A 63 10.27 -2.66 9.61
C LYS A 63 9.59 -3.69 8.71
N ALA A 64 8.55 -3.23 8.01
CA ALA A 64 7.80 -4.07 7.10
C ALA A 64 8.65 -4.50 5.91
N THR A 65 9.62 -3.67 5.55
CA THR A 65 10.53 -3.97 4.44
C THR A 65 11.22 -5.31 4.67
N LYS A 66 11.55 -5.56 5.94
CA LYS A 66 12.22 -6.80 6.32
C LYS A 66 11.23 -7.95 6.36
N GLN A 67 10.08 -7.72 7.01
CA GLN A 67 9.04 -8.73 7.14
C GLN A 67 8.53 -9.17 5.77
N TYR A 68 8.48 -8.24 4.84
CA TYR A 68 8.02 -8.50 3.48
C TYR A 68 8.81 -9.64 2.84
N HIS A 69 10.12 -9.59 3.00
CA HIS A 69 11.00 -10.60 2.42
C HIS A 69 10.80 -11.95 3.11
N ILE A 70 10.26 -11.90 4.31
CA ILE A 70 10.00 -13.11 5.08
C ILE A 70 8.62 -13.69 4.76
N GLN A 71 7.66 -12.81 4.51
CA GLN A 71 6.29 -13.23 4.20
C GLN A 71 6.09 -13.62 2.75
N THR A 72 6.51 -12.77 1.83
CA THR A 72 6.35 -13.03 0.40
C THR A 72 7.03 -14.32 -0.03
N LYS A 73 8.04 -14.75 0.71
CA LYS A 73 8.76 -15.99 0.39
C LYS A 73 7.95 -17.23 0.71
N LYS A 74 6.81 -17.03 1.37
CA LYS A 74 5.95 -18.14 1.75
C LYS A 74 4.68 -18.18 0.89
N GLN A 75 4.59 -17.21 -0.03
CA GLN A 75 3.45 -17.11 -0.94
C GLN A 75 2.12 -17.00 -0.18
N GLU A 76 2.14 -16.27 0.93
CA GLU A 76 0.94 -16.11 1.76
C GLU A 76 -0.07 -15.17 1.11
N LYS A 77 0.40 -14.27 0.25
CA LYS A 77 -0.48 -13.34 -0.44
C LYS A 77 0.05 -13.07 -1.84
N ALA A 78 -0.82 -13.21 -2.83
CA ALA A 78 -0.45 -13.00 -4.22
C ALA A 78 -1.68 -12.61 -5.07
N PRO A 79 -2.77 -13.42 -5.05
CA PRO A 79 -3.97 -13.08 -5.84
C PRO A 79 -4.66 -11.83 -5.31
N HIS A 80 -5.11 -10.98 -6.23
CA HIS A 80 -5.79 -9.74 -5.86
C HIS A 80 -7.18 -10.05 -5.31
N GLU A 81 -7.50 -9.41 -4.19
CA GLU A 81 -8.79 -9.58 -3.55
C GLU A 81 -9.90 -9.02 -4.43
N LYS A 82 -10.71 -9.93 -5.00
CA LYS A 82 -11.82 -9.56 -5.87
C LYS A 82 -11.33 -8.83 -7.13
N ILE A 83 -12.26 -8.26 -7.87
CA ILE A 83 -11.94 -7.52 -9.08
C ILE A 83 -12.49 -6.10 -8.97
N VAL A 84 -11.65 -5.12 -9.24
CA VAL A 84 -12.05 -3.73 -9.14
C VAL A 84 -11.96 -3.05 -10.50
N SER A 85 -12.91 -2.17 -10.77
CA SER A 85 -12.96 -1.43 -12.03
C SER A 85 -12.17 -0.14 -11.93
N TYR A 86 -11.55 0.27 -13.02
CA TYR A 86 -10.76 1.49 -13.07
C TYR A 86 -11.23 2.38 -14.20
N GLU A 87 -12.02 1.79 -15.10
CA GLU A 87 -12.55 2.51 -16.24
C GLU A 87 -13.99 2.92 -15.95
N ASN A 88 -14.66 2.13 -15.12
CA ASN A 88 -16.03 2.38 -14.74
C ASN A 88 -16.07 3.34 -13.55
N GLY A 89 -16.44 4.59 -13.81
CA GLY A 89 -16.51 5.57 -12.75
C GLY A 89 -17.69 6.52 -12.93
N ASP A 90 -17.53 7.74 -12.44
CA ASP A 90 -18.59 8.73 -12.53
C ASP A 90 -18.36 9.64 -13.74
N ASN A 91 -19.13 10.70 -13.85
CA ASN A 91 -19.01 11.64 -14.96
C ASN A 91 -19.30 13.06 -14.51
N VAL A 92 -18.24 13.82 -14.22
CA VAL A 92 -18.34 15.21 -13.78
C VAL A 92 -19.10 15.32 -12.46
N ASN A 93 -18.61 14.62 -11.46
CA ASN A 93 -19.24 14.64 -10.15
C ASN A 93 -18.37 15.39 -9.16
N LEU A 94 -18.51 16.71 -9.14
CA LEU A 94 -17.76 17.58 -8.25
C LEU A 94 -16.25 17.47 -8.51
N SER A 95 -15.90 17.30 -9.78
CA SER A 95 -14.50 17.19 -10.21
C SER A 95 -13.85 15.91 -9.68
N GLU A 96 -14.34 14.78 -10.16
CA GLU A 96 -13.83 13.47 -9.75
C GLU A 96 -12.54 13.15 -10.50
N ALA A 97 -12.21 13.97 -11.49
CA ALA A 97 -11.01 13.78 -12.29
C ALA A 97 -9.77 14.22 -11.53
N ILE A 98 -9.46 13.50 -10.46
CA ILE A 98 -8.30 13.79 -9.64
C ILE A 98 -7.02 13.25 -10.31
N ASN A 99 -7.22 12.44 -11.34
CA ASN A 99 -6.12 11.84 -12.11
C ASN A 99 -5.46 10.70 -11.35
N VAL A 100 -5.22 10.93 -10.07
CA VAL A 100 -4.58 9.96 -9.20
C VAL A 100 -5.42 8.69 -9.05
N GLN A 101 -5.15 7.75 -9.95
CA GLN A 101 -5.82 6.45 -10.00
C GLN A 101 -5.41 5.72 -11.26
N LEU A 102 -5.42 6.45 -12.37
CA LEU A 102 -5.05 5.88 -13.66
C LEU A 102 -3.57 6.12 -13.91
N THR A 103 -2.94 6.86 -13.02
CA THR A 103 -1.53 7.17 -13.10
C THR A 103 -0.68 5.98 -12.67
N LEU A 104 -0.57 4.99 -13.55
CA LEU A 104 0.21 3.80 -13.28
C LEU A 104 1.52 3.80 -14.06
N ASP A 105 2.62 3.81 -13.33
CA ASP A 105 3.95 3.79 -13.95
C ASP A 105 4.27 2.40 -14.45
N THR A 106 5.10 2.31 -15.47
CA THR A 106 5.50 1.04 -16.03
C THR A 106 6.76 0.55 -15.35
N LYS A 107 7.75 1.45 -15.24
CA LYS A 107 9.03 1.15 -14.61
C LYS A 107 9.98 2.34 -14.75
N LEU A 108 9.78 3.33 -13.89
CA LEU A 108 10.62 4.52 -13.88
C LEU A 108 12.09 4.15 -13.63
N PRO A 109 12.40 3.38 -12.55
CA PRO A 109 13.77 2.97 -12.27
C PRO A 109 14.11 1.66 -12.95
N GLU A 110 15.40 1.32 -12.95
CA GLU A 110 15.87 0.09 -13.56
C GLU A 110 15.33 -1.13 -12.80
N ALA A 111 15.19 -2.24 -13.50
CA ALA A 111 14.68 -3.47 -12.89
C ALA A 111 15.80 -4.25 -12.20
N LYS A 112 17.03 -3.82 -12.40
CA LYS A 112 18.19 -4.48 -11.81
C LYS A 112 19.17 -3.44 -11.29
N GLU A 113 18.78 -2.75 -10.22
CA GLU A 113 19.62 -1.71 -9.64
C GLU A 113 20.56 -2.26 -8.58
N LEU A 114 21.49 -1.40 -8.20
CA LEU A 114 22.48 -1.71 -7.17
C LEU A 114 22.66 -0.47 -6.30
N HIS A 115 21.67 0.41 -6.39
CA HIS A 115 21.68 1.68 -5.66
C HIS A 115 21.12 1.51 -4.25
N HIS A 116 20.36 0.45 -4.03
CA HIS A 116 19.77 0.19 -2.73
C HIS A 116 20.84 -0.22 -1.72
N HIS A 117 22.02 -0.57 -2.24
CA HIS A 117 23.16 -0.98 -1.42
C HIS A 117 22.83 -2.20 -0.57
N HIS A 118 21.90 -3.02 -1.07
CA HIS A 118 21.50 -4.23 -0.35
C HIS A 118 20.98 -5.27 -1.33
N HIS A 119 21.72 -5.45 -2.42
CA HIS A 119 21.34 -6.42 -3.43
C HIS A 119 22.20 -7.68 -3.30
N HIS A 120 21.61 -8.82 -3.59
CA HIS A 120 22.33 -10.08 -3.52
C HIS A 120 22.09 -10.85 -4.81
N MET A 1 0.53 6.58 -7.46
CA MET A 1 -0.65 5.93 -6.85
C MET A 1 -0.56 5.99 -5.33
N GLN A 2 -1.69 6.17 -4.67
CA GLN A 2 -1.73 6.24 -3.22
C GLN A 2 -2.34 4.98 -2.66
N ILE A 3 -1.78 4.46 -1.58
CA ILE A 3 -2.30 3.28 -0.93
C ILE A 3 -2.75 3.64 0.48
N TYR A 4 -4.04 3.52 0.74
CA TYR A 4 -4.58 3.86 2.04
C TYR A 4 -4.73 2.61 2.90
N THR A 5 -4.19 2.68 4.11
CA THR A 5 -4.25 1.57 5.04
C THR A 5 -4.92 1.98 6.35
N SER A 6 -5.75 1.11 6.89
CA SER A 6 -6.43 1.37 8.15
C SER A 6 -6.12 0.26 9.14
N GLU A 7 -5.24 0.55 10.07
CA GLU A 7 -4.81 -0.43 11.07
C GLU A 7 -5.86 -0.57 12.15
N LYS A 8 -6.63 0.49 12.31
CA LYS A 8 -7.68 0.53 13.32
C LYS A 8 -8.92 -0.19 12.81
N ARG A 9 -8.97 -0.42 11.51
CA ARG A 9 -10.11 -1.08 10.88
C ARG A 9 -9.80 -2.54 10.62
N GLY A 10 -8.56 -2.81 10.21
CA GLY A 10 -8.14 -4.18 9.92
C GLY A 10 -9.00 -4.87 8.87
N SER A 11 -9.26 -4.17 7.78
CA SER A 11 -10.07 -4.72 6.71
C SER A 11 -9.22 -5.55 5.76
N ASP A 12 -9.31 -6.88 5.88
CA ASP A 12 -8.57 -7.77 5.01
C ASP A 12 -9.31 -7.97 3.69
N THR A 13 -10.58 -8.32 3.80
CA THR A 13 -11.43 -8.55 2.62
C THR A 13 -11.83 -7.23 1.98
N ALA A 14 -11.81 -6.17 2.77
CA ALA A 14 -12.17 -4.85 2.28
C ALA A 14 -10.92 -4.00 2.13
N GLY A 15 -9.78 -4.65 2.09
CA GLY A 15 -8.52 -3.96 1.97
C GLY A 15 -7.97 -3.99 0.57
N ASN A 16 -8.26 -2.97 -0.21
CA ASN A 16 -7.76 -2.88 -1.57
C ASN A 16 -6.59 -1.90 -1.62
N GLY A 17 -6.62 -0.95 -0.68
CA GLY A 17 -5.60 0.07 -0.61
C GLY A 17 -6.11 1.42 -1.09
N THR A 18 -7.43 1.54 -1.13
CA THR A 18 -8.06 2.77 -1.55
C THR A 18 -8.82 3.40 -0.38
N GLU A 19 -9.41 4.57 -0.59
CA GLU A 19 -10.18 5.22 0.47
C GLU A 19 -11.48 4.45 0.70
N GLU A 20 -12.01 3.92 -0.40
CA GLU A 20 -13.24 3.11 -0.35
C GLU A 20 -12.96 1.78 0.32
N ALA A 21 -11.85 1.17 -0.07
CA ALA A 21 -11.44 -0.10 0.47
C ALA A 21 -10.07 0.03 1.14
N PRO A 22 -10.07 0.34 2.44
CA PRO A 22 -8.84 0.53 3.20
C PRO A 22 -8.18 -0.78 3.61
N LEU A 23 -6.89 -0.85 3.37
CA LEU A 23 -6.10 -2.03 3.68
C LEU A 23 -6.00 -2.25 5.19
N LYS A 24 -5.60 -3.46 5.60
CA LYS A 24 -5.47 -3.78 7.00
C LYS A 24 -4.10 -3.41 7.55
N THR A 25 -3.06 -3.70 6.76
CA THR A 25 -1.70 -3.41 7.19
C THR A 25 -0.84 -2.98 6.01
N VAL A 26 0.22 -2.24 6.31
CA VAL A 26 1.15 -1.75 5.29
C VAL A 26 1.83 -2.91 4.57
N LEU A 27 1.89 -4.06 5.23
CA LEU A 27 2.51 -5.25 4.66
C LEU A 27 1.81 -5.66 3.38
N GLN A 28 0.47 -5.61 3.39
CA GLN A 28 -0.33 -5.98 2.22
C GLN A 28 -0.15 -4.97 1.09
N ALA A 29 0.37 -3.80 1.42
CA ALA A 29 0.60 -2.79 0.41
C ALA A 29 1.89 -3.10 -0.32
N ILE A 30 2.84 -3.65 0.41
CA ILE A 30 4.15 -4.00 -0.15
C ILE A 30 4.08 -5.28 -0.96
N VAL A 31 3.25 -6.22 -0.53
CA VAL A 31 3.10 -7.50 -1.24
C VAL A 31 2.63 -7.27 -2.68
N LYS A 32 1.86 -6.20 -2.89
CA LYS A 32 1.32 -5.87 -4.20
C LYS A 32 2.38 -5.16 -5.06
N LEU A 33 3.48 -4.77 -4.43
CA LEU A 33 4.55 -4.08 -5.14
C LEU A 33 5.78 -4.96 -5.24
N ASP A 34 5.71 -6.13 -4.62
CA ASP A 34 6.81 -7.10 -4.62
C ASP A 34 8.08 -6.50 -4.01
N GLY A 35 7.88 -5.51 -3.14
CA GLY A 35 9.00 -4.86 -2.49
C GLY A 35 9.52 -3.66 -3.28
N LYS A 36 8.90 -3.40 -4.41
CA LYS A 36 9.29 -2.28 -5.25
C LYS A 36 8.51 -1.03 -4.89
N ILE A 37 9.07 -0.24 -3.98
CA ILE A 37 8.44 1.00 -3.57
C ILE A 37 8.80 2.10 -4.55
N GLU A 38 7.95 2.30 -5.54
CA GLU A 38 8.17 3.30 -6.56
C GLU A 38 7.96 4.71 -6.01
N ALA A 39 8.61 5.68 -6.62
CA ALA A 39 8.51 7.07 -6.19
C ALA A 39 7.08 7.58 -6.31
N ASP A 40 6.32 6.99 -7.22
CA ASP A 40 4.92 7.37 -7.43
C ASP A 40 4.04 6.67 -6.39
N THR A 41 4.58 5.66 -5.75
CA THR A 41 3.83 4.91 -4.76
C THR A 41 3.98 5.52 -3.38
N ARG A 42 2.87 5.99 -2.83
CA ARG A 42 2.86 6.59 -1.51
C ARG A 42 1.79 5.94 -0.66
N ILE A 43 2.20 5.38 0.47
CA ILE A 43 1.28 4.71 1.37
C ILE A 43 0.85 5.64 2.48
N TRP A 44 -0.45 5.65 2.73
CA TRP A 44 -1.03 6.47 3.77
C TRP A 44 -1.62 5.59 4.85
N VAL A 45 -1.50 6.01 6.09
CA VAL A 45 -2.03 5.25 7.21
C VAL A 45 -3.27 5.92 7.78
N ASP A 46 -3.88 5.26 8.75
CA ASP A 46 -5.10 5.72 9.41
C ASP A 46 -4.85 7.00 10.21
N GLY A 47 -3.59 7.27 10.50
CA GLY A 47 -3.24 8.46 11.27
C GLY A 47 -3.34 8.23 12.76
N THR A 48 -3.40 9.32 13.52
CA THR A 48 -3.50 9.23 14.96
C THR A 48 -4.96 9.30 15.41
N GLY A 49 -5.68 10.32 14.97
CA GLY A 49 -7.08 10.46 15.36
C GLY A 49 -7.80 11.58 14.65
N ASP A 50 -7.10 12.68 14.41
CA ASP A 50 -7.69 13.84 13.74
C ASP A 50 -7.43 13.72 12.24
N GLU A 51 -6.22 13.30 11.93
CA GLU A 51 -5.79 13.12 10.57
C GLU A 51 -6.27 11.77 10.04
N MET A 52 -7.28 11.81 9.18
CA MET A 52 -7.84 10.59 8.60
C MET A 52 -6.78 9.79 7.87
N TRP A 53 -5.85 10.49 7.23
CA TRP A 53 -4.78 9.83 6.51
C TRP A 53 -3.46 10.52 6.78
N ASP A 54 -2.46 9.74 7.12
CA ASP A 54 -1.12 10.25 7.41
C ASP A 54 -0.13 9.49 6.55
N VAL A 55 1.06 10.05 6.36
CA VAL A 55 2.08 9.40 5.55
C VAL A 55 2.67 8.21 6.31
N VAL A 56 2.88 7.10 5.62
CA VAL A 56 3.44 5.92 6.26
C VAL A 56 4.79 6.25 6.89
N SER A 57 4.91 5.92 8.15
CA SER A 57 6.12 6.19 8.89
C SER A 57 7.27 5.38 8.31
N LYS A 58 8.42 6.03 8.16
CA LYS A 58 9.62 5.39 7.61
C LYS A 58 10.10 4.26 8.51
N SER A 59 9.70 4.31 9.77
CA SER A 59 10.08 3.30 10.74
C SER A 59 9.15 2.09 10.63
N LYS A 60 7.92 2.34 10.24
CA LYS A 60 6.91 1.29 10.11
C LYS A 60 7.04 0.63 8.75
N LEU A 61 7.30 1.43 7.72
CA LEU A 61 7.45 0.92 6.37
C LEU A 61 8.64 -0.02 6.27
N LYS A 62 9.78 0.40 6.82
CA LYS A 62 10.99 -0.41 6.79
C LYS A 62 10.83 -1.67 7.63
N LYS A 63 9.93 -1.61 8.61
CA LYS A 63 9.67 -2.75 9.48
C LYS A 63 8.93 -3.84 8.71
N ALA A 64 7.97 -3.43 7.90
CA ALA A 64 7.19 -4.36 7.11
C ALA A 64 7.98 -4.82 5.88
N THR A 65 8.81 -3.94 5.34
CA THR A 65 9.62 -4.26 4.18
C THR A 65 10.55 -5.43 4.48
N LYS A 66 11.16 -5.42 5.66
CA LYS A 66 12.05 -6.49 6.06
C LYS A 66 11.27 -7.79 6.24
N GLN A 67 10.09 -7.69 6.85
CA GLN A 67 9.25 -8.86 7.08
C GLN A 67 8.81 -9.47 5.75
N TYR A 68 8.46 -8.62 4.80
CA TYR A 68 8.05 -9.08 3.48
C TYR A 68 9.20 -9.83 2.80
N HIS A 69 10.40 -9.29 2.97
CA HIS A 69 11.59 -9.90 2.37
C HIS A 69 11.85 -11.28 2.96
N ILE A 70 11.45 -11.47 4.21
CA ILE A 70 11.62 -12.76 4.87
C ILE A 70 10.64 -13.76 4.26
N GLN A 71 9.44 -13.28 3.96
CA GLN A 71 8.41 -14.11 3.36
C GLN A 71 8.78 -14.46 1.92
N THR A 72 9.18 -13.45 1.15
CA THR A 72 9.57 -13.63 -0.24
C THR A 72 10.79 -14.55 -0.38
N LYS A 73 11.43 -14.84 0.74
CA LYS A 73 12.61 -15.71 0.74
C LYS A 73 12.17 -17.15 0.54
N LYS A 74 10.87 -17.38 0.64
CA LYS A 74 10.29 -18.69 0.46
C LYS A 74 9.16 -18.64 -0.58
N GLN A 75 8.33 -17.61 -0.49
CA GLN A 75 7.22 -17.42 -1.41
C GLN A 75 6.91 -15.94 -1.55
N GLU A 76 6.57 -15.50 -2.75
CA GLU A 76 6.28 -14.10 -2.98
C GLU A 76 4.95 -13.68 -2.36
N LYS A 77 3.86 -14.22 -2.88
CA LYS A 77 2.53 -13.90 -2.39
C LYS A 77 1.50 -14.89 -2.94
N ALA A 78 0.25 -14.45 -3.01
CA ALA A 78 -0.82 -15.28 -3.55
C ALA A 78 -1.17 -14.81 -4.95
N PRO A 79 -1.68 -15.70 -5.81
CA PRO A 79 -2.06 -15.37 -7.19
C PRO A 79 -3.28 -14.46 -7.26
N HIS A 80 -3.15 -13.25 -6.73
CA HIS A 80 -4.24 -12.28 -6.74
C HIS A 80 -3.71 -10.89 -6.42
N GLU A 81 -4.09 -9.91 -7.26
CA GLU A 81 -3.70 -8.51 -7.08
C GLU A 81 -2.23 -8.27 -7.41
N LYS A 82 -2.00 -7.64 -8.57
CA LYS A 82 -0.66 -7.31 -9.05
C LYS A 82 0.28 -8.50 -9.03
N ILE A 83 -0.03 -9.48 -9.85
CA ILE A 83 0.78 -10.68 -9.93
C ILE A 83 1.61 -10.71 -11.21
N VAL A 84 2.48 -9.72 -11.33
CA VAL A 84 3.34 -9.60 -12.50
C VAL A 84 4.79 -9.54 -12.07
N SER A 85 5.57 -10.56 -12.44
CA SER A 85 6.97 -10.62 -12.09
C SER A 85 7.75 -9.51 -12.80
N TYR A 86 8.48 -8.74 -12.02
CA TYR A 86 9.28 -7.65 -12.56
C TYR A 86 10.54 -7.46 -11.74
N GLU A 87 11.69 -7.68 -12.37
CA GLU A 87 12.97 -7.51 -11.71
C GLU A 87 13.23 -6.04 -11.38
N ASN A 88 13.34 -5.75 -10.10
CA ASN A 88 13.59 -4.38 -9.64
C ASN A 88 15.08 -4.17 -9.39
N GLY A 89 15.89 -4.99 -10.05
CA GLY A 89 17.32 -4.91 -9.91
C GLY A 89 18.03 -5.68 -10.98
N ASP A 90 19.30 -5.35 -11.20
CA ASP A 90 20.10 -6.02 -12.22
C ASP A 90 20.86 -7.20 -11.62
N ASN A 91 22.18 -7.06 -11.49
CA ASN A 91 23.01 -8.12 -10.92
C ASN A 91 22.90 -8.13 -9.41
N VAL A 92 21.82 -8.71 -8.90
CA VAL A 92 21.60 -8.81 -7.47
C VAL A 92 22.18 -10.12 -6.94
N ASN A 93 23.44 -10.36 -7.27
CA ASN A 93 24.11 -11.59 -6.85
C ASN A 93 24.69 -11.43 -5.45
N LEU A 94 23.84 -11.69 -4.45
CA LEU A 94 24.26 -11.59 -3.07
C LEU A 94 24.89 -12.89 -2.62
N SER A 95 26.10 -12.79 -2.08
CA SER A 95 26.82 -13.97 -1.60
C SER A 95 26.30 -14.43 -0.24
N GLU A 96 25.02 -14.77 -0.19
CA GLU A 96 24.38 -15.24 1.03
C GLU A 96 24.86 -16.64 1.37
N ALA A 97 24.88 -17.51 0.38
CA ALA A 97 25.31 -18.89 0.57
C ALA A 97 26.83 -18.98 0.60
N ILE A 98 27.45 -18.29 1.55
CA ILE A 98 28.88 -18.28 1.70
C ILE A 98 29.29 -19.32 2.75
N ASN A 99 28.28 -19.84 3.45
CA ASN A 99 28.51 -20.84 4.47
C ASN A 99 28.11 -22.21 3.95
N VAL A 100 28.31 -23.24 4.77
CA VAL A 100 27.98 -24.61 4.41
C VAL A 100 26.46 -24.78 4.34
N GLN A 101 25.90 -24.51 3.17
CA GLN A 101 24.47 -24.62 2.95
C GLN A 101 24.11 -26.02 2.43
N LEU A 102 25.12 -26.86 2.27
CA LEU A 102 24.91 -28.21 1.78
C LEU A 102 25.50 -29.22 2.74
N THR A 103 24.64 -30.03 3.35
CA THR A 103 25.07 -31.03 4.29
C THR A 103 25.64 -32.25 3.55
N LEU A 104 26.91 -32.53 3.80
CA LEU A 104 27.57 -33.65 3.16
C LEU A 104 27.67 -34.82 4.13
N ASP A 105 28.53 -35.78 3.80
CA ASP A 105 28.71 -36.96 4.65
C ASP A 105 29.24 -36.56 6.02
N THR A 106 28.37 -36.65 7.02
CA THR A 106 28.74 -36.28 8.37
C THR A 106 28.67 -37.51 9.28
N LYS A 107 29.67 -37.69 10.11
CA LYS A 107 29.70 -38.82 11.03
C LYS A 107 29.44 -38.35 12.45
N LEU A 108 28.98 -39.26 13.30
CA LEU A 108 28.69 -38.93 14.69
C LEU A 108 29.96 -39.01 15.56
N PRO A 109 30.72 -40.14 15.52
CA PRO A 109 31.95 -40.27 16.32
C PRO A 109 33.08 -39.38 15.79
N GLU A 110 33.51 -38.44 16.61
CA GLU A 110 34.59 -37.51 16.27
C GLU A 110 34.22 -36.63 15.08
N ALA A 111 34.58 -37.10 13.89
CA ALA A 111 34.30 -36.37 12.64
C ALA A 111 34.93 -34.99 12.65
N LYS A 112 34.41 -34.10 11.79
CA LYS A 112 34.89 -32.73 11.68
C LYS A 112 36.32 -32.70 11.14
N GLU A 113 36.64 -33.72 10.33
CA GLU A 113 37.97 -33.83 9.74
C GLU A 113 37.89 -33.63 8.23
N LEU A 114 38.96 -33.98 7.54
CA LEU A 114 39.03 -33.80 6.09
C LEU A 114 38.64 -35.09 5.35
N HIS A 115 38.30 -36.13 6.12
CA HIS A 115 37.92 -37.44 5.56
C HIS A 115 39.11 -38.13 4.91
N HIS A 116 39.56 -37.60 3.77
CA HIS A 116 40.69 -38.14 3.04
C HIS A 116 41.01 -37.24 1.84
N HIS A 117 41.73 -37.77 0.86
CA HIS A 117 42.10 -37.03 -0.36
C HIS A 117 43.25 -36.05 -0.07
N HIS A 118 43.64 -35.97 1.19
CA HIS A 118 44.74 -35.09 1.59
C HIS A 118 46.04 -35.89 1.57
N HIS A 119 45.92 -37.13 1.11
CA HIS A 119 47.05 -38.05 1.01
C HIS A 119 46.57 -39.37 0.40
N HIS A 120 45.35 -39.74 0.74
CA HIS A 120 44.73 -40.96 0.23
C HIS A 120 43.22 -40.90 0.45
N MET A 1 1.17 5.69 -7.14
CA MET A 1 -0.23 5.36 -6.78
C MET A 1 -0.43 5.57 -5.27
N GLN A 2 -1.64 5.93 -4.88
CA GLN A 2 -1.93 6.16 -3.47
C GLN A 2 -2.55 4.92 -2.85
N ILE A 3 -2.03 4.52 -1.70
CA ILE A 3 -2.52 3.35 -1.00
C ILE A 3 -2.96 3.69 0.40
N TYR A 4 -4.21 3.42 0.71
CA TYR A 4 -4.77 3.70 2.03
C TYR A 4 -4.84 2.43 2.87
N THR A 5 -4.43 2.53 4.11
CA THR A 5 -4.46 1.40 5.02
C THR A 5 -5.22 1.77 6.29
N SER A 6 -5.79 0.77 6.94
CA SER A 6 -6.54 0.99 8.17
C SER A 6 -6.25 -0.13 9.17
N GLU A 7 -5.23 0.09 9.97
CA GLU A 7 -4.79 -0.86 10.98
C GLU A 7 -5.84 -1.01 12.07
N LYS A 8 -6.55 0.08 12.37
CA LYS A 8 -7.60 0.07 13.39
C LYS A 8 -8.84 -0.65 12.87
N ARG A 9 -8.89 -0.86 11.56
CA ARG A 9 -10.03 -1.53 10.95
C ARG A 9 -9.71 -3.01 10.72
N GLY A 10 -8.47 -3.28 10.33
CA GLY A 10 -8.04 -4.64 10.08
C GLY A 10 -8.85 -5.32 8.99
N SER A 11 -9.14 -4.59 7.93
CA SER A 11 -9.91 -5.11 6.82
C SER A 11 -9.03 -5.95 5.89
N ASP A 12 -9.16 -7.27 5.99
CA ASP A 12 -8.39 -8.18 5.14
C ASP A 12 -9.08 -8.36 3.79
N THR A 13 -10.37 -8.70 3.84
CA THR A 13 -11.15 -8.92 2.64
C THR A 13 -11.57 -7.59 2.01
N ALA A 14 -11.68 -6.58 2.86
CA ALA A 14 -12.07 -5.25 2.42
C ALA A 14 -10.83 -4.37 2.26
N GLY A 15 -9.69 -5.03 2.22
CA GLY A 15 -8.44 -4.32 2.10
C GLY A 15 -7.88 -4.38 0.70
N ASN A 16 -8.16 -3.35 -0.08
CA ASN A 16 -7.65 -3.27 -1.44
C ASN A 16 -6.53 -2.24 -1.52
N GLY A 17 -6.57 -1.29 -0.58
CA GLY A 17 -5.58 -0.25 -0.54
C GLY A 17 -6.14 1.09 -1.00
N THR A 18 -7.45 1.19 -0.99
CA THR A 18 -8.13 2.42 -1.38
C THR A 18 -8.86 3.03 -0.18
N GLU A 19 -9.64 4.08 -0.40
CA GLU A 19 -10.36 4.71 0.70
C GLU A 19 -11.62 3.92 1.04
N GLU A 20 -12.27 3.39 0.02
CA GLU A 20 -13.48 2.59 0.23
C GLU A 20 -13.10 1.19 0.67
N ALA A 21 -11.88 0.80 0.34
CA ALA A 21 -11.37 -0.52 0.69
C ALA A 21 -9.95 -0.39 1.23
N PRO A 22 -9.80 -0.08 2.52
CA PRO A 22 -8.51 0.12 3.16
C PRO A 22 -7.89 -1.21 3.62
N LEU A 23 -6.59 -1.35 3.37
CA LEU A 23 -5.85 -2.56 3.74
C LEU A 23 -5.73 -2.70 5.25
N LYS A 24 -5.42 -3.90 5.70
CA LYS A 24 -5.27 -4.18 7.13
C LYS A 24 -3.93 -3.65 7.65
N THR A 25 -2.87 -3.93 6.90
CA THR A 25 -1.54 -3.50 7.30
C THR A 25 -0.74 -2.99 6.10
N VAL A 26 0.31 -2.23 6.39
CA VAL A 26 1.17 -1.67 5.35
C VAL A 26 1.87 -2.77 4.55
N LEU A 27 1.99 -3.95 5.15
CA LEU A 27 2.64 -5.09 4.50
C LEU A 27 1.92 -5.44 3.19
N GLN A 28 0.59 -5.41 3.23
CA GLN A 28 -0.21 -5.73 2.05
C GLN A 28 -0.10 -4.64 0.99
N ALA A 29 0.39 -3.48 1.38
CA ALA A 29 0.56 -2.39 0.43
C ALA A 29 1.85 -2.59 -0.35
N ILE A 30 2.79 -3.29 0.26
CA ILE A 30 4.09 -3.56 -0.36
C ILE A 30 4.03 -4.82 -1.22
N VAL A 31 3.25 -5.80 -0.80
CA VAL A 31 3.11 -7.05 -1.55
C VAL A 31 2.63 -6.79 -2.98
N LYS A 32 1.84 -5.72 -3.15
CA LYS A 32 1.31 -5.36 -4.45
C LYS A 32 2.39 -4.73 -5.34
N LEU A 33 3.50 -4.33 -4.74
CA LEU A 33 4.59 -3.70 -5.47
C LEU A 33 5.82 -4.62 -5.51
N ASP A 34 5.69 -5.78 -4.87
CA ASP A 34 6.78 -6.77 -4.79
C ASP A 34 8.03 -6.15 -4.16
N GLY A 35 7.82 -5.14 -3.32
CA GLY A 35 8.92 -4.48 -2.65
C GLY A 35 9.49 -3.31 -3.45
N LYS A 36 9.01 -3.14 -4.67
CA LYS A 36 9.49 -2.05 -5.51
C LYS A 36 8.59 -0.82 -5.39
N ILE A 37 9.00 0.10 -4.53
CA ILE A 37 8.25 1.32 -4.30
C ILE A 37 8.62 2.36 -5.37
N GLU A 38 7.66 3.20 -5.73
CA GLU A 38 7.87 4.24 -6.74
C GLU A 38 7.81 5.62 -6.10
N ALA A 39 7.89 6.65 -6.94
CA ALA A 39 7.88 8.02 -6.47
C ALA A 39 6.49 8.52 -6.10
N ASP A 40 5.50 8.23 -6.95
CA ASP A 40 4.14 8.71 -6.70
C ASP A 40 3.42 7.83 -5.67
N THR A 41 3.96 6.66 -5.37
CA THR A 41 3.29 5.80 -4.42
C THR A 41 3.55 6.24 -2.98
N ARG A 42 2.47 6.64 -2.33
CA ARG A 42 2.51 7.08 -0.96
C ARG A 42 1.50 6.26 -0.17
N ILE A 43 1.94 5.64 0.90
CA ILE A 43 1.06 4.83 1.72
C ILE A 43 0.50 5.65 2.87
N TRP A 44 -0.81 5.73 2.93
CA TRP A 44 -1.49 6.48 3.96
C TRP A 44 -2.09 5.53 4.99
N VAL A 45 -2.07 5.93 6.25
CA VAL A 45 -2.60 5.11 7.32
C VAL A 45 -3.92 5.65 7.86
N ASP A 46 -4.43 4.96 8.87
CA ASP A 46 -5.70 5.31 9.52
C ASP A 46 -5.60 6.55 10.40
N GLY A 47 -4.48 7.26 10.31
CA GLY A 47 -4.31 8.46 11.10
C GLY A 47 -3.03 8.47 11.87
N THR A 48 -2.44 9.65 12.01
CA THR A 48 -1.20 9.83 12.74
C THR A 48 -1.07 11.28 13.19
N GLY A 49 -1.37 12.21 12.29
CA GLY A 49 -1.28 13.62 12.60
C GLY A 49 -2.64 14.24 12.87
N ASP A 50 -3.09 15.07 11.94
CA ASP A 50 -4.37 15.78 12.09
C ASP A 50 -5.48 15.16 11.25
N GLU A 51 -5.14 14.83 10.02
CA GLU A 51 -6.11 14.31 9.06
C GLU A 51 -6.43 12.84 9.26
N MET A 52 -7.49 12.40 8.57
CA MET A 52 -7.94 11.01 8.62
C MET A 52 -6.85 10.11 8.10
N TRP A 53 -6.29 10.48 6.97
CA TRP A 53 -5.23 9.72 6.36
C TRP A 53 -3.93 10.47 6.49
N ASP A 54 -2.91 9.80 6.97
CA ASP A 54 -1.61 10.42 7.15
C ASP A 54 -0.52 9.54 6.58
N VAL A 55 0.71 10.01 6.60
CA VAL A 55 1.82 9.24 6.06
C VAL A 55 2.09 8.03 6.94
N VAL A 56 2.29 6.87 6.30
CA VAL A 56 2.55 5.64 7.02
C VAL A 56 3.76 5.80 7.94
N SER A 57 3.61 5.31 9.16
CA SER A 57 4.67 5.38 10.14
C SER A 57 5.86 4.55 9.66
N LYS A 58 7.06 5.10 9.82
CA LYS A 58 8.27 4.43 9.38
C LYS A 58 8.59 3.23 10.27
N SER A 59 8.02 3.21 11.46
CA SER A 59 8.22 2.12 12.40
C SER A 59 7.61 0.82 11.88
N LYS A 60 6.45 0.93 11.25
CA LYS A 60 5.77 -0.24 10.71
C LYS A 60 6.24 -0.53 9.29
N LEU A 61 6.42 0.54 8.53
CA LEU A 61 6.88 0.43 7.14
C LEU A 61 8.20 -0.33 7.05
N LYS A 62 9.15 0.02 7.90
CA LYS A 62 10.46 -0.63 7.89
C LYS A 62 10.35 -2.09 8.32
N LYS A 63 9.42 -2.37 9.21
CA LYS A 63 9.21 -3.73 9.68
C LYS A 63 8.56 -4.57 8.59
N ALA A 64 7.55 -4.00 7.93
CA ALA A 64 6.85 -4.69 6.86
C ALA A 64 7.81 -5.03 5.72
N THR A 65 8.72 -4.10 5.44
CA THR A 65 9.71 -4.30 4.39
C THR A 65 10.60 -5.51 4.73
N LYS A 66 10.89 -5.66 6.01
CA LYS A 66 11.72 -6.76 6.47
C LYS A 66 10.96 -8.08 6.36
N GLN A 67 9.75 -8.10 6.89
CA GLN A 67 8.90 -9.30 6.84
C GLN A 67 8.68 -9.75 5.40
N TYR A 68 8.41 -8.80 4.51
CA TYR A 68 8.20 -9.12 3.12
C TYR A 68 9.47 -9.70 2.51
N HIS A 69 10.61 -9.14 2.89
CA HIS A 69 11.89 -9.62 2.39
C HIS A 69 12.14 -11.06 2.82
N ILE A 70 11.72 -11.39 4.04
CA ILE A 70 11.85 -12.73 4.56
C ILE A 70 10.95 -13.69 3.79
N GLN A 71 9.75 -13.21 3.46
CA GLN A 71 8.78 -13.99 2.70
C GLN A 71 9.24 -14.16 1.25
N THR A 72 10.08 -13.25 0.80
CA THR A 72 10.61 -13.31 -0.55
C THR A 72 11.84 -14.20 -0.61
N LYS A 73 12.61 -14.23 0.47
CA LYS A 73 13.81 -15.04 0.53
C LYS A 73 13.46 -16.50 0.82
N LYS A 74 12.72 -17.09 -0.10
CA LYS A 74 12.35 -18.49 0.01
C LYS A 74 13.25 -19.30 -0.92
N GLN A 75 12.90 -20.55 -1.15
CA GLN A 75 13.67 -21.40 -2.04
C GLN A 75 12.97 -21.49 -3.38
N GLU A 76 11.97 -20.63 -3.55
CA GLU A 76 11.16 -20.56 -4.76
C GLU A 76 10.32 -19.29 -4.72
N LYS A 77 9.94 -18.79 -5.88
CA LYS A 77 9.13 -17.59 -5.98
C LYS A 77 7.98 -17.82 -6.95
N ALA A 78 7.24 -18.90 -6.68
CA ALA A 78 6.08 -19.32 -7.48
C ALA A 78 5.26 -18.14 -7.99
N PRO A 79 5.26 -17.93 -9.32
CA PRO A 79 4.52 -16.84 -9.95
C PRO A 79 3.05 -17.19 -10.19
N HIS A 80 2.47 -17.96 -9.27
CA HIS A 80 1.08 -18.35 -9.39
C HIS A 80 0.53 -18.80 -8.05
N GLU A 81 -0.29 -17.95 -7.44
CA GLU A 81 -0.91 -18.26 -6.16
C GLU A 81 -1.85 -19.46 -6.30
N LYS A 82 -2.00 -20.22 -5.23
CA LYS A 82 -2.85 -21.40 -5.24
C LYS A 82 -4.15 -21.09 -4.53
N ILE A 83 -4.09 -20.13 -3.62
CA ILE A 83 -5.26 -19.71 -2.86
C ILE A 83 -6.07 -18.70 -3.66
N VAL A 84 -6.80 -19.20 -4.65
CA VAL A 84 -7.62 -18.36 -5.50
C VAL A 84 -9.01 -18.17 -4.91
N SER A 85 -9.87 -17.47 -5.67
CA SER A 85 -11.25 -17.20 -5.24
C SER A 85 -11.27 -16.30 -4.00
N TYR A 86 -10.22 -15.51 -3.85
CA TYR A 86 -10.10 -14.60 -2.72
C TYR A 86 -10.62 -13.22 -3.11
N GLU A 87 -11.85 -12.92 -2.69
CA GLU A 87 -12.46 -11.63 -2.99
C GLU A 87 -11.69 -10.52 -2.29
N ASN A 88 -11.47 -9.43 -3.01
CA ASN A 88 -10.73 -8.29 -2.48
C ASN A 88 -11.19 -7.00 -3.17
N GLY A 89 -12.15 -7.13 -4.06
CA GLY A 89 -12.65 -5.98 -4.79
C GLY A 89 -11.97 -5.83 -6.13
N ASP A 90 -12.38 -6.63 -7.10
CA ASP A 90 -11.82 -6.60 -8.44
C ASP A 90 -11.97 -5.21 -9.07
N ASN A 91 -13.19 -4.87 -9.44
CA ASN A 91 -13.47 -3.59 -10.06
C ASN A 91 -13.97 -2.60 -9.02
N VAL A 92 -13.05 -1.90 -8.38
CA VAL A 92 -13.38 -0.90 -7.37
C VAL A 92 -12.70 0.43 -7.67
N ASN A 93 -13.15 1.48 -7.01
CA ASN A 93 -12.61 2.83 -7.16
C ASN A 93 -12.62 3.27 -8.62
N LEU A 94 -13.79 3.58 -9.13
CA LEU A 94 -13.94 4.03 -10.52
C LEU A 94 -13.64 5.52 -10.62
N SER A 95 -12.55 5.93 -10.00
CA SER A 95 -12.15 7.34 -10.00
C SER A 95 -10.63 7.44 -9.90
N GLU A 96 -9.94 6.80 -10.83
CA GLU A 96 -8.47 6.80 -10.86
C GLU A 96 -7.93 8.21 -11.13
N ALA A 97 -8.77 9.05 -11.73
CA ALA A 97 -8.39 10.42 -12.07
C ALA A 97 -8.36 11.35 -10.86
N ILE A 98 -7.96 10.82 -9.71
CA ILE A 98 -7.87 11.62 -8.50
C ILE A 98 -6.41 12.00 -8.28
N ASN A 99 -5.53 11.04 -8.49
CA ASN A 99 -4.10 11.25 -8.32
C ASN A 99 -3.36 10.83 -9.58
N VAL A 100 -3.42 11.68 -10.59
CA VAL A 100 -2.76 11.40 -11.86
C VAL A 100 -1.91 12.59 -12.26
N GLN A 101 -0.85 12.84 -11.48
CA GLN A 101 0.10 13.94 -11.69
C GLN A 101 -0.51 15.27 -11.26
N LEU A 102 -1.83 15.37 -11.37
CA LEU A 102 -2.56 16.56 -10.97
C LEU A 102 -3.01 16.42 -9.51
N THR A 103 -3.76 17.41 -9.04
CA THR A 103 -4.26 17.40 -7.66
C THR A 103 -3.09 17.37 -6.67
N LEU A 104 -2.05 18.15 -6.97
CA LEU A 104 -0.87 18.21 -6.12
C LEU A 104 -1.21 18.87 -4.78
N ASP A 105 -1.03 18.10 -3.72
CA ASP A 105 -1.29 18.58 -2.36
C ASP A 105 -0.30 19.67 -1.97
N THR A 106 0.98 19.41 -2.19
CA THR A 106 2.03 20.35 -1.86
C THR A 106 2.23 21.37 -2.98
N LYS A 107 1.12 21.88 -3.51
CA LYS A 107 1.16 22.84 -4.60
C LYS A 107 1.31 24.27 -4.07
N LEU A 108 0.75 24.54 -2.88
CA LEU A 108 0.83 25.87 -2.30
C LEU A 108 0.51 25.84 -0.81
N PRO A 109 1.54 25.93 0.05
CA PRO A 109 1.37 25.95 1.50
C PRO A 109 1.31 27.38 2.03
N GLU A 110 1.78 27.57 3.26
CA GLU A 110 1.80 28.87 3.90
C GLU A 110 2.75 29.83 3.20
N ALA A 111 2.19 30.65 2.31
CA ALA A 111 2.98 31.65 1.59
C ALA A 111 2.54 33.03 2.04
N LYS A 112 1.76 33.06 3.10
CA LYS A 112 1.25 34.30 3.64
C LYS A 112 1.63 34.45 5.11
N GLU A 113 2.69 35.21 5.37
CA GLU A 113 3.14 35.43 6.75
C GLU A 113 2.13 36.28 7.52
N LEU A 114 1.10 36.74 6.81
CA LEU A 114 0.06 37.55 7.39
C LEU A 114 -0.92 36.69 8.19
N HIS A 115 -0.39 35.93 9.13
CA HIS A 115 -1.18 35.07 9.99
C HIS A 115 -0.81 35.34 11.44
N HIS A 116 -1.76 35.89 12.20
CA HIS A 116 -1.53 36.24 13.59
C HIS A 116 -1.11 35.03 14.43
N HIS A 117 -1.50 33.84 14.00
CA HIS A 117 -1.15 32.63 14.73
C HIS A 117 0.22 32.11 14.29
N HIS A 118 1.26 32.90 14.54
CA HIS A 118 2.61 32.51 14.19
C HIS A 118 3.55 32.70 15.39
N HIS A 119 3.08 32.27 16.54
CA HIS A 119 3.84 32.37 17.78
C HIS A 119 3.39 31.31 18.76
N HIS A 120 4.32 30.81 19.55
CA HIS A 120 4.02 29.80 20.55
C HIS A 120 4.40 30.35 21.92
N MET A 1 0.16 6.96 -7.31
CA MET A 1 -0.23 5.65 -6.73
C MET A 1 -0.45 5.79 -5.23
N GLN A 2 -1.70 5.84 -4.81
CA GLN A 2 -2.02 5.98 -3.40
C GLN A 2 -2.49 4.66 -2.83
N ILE A 3 -1.95 4.29 -1.68
CA ILE A 3 -2.35 3.07 -1.01
C ILE A 3 -2.78 3.40 0.41
N TYR A 4 -4.05 3.18 0.70
CA TYR A 4 -4.57 3.46 2.02
C TYR A 4 -4.76 2.18 2.81
N THR A 5 -4.30 2.17 4.04
CA THR A 5 -4.41 1.01 4.89
C THR A 5 -5.06 1.37 6.22
N SER A 6 -5.93 0.51 6.71
CA SER A 6 -6.60 0.75 7.98
C SER A 6 -6.18 -0.33 8.98
N GLU A 7 -5.09 -0.05 9.67
CA GLU A 7 -4.52 -0.96 10.66
C GLU A 7 -5.49 -1.18 11.81
N LYS A 8 -6.21 -0.14 12.21
CA LYS A 8 -7.16 -0.22 13.31
C LYS A 8 -8.38 -1.04 12.89
N ARG A 9 -8.52 -1.24 11.59
CA ARG A 9 -9.63 -2.02 11.05
C ARG A 9 -9.17 -3.45 10.81
N GLY A 10 -7.96 -3.58 10.28
CA GLY A 10 -7.38 -4.88 10.02
C GLY A 10 -8.21 -5.75 9.08
N SER A 11 -8.52 -5.25 7.90
CA SER A 11 -9.27 -6.04 6.94
C SER A 11 -8.61 -6.00 5.57
N ASP A 12 -7.87 -7.06 5.26
CA ASP A 12 -7.16 -7.18 3.99
C ASP A 12 -8.08 -7.71 2.91
N THR A 13 -8.89 -8.70 3.26
CA THR A 13 -9.81 -9.33 2.32
C THR A 13 -11.01 -8.44 2.01
N ALA A 14 -11.00 -7.23 2.56
CA ALA A 14 -12.09 -6.28 2.32
C ALA A 14 -11.56 -5.00 1.71
N GLY A 15 -10.32 -4.65 2.03
CA GLY A 15 -9.72 -3.46 1.51
C GLY A 15 -8.72 -3.76 0.41
N ASN A 16 -8.79 -3.02 -0.67
CA ASN A 16 -7.88 -3.24 -1.78
C ASN A 16 -6.73 -2.24 -1.72
N GLY A 17 -6.80 -1.34 -0.76
CA GLY A 17 -5.76 -0.35 -0.59
C GLY A 17 -6.19 1.03 -1.06
N THR A 18 -7.50 1.23 -1.20
CA THR A 18 -8.02 2.50 -1.62
C THR A 18 -8.65 3.24 -0.44
N GLU A 19 -9.41 4.30 -0.71
CA GLU A 19 -10.01 5.07 0.36
C GLU A 19 -11.29 4.43 0.85
N GLU A 20 -12.09 3.95 -0.09
CA GLU A 20 -13.35 3.30 0.23
C GLU A 20 -13.10 1.85 0.66
N ALA A 21 -11.92 1.35 0.33
CA ALA A 21 -11.53 -0.01 0.71
C ALA A 21 -10.06 -0.05 1.10
N PRO A 22 -9.74 0.31 2.35
CA PRO A 22 -8.37 0.32 2.85
C PRO A 22 -7.90 -1.07 3.29
N LEU A 23 -6.62 -1.35 3.04
CA LEU A 23 -6.04 -2.65 3.38
C LEU A 23 -5.88 -2.81 4.90
N LYS A 24 -5.40 -3.98 5.31
CA LYS A 24 -5.21 -4.26 6.73
C LYS A 24 -4.02 -3.49 7.30
N THR A 25 -2.84 -3.71 6.73
CA THR A 25 -1.64 -3.02 7.21
C THR A 25 -0.70 -2.71 6.05
N VAL A 26 0.36 -1.95 6.35
CA VAL A 26 1.34 -1.57 5.36
C VAL A 26 1.97 -2.80 4.69
N LEU A 27 1.96 -3.92 5.41
CA LEU A 27 2.50 -5.18 4.89
C LEU A 27 1.82 -5.53 3.58
N GLN A 28 0.49 -5.41 3.56
CA GLN A 28 -0.30 -5.72 2.38
C GLN A 28 -0.15 -4.64 1.31
N ALA A 29 0.37 -3.50 1.68
CA ALA A 29 0.60 -2.43 0.73
C ALA A 29 1.90 -2.68 -0.02
N ILE A 30 2.83 -3.34 0.67
CA ILE A 30 4.13 -3.66 0.11
C ILE A 30 4.11 -4.93 -0.73
N VAL A 31 3.20 -5.85 -0.41
CA VAL A 31 3.09 -7.11 -1.15
C VAL A 31 2.87 -6.89 -2.64
N LYS A 32 2.26 -5.77 -2.98
CA LYS A 32 1.98 -5.43 -4.38
C LYS A 32 3.18 -4.74 -5.04
N LEU A 33 4.14 -4.30 -4.25
CA LEU A 33 5.31 -3.60 -4.77
C LEU A 33 6.58 -4.43 -4.63
N ASP A 34 6.53 -5.41 -3.73
CA ASP A 34 7.67 -6.29 -3.46
C ASP A 34 8.84 -5.50 -2.88
N GLY A 35 8.53 -4.39 -2.23
CA GLY A 35 9.57 -3.57 -1.64
C GLY A 35 10.00 -2.42 -2.53
N LYS A 36 9.48 -2.40 -3.75
CA LYS A 36 9.82 -1.35 -4.70
C LYS A 36 8.87 -0.17 -4.53
N ILE A 37 9.27 0.79 -3.71
CA ILE A 37 8.47 1.96 -3.46
C ILE A 37 8.79 3.06 -4.47
N GLU A 38 7.91 3.23 -5.45
CA GLU A 38 8.08 4.25 -6.47
C GLU A 38 7.80 5.63 -5.89
N ALA A 39 8.33 6.66 -6.53
CA ALA A 39 8.14 8.04 -6.07
C ALA A 39 6.67 8.44 -6.13
N ASP A 40 5.91 7.74 -6.96
CA ASP A 40 4.49 8.00 -7.11
C ASP A 40 3.69 7.16 -6.11
N THR A 41 4.37 6.29 -5.39
CA THR A 41 3.73 5.44 -4.41
C THR A 41 3.67 6.13 -3.04
N ARG A 42 2.46 6.40 -2.59
CA ARG A 42 2.24 7.03 -1.30
C ARG A 42 1.34 6.15 -0.46
N ILE A 43 1.89 5.60 0.61
CA ILE A 43 1.11 4.74 1.50
C ILE A 43 0.62 5.53 2.69
N TRP A 44 -0.68 5.42 2.95
CA TRP A 44 -1.30 6.13 4.04
C TRP A 44 -1.91 5.14 5.03
N VAL A 45 -2.05 5.58 6.27
CA VAL A 45 -2.63 4.74 7.32
C VAL A 45 -4.04 5.22 7.67
N ASP A 46 -4.61 4.64 8.72
CA ASP A 46 -5.97 4.99 9.16
C ASP A 46 -6.06 6.38 9.78
N GLY A 47 -4.99 7.14 9.67
CA GLY A 47 -4.98 8.49 10.21
C GLY A 47 -4.93 8.51 11.73
N THR A 48 -3.97 7.80 12.30
CA THR A 48 -3.82 7.78 13.75
C THR A 48 -3.13 9.06 14.24
N GLY A 49 -3.67 10.20 13.82
CA GLY A 49 -3.10 11.47 14.20
C GLY A 49 -4.12 12.60 14.12
N ASP A 50 -3.91 13.51 13.18
CA ASP A 50 -4.80 14.67 13.02
C ASP A 50 -5.75 14.49 11.84
N GLU A 51 -5.20 14.03 10.74
CA GLU A 51 -5.97 13.87 9.51
C GLU A 51 -6.59 12.50 9.36
N MET A 52 -7.47 12.39 8.38
CA MET A 52 -8.16 11.13 8.08
C MET A 52 -7.16 10.10 7.61
N TRP A 53 -6.17 10.56 6.86
CA TRP A 53 -5.13 9.70 6.34
C TRP A 53 -3.78 10.31 6.67
N ASP A 54 -2.90 9.51 7.24
CA ASP A 54 -1.56 9.97 7.58
C ASP A 54 -0.54 9.18 6.79
N VAL A 55 0.66 9.71 6.66
CA VAL A 55 1.71 9.05 5.91
C VAL A 55 2.36 7.93 6.72
N VAL A 56 2.66 6.82 6.05
CA VAL A 56 3.28 5.69 6.71
C VAL A 56 4.68 6.07 7.19
N SER A 57 4.97 5.71 8.43
CA SER A 57 6.27 6.01 9.01
C SER A 57 7.36 5.20 8.31
N LYS A 58 8.47 5.86 8.01
CA LYS A 58 9.58 5.20 7.31
C LYS A 58 10.15 4.07 8.15
N SER A 59 10.14 4.25 9.46
CA SER A 59 10.66 3.26 10.39
C SER A 59 9.76 2.01 10.39
N LYS A 60 8.46 2.24 10.23
CA LYS A 60 7.49 1.16 10.21
C LYS A 60 7.47 0.49 8.84
N LEU A 61 7.58 1.32 7.80
CA LEU A 61 7.59 0.84 6.43
C LEU A 61 8.79 -0.05 6.18
N LYS A 62 9.96 0.41 6.61
CA LYS A 62 11.20 -0.35 6.42
C LYS A 62 11.16 -1.65 7.21
N LYS A 63 10.54 -1.60 8.38
CA LYS A 63 10.41 -2.76 9.24
C LYS A 63 9.56 -3.83 8.55
N ALA A 64 8.46 -3.38 7.97
CA ALA A 64 7.54 -4.27 7.27
C ALA A 64 8.16 -4.79 5.97
N THR A 65 8.94 -3.93 5.30
CA THR A 65 9.58 -4.31 4.05
C THR A 65 10.49 -5.53 4.25
N LYS A 66 11.22 -5.55 5.35
CA LYS A 66 12.12 -6.64 5.66
C LYS A 66 11.33 -7.90 6.03
N GLN A 67 10.35 -7.75 6.91
CA GLN A 67 9.52 -8.86 7.35
C GLN A 67 8.79 -9.50 6.18
N TYR A 68 8.19 -8.67 5.34
CA TYR A 68 7.46 -9.15 4.17
C TYR A 68 8.35 -9.95 3.24
N HIS A 69 9.58 -9.47 3.04
CA HIS A 69 10.52 -10.14 2.15
C HIS A 69 10.97 -11.48 2.72
N ILE A 70 10.86 -11.63 4.02
CA ILE A 70 11.23 -12.86 4.66
C ILE A 70 10.05 -13.83 4.71
N GLN A 71 8.86 -13.30 4.95
CA GLN A 71 7.66 -14.13 5.08
C GLN A 71 6.89 -14.40 3.78
N THR A 72 6.46 -13.35 3.10
CA THR A 72 5.64 -13.48 1.90
C THR A 72 6.37 -14.09 0.70
N LYS A 73 7.70 -14.07 0.71
CA LYS A 73 8.47 -14.62 -0.42
C LYS A 73 8.55 -16.14 -0.33
N LYS A 74 7.74 -16.72 0.53
CA LYS A 74 7.68 -18.17 0.70
C LYS A 74 6.37 -18.68 0.13
N GLN A 75 6.44 -19.23 -1.09
CA GLN A 75 5.26 -19.76 -1.78
C GLN A 75 4.26 -18.64 -2.06
N GLU A 76 4.73 -17.65 -2.81
CA GLU A 76 3.94 -16.49 -3.17
C GLU A 76 2.73 -16.83 -4.02
N LYS A 77 1.62 -16.16 -3.74
CA LYS A 77 0.38 -16.36 -4.49
C LYS A 77 0.13 -15.12 -5.34
N ALA A 78 0.36 -15.24 -6.64
CA ALA A 78 0.14 -14.13 -7.56
C ALA A 78 -1.31 -13.66 -7.52
N PRO A 79 -1.54 -12.39 -7.13
CA PRO A 79 -2.88 -11.82 -7.06
C PRO A 79 -3.57 -11.79 -8.42
N HIS A 80 -4.81 -12.24 -8.45
CA HIS A 80 -5.59 -12.27 -9.67
C HIS A 80 -7.05 -12.01 -9.33
N GLU A 81 -7.24 -11.22 -8.29
CA GLU A 81 -8.57 -10.87 -7.82
C GLU A 81 -9.23 -9.88 -8.78
N LYS A 82 -10.50 -9.58 -8.56
CA LYS A 82 -11.23 -8.67 -9.43
C LYS A 82 -11.15 -7.23 -8.95
N ILE A 83 -10.84 -6.33 -9.87
CA ILE A 83 -10.73 -4.91 -9.58
C ILE A 83 -11.49 -4.11 -10.65
N VAL A 84 -11.96 -2.93 -10.29
CA VAL A 84 -12.69 -2.09 -11.23
C VAL A 84 -12.70 -0.63 -10.76
N SER A 85 -12.78 0.29 -11.71
CA SER A 85 -12.82 1.71 -11.41
C SER A 85 -13.88 2.40 -12.28
N TYR A 86 -15.13 2.14 -11.96
CA TYR A 86 -16.25 2.71 -12.70
C TYR A 86 -16.91 3.82 -11.90
N GLU A 87 -17.07 4.98 -12.53
CA GLU A 87 -17.70 6.13 -11.91
C GLU A 87 -18.44 6.93 -12.96
N ASN A 88 -19.42 7.70 -12.53
CA ASN A 88 -20.22 8.53 -13.44
C ASN A 88 -19.62 9.94 -13.53
N GLY A 89 -18.88 10.32 -12.49
CA GLY A 89 -18.28 11.64 -12.46
C GLY A 89 -19.30 12.71 -12.15
N ASP A 90 -20.29 12.33 -11.34
CA ASP A 90 -21.37 13.23 -10.96
C ASP A 90 -20.85 14.47 -10.23
N ASN A 91 -20.10 14.24 -9.17
CA ASN A 91 -19.57 15.33 -8.34
C ASN A 91 -18.72 16.33 -9.15
N VAL A 92 -18.04 15.84 -10.17
CA VAL A 92 -17.19 16.70 -10.98
C VAL A 92 -17.91 17.18 -12.24
N ASN A 93 -19.20 16.85 -12.36
CA ASN A 93 -19.98 17.26 -13.52
C ASN A 93 -21.06 18.25 -13.09
N LEU A 94 -20.70 19.13 -12.17
CA LEU A 94 -21.63 20.12 -11.67
C LEU A 94 -21.75 21.29 -12.65
N SER A 95 -22.33 21.02 -13.81
CA SER A 95 -22.52 22.04 -14.83
C SER A 95 -23.95 22.01 -15.34
N GLU A 96 -24.78 22.90 -14.80
CA GLU A 96 -26.17 22.99 -15.19
C GLU A 96 -26.38 24.03 -16.29
N ALA A 97 -27.64 24.32 -16.59
CA ALA A 97 -27.97 25.29 -17.61
C ALA A 97 -27.85 26.72 -17.07
N ILE A 98 -26.62 27.20 -16.98
CA ILE A 98 -26.35 28.53 -16.48
C ILE A 98 -26.32 29.51 -17.64
N ASN A 99 -26.40 28.98 -18.85
CA ASN A 99 -26.38 29.79 -20.04
C ASN A 99 -27.77 29.86 -20.67
N VAL A 100 -28.03 30.94 -21.38
CA VAL A 100 -29.32 31.15 -22.02
C VAL A 100 -29.40 30.41 -23.36
N GLN A 101 -29.40 29.10 -23.31
CA GLN A 101 -29.46 28.28 -24.51
C GLN A 101 -30.89 27.81 -24.77
N LEU A 102 -31.82 28.29 -23.98
CA LEU A 102 -33.21 27.91 -24.12
C LEU A 102 -34.12 29.14 -24.06
N THR A 103 -35.42 28.92 -24.19
CA THR A 103 -36.38 30.00 -24.17
C THR A 103 -36.56 30.54 -22.75
N LEU A 104 -35.87 31.65 -22.47
CA LEU A 104 -35.95 32.29 -21.17
C LEU A 104 -37.09 33.31 -21.14
N ASP A 105 -37.65 33.53 -19.96
CA ASP A 105 -38.74 34.49 -19.79
C ASP A 105 -38.18 35.80 -19.26
N THR A 106 -38.97 36.88 -19.40
CA THR A 106 -38.55 38.20 -18.96
C THR A 106 -37.21 38.59 -19.56
N LYS A 107 -37.20 38.77 -20.87
CA LYS A 107 -35.99 39.15 -21.58
C LYS A 107 -35.79 40.66 -21.54
N LEU A 108 -34.83 41.16 -22.30
CA LEU A 108 -34.56 42.60 -22.32
C LEU A 108 -35.54 43.35 -23.24
N PRO A 109 -35.64 43.00 -24.55
CA PRO A 109 -36.55 43.69 -25.47
C PRO A 109 -38.00 43.25 -25.34
N GLU A 110 -38.20 42.19 -24.58
CA GLU A 110 -39.53 41.64 -24.36
C GLU A 110 -39.87 41.69 -22.88
N ALA A 111 -41.17 41.63 -22.58
CA ALA A 111 -41.67 41.67 -21.20
C ALA A 111 -41.49 43.06 -20.58
N LYS A 112 -42.12 43.27 -19.43
CA LYS A 112 -42.07 44.54 -18.69
C LYS A 112 -43.02 45.55 -19.30
N GLU A 113 -44.05 45.06 -19.98
CA GLU A 113 -45.05 45.92 -20.61
C GLU A 113 -46.01 46.47 -19.58
N LEU A 114 -45.50 47.35 -18.72
CA LEU A 114 -46.32 47.96 -17.68
C LEU A 114 -46.49 49.46 -17.94
N HIS A 115 -47.28 50.11 -17.09
CA HIS A 115 -47.53 51.54 -17.22
C HIS A 115 -46.22 52.32 -17.25
N HIS A 116 -46.14 53.30 -18.15
CA HIS A 116 -44.96 54.12 -18.34
C HIS A 116 -44.56 54.90 -17.07
N HIS A 117 -43.76 54.27 -16.23
CA HIS A 117 -43.28 54.88 -14.99
C HIS A 117 -42.15 54.03 -14.40
N HIS A 118 -41.36 53.44 -15.28
CA HIS A 118 -40.25 52.60 -14.86
C HIS A 118 -39.18 52.55 -15.94
N HIS A 119 -38.15 53.37 -15.79
CA HIS A 119 -37.06 53.41 -16.75
C HIS A 119 -35.87 52.61 -16.21
N HIS A 120 -35.94 52.28 -14.94
CA HIS A 120 -34.91 51.51 -14.27
C HIS A 120 -35.52 50.77 -13.10
N MET A 1 0.50 7.12 -7.41
CA MET A 1 0.21 5.75 -6.92
C MET A 1 0.10 5.76 -5.40
N GLN A 2 -1.07 6.08 -4.90
CA GLN A 2 -1.29 6.11 -3.46
C GLN A 2 -1.97 4.85 -2.99
N ILE A 3 -1.63 4.42 -1.79
CA ILE A 3 -2.22 3.22 -1.20
C ILE A 3 -2.74 3.55 0.19
N TYR A 4 -4.01 3.27 0.43
CA TYR A 4 -4.60 3.55 1.73
C TYR A 4 -4.63 2.30 2.61
N THR A 5 -4.17 2.45 3.84
CA THR A 5 -4.14 1.36 4.78
C THR A 5 -4.84 1.75 6.08
N SER A 6 -5.47 0.80 6.74
CA SER A 6 -6.16 1.06 7.99
C SER A 6 -5.89 -0.07 8.98
N GLU A 7 -4.82 0.10 9.73
CA GLU A 7 -4.38 -0.87 10.73
C GLU A 7 -5.38 -0.94 11.89
N LYS A 8 -5.93 0.21 12.24
CA LYS A 8 -6.90 0.30 13.33
C LYS A 8 -8.23 -0.34 12.92
N ARG A 9 -8.39 -0.56 11.63
CA ARG A 9 -9.60 -1.16 11.10
C ARG A 9 -9.39 -2.65 10.88
N GLY A 10 -8.20 -3.00 10.39
CA GLY A 10 -7.87 -4.39 10.15
C GLY A 10 -8.74 -5.04 9.09
N SER A 11 -9.09 -4.26 8.06
CA SER A 11 -9.93 -4.76 6.98
C SER A 11 -9.21 -5.86 6.20
N ASP A 12 -9.59 -7.10 6.44
CA ASP A 12 -8.98 -8.24 5.76
C ASP A 12 -9.61 -8.46 4.40
N THR A 13 -10.93 -8.57 4.39
CA THR A 13 -11.67 -8.78 3.15
C THR A 13 -11.84 -7.48 2.36
N ALA A 14 -11.84 -6.37 3.09
CA ALA A 14 -11.99 -5.06 2.48
C ALA A 14 -10.63 -4.42 2.26
N GLY A 15 -9.61 -5.25 2.27
CA GLY A 15 -8.26 -4.76 2.07
C GLY A 15 -7.87 -4.72 0.62
N ASN A 16 -8.25 -3.65 -0.05
CA ASN A 16 -7.92 -3.47 -1.46
C ASN A 16 -6.78 -2.48 -1.61
N GLY A 17 -6.78 -1.48 -0.72
CA GLY A 17 -5.77 -0.44 -0.76
C GLY A 17 -6.30 0.86 -1.28
N THR A 18 -7.62 0.96 -1.37
CA THR A 18 -8.27 2.16 -1.83
C THR A 18 -8.89 2.91 -0.64
N GLU A 19 -9.76 3.89 -0.91
CA GLU A 19 -10.36 4.68 0.17
C GLU A 19 -11.51 3.94 0.85
N GLU A 20 -12.38 3.34 0.05
CA GLU A 20 -13.53 2.62 0.59
C GLU A 20 -13.10 1.24 1.05
N ALA A 21 -12.03 0.74 0.46
CA ALA A 21 -11.47 -0.56 0.80
C ALA A 21 -10.00 -0.43 1.17
N PRO A 22 -9.72 -0.12 2.44
CA PRO A 22 -8.37 0.07 2.93
C PRO A 22 -7.73 -1.24 3.41
N LEU A 23 -6.44 -1.38 3.15
CA LEU A 23 -5.71 -2.59 3.55
C LEU A 23 -5.63 -2.70 5.07
N LYS A 24 -5.56 -3.93 5.55
CA LYS A 24 -5.48 -4.21 6.98
C LYS A 24 -4.16 -3.71 7.57
N THR A 25 -3.08 -3.88 6.83
CA THR A 25 -1.77 -3.46 7.30
C THR A 25 -0.91 -2.98 6.14
N VAL A 26 0.19 -2.29 6.48
CA VAL A 26 1.11 -1.79 5.47
C VAL A 26 1.77 -2.94 4.71
N LEU A 27 1.74 -4.13 5.30
CA LEU A 27 2.30 -5.32 4.70
C LEU A 27 1.67 -5.55 3.31
N GLN A 28 0.35 -5.42 3.25
CA GLN A 28 -0.40 -5.60 2.01
C GLN A 28 -0.09 -4.51 0.99
N ALA A 29 0.52 -3.42 1.43
CA ALA A 29 0.87 -2.35 0.53
C ALA A 29 2.23 -2.64 -0.11
N ILE A 30 3.12 -3.24 0.67
CA ILE A 30 4.46 -3.57 0.21
C ILE A 30 4.47 -4.80 -0.69
N VAL A 31 3.62 -5.78 -0.38
CA VAL A 31 3.50 -7.02 -1.16
C VAL A 31 3.32 -6.74 -2.66
N LYS A 32 2.70 -5.61 -2.99
CA LYS A 32 2.45 -5.26 -4.38
C LYS A 32 3.68 -4.64 -5.04
N LEU A 33 4.63 -4.18 -4.23
CA LEU A 33 5.84 -3.55 -4.75
C LEU A 33 7.06 -4.42 -4.51
N ASP A 34 6.87 -5.48 -3.73
CA ASP A 34 7.92 -6.42 -3.36
C ASP A 34 9.07 -5.71 -2.67
N GLY A 35 8.75 -4.62 -1.99
CA GLY A 35 9.77 -3.86 -1.28
C GLY A 35 10.33 -2.72 -2.12
N LYS A 36 10.12 -2.78 -3.42
CA LYS A 36 10.62 -1.74 -4.30
C LYS A 36 9.61 -0.62 -4.40
N ILE A 37 9.70 0.30 -3.46
CA ILE A 37 8.81 1.45 -3.43
C ILE A 37 9.15 2.38 -4.59
N GLU A 38 8.16 3.09 -5.08
CA GLU A 38 8.36 4.03 -6.18
C GLU A 38 8.19 5.46 -5.69
N ALA A 39 8.77 6.41 -6.41
CA ALA A 39 8.68 7.82 -6.05
C ALA A 39 7.24 8.32 -6.11
N ASP A 40 6.42 7.62 -6.88
CA ASP A 40 5.01 7.98 -7.01
C ASP A 40 4.17 7.23 -5.98
N THR A 41 4.77 6.22 -5.36
CA THR A 41 4.08 5.41 -4.37
C THR A 41 3.96 6.17 -3.05
N ARG A 42 2.73 6.44 -2.66
CA ARG A 42 2.47 7.16 -1.42
C ARG A 42 1.51 6.35 -0.57
N ILE A 43 2.01 5.79 0.51
CA ILE A 43 1.19 4.98 1.40
C ILE A 43 0.61 5.82 2.52
N TRP A 44 -0.71 5.82 2.61
CA TRP A 44 -1.41 6.58 3.63
C TRP A 44 -2.01 5.63 4.65
N VAL A 45 -2.06 6.06 5.90
CA VAL A 45 -2.62 5.25 6.96
C VAL A 45 -3.98 5.79 7.39
N ASP A 46 -4.57 5.15 8.39
CA ASP A 46 -5.89 5.51 8.91
C ASP A 46 -5.89 6.81 9.71
N GLY A 47 -4.78 7.53 9.66
CA GLY A 47 -4.70 8.79 10.36
C GLY A 47 -4.07 8.67 11.74
N THR A 48 -3.52 9.78 12.22
CA THR A 48 -2.92 9.83 13.53
C THR A 48 -3.98 10.10 14.59
N GLY A 49 -5.13 10.57 14.13
CA GLY A 49 -6.23 10.89 15.02
C GLY A 49 -6.94 12.14 14.59
N ASP A 50 -6.16 13.11 14.11
CA ASP A 50 -6.71 14.39 13.66
C ASP A 50 -7.25 14.25 12.25
N GLU A 51 -6.48 13.58 11.41
CA GLU A 51 -6.83 13.40 10.02
C GLU A 51 -7.30 11.98 9.73
N MET A 52 -7.94 11.84 8.57
CA MET A 52 -8.46 10.56 8.12
C MET A 52 -7.35 9.74 7.49
N TRP A 53 -6.40 10.43 6.87
CA TRP A 53 -5.29 9.76 6.22
C TRP A 53 -3.98 10.46 6.59
N ASP A 54 -3.00 9.67 6.99
CA ASP A 54 -1.71 10.21 7.36
C ASP A 54 -0.61 9.48 6.60
N VAL A 55 0.64 9.89 6.79
CA VAL A 55 1.76 9.27 6.10
C VAL A 55 2.30 8.08 6.89
N VAL A 56 2.66 7.02 6.18
CA VAL A 56 3.19 5.83 6.82
C VAL A 56 4.62 6.09 7.29
N SER A 57 4.99 5.48 8.41
CA SER A 57 6.32 5.65 8.96
C SER A 57 7.34 4.93 8.07
N LYS A 58 8.45 5.61 7.80
CA LYS A 58 9.51 5.05 6.96
C LYS A 58 10.28 3.96 7.70
N SER A 59 10.22 4.01 9.02
CA SER A 59 10.89 3.02 9.85
C SER A 59 10.09 1.72 9.86
N LYS A 60 8.77 1.85 9.97
CA LYS A 60 7.87 0.71 9.99
C LYS A 60 7.79 0.10 8.60
N LEU A 61 7.81 0.97 7.60
CA LEU A 61 7.76 0.54 6.20
C LEU A 61 8.95 -0.37 5.90
N LYS A 62 10.12 0.06 6.37
CA LYS A 62 11.35 -0.71 6.16
C LYS A 62 11.31 -2.03 6.92
N LYS A 63 10.89 -1.97 8.18
CA LYS A 63 10.79 -3.14 9.01
C LYS A 63 9.86 -4.18 8.40
N ALA A 64 8.69 -3.74 7.95
CA ALA A 64 7.72 -4.64 7.34
C ALA A 64 8.24 -5.21 6.03
N THR A 65 8.92 -4.36 5.25
CA THR A 65 9.48 -4.79 3.97
C THR A 65 10.47 -5.93 4.17
N LYS A 66 11.38 -5.77 5.13
CA LYS A 66 12.38 -6.77 5.44
C LYS A 66 11.73 -8.09 5.82
N GLN A 67 10.71 -8.01 6.67
CA GLN A 67 10.01 -9.19 7.15
C GLN A 67 9.16 -9.83 6.05
N TYR A 68 8.47 -9.00 5.29
CA TYR A 68 7.60 -9.48 4.21
C TYR A 68 8.39 -10.19 3.11
N HIS A 69 9.54 -9.63 2.75
CA HIS A 69 10.36 -10.18 1.68
C HIS A 69 10.88 -11.57 2.01
N ILE A 70 11.09 -11.82 3.28
CA ILE A 70 11.59 -13.10 3.71
C ILE A 70 10.47 -14.11 3.95
N GLN A 71 9.33 -13.63 4.43
CA GLN A 71 8.21 -14.52 4.75
C GLN A 71 7.27 -14.79 3.58
N THR A 72 6.66 -13.73 3.04
CA THR A 72 5.71 -13.89 1.95
C THR A 72 6.31 -13.73 0.56
N LYS A 73 6.98 -12.59 0.33
CA LYS A 73 7.58 -12.28 -0.97
C LYS A 73 6.62 -12.56 -2.13
N LYS A 74 5.33 -12.27 -1.90
CA LYS A 74 4.30 -12.51 -2.89
C LYS A 74 3.54 -11.25 -3.23
N GLN A 75 3.31 -11.02 -4.50
CA GLN A 75 2.56 -9.85 -4.98
C GLN A 75 1.08 -10.04 -4.68
N GLU A 76 0.33 -8.94 -4.64
CA GLU A 76 -1.09 -9.01 -4.33
C GLU A 76 -1.95 -8.33 -5.40
N LYS A 77 -3.25 -8.32 -5.13
CA LYS A 77 -4.25 -7.72 -6.01
C LYS A 77 -3.93 -6.27 -6.35
N ALA A 78 -3.90 -5.95 -7.64
CA ALA A 78 -3.62 -4.60 -8.09
C ALA A 78 -4.91 -3.86 -8.42
N PRO A 79 -5.27 -2.85 -7.62
CA PRO A 79 -6.49 -2.07 -7.82
C PRO A 79 -6.31 -1.01 -8.90
N HIS A 80 -7.41 -0.62 -9.54
CA HIS A 80 -7.39 0.39 -10.59
C HIS A 80 -8.82 0.78 -10.97
N GLU A 81 -8.97 1.50 -12.10
CA GLU A 81 -10.29 1.94 -12.54
C GLU A 81 -11.20 0.77 -12.91
N LYS A 82 -12.50 1.00 -12.86
CA LYS A 82 -13.49 -0.01 -13.20
C LYS A 82 -14.63 0.63 -14.00
N ILE A 83 -14.98 0.01 -15.12
CA ILE A 83 -16.04 0.51 -16.01
C ILE A 83 -15.55 1.69 -16.84
N VAL A 84 -15.55 1.53 -18.15
CA VAL A 84 -15.10 2.57 -19.05
C VAL A 84 -16.25 3.46 -19.52
N SER A 85 -15.93 4.67 -19.91
CA SER A 85 -16.91 5.63 -20.37
C SER A 85 -17.25 5.39 -21.85
N TYR A 86 -18.51 5.64 -22.20
CA TYR A 86 -18.96 5.45 -23.57
C TYR A 86 -19.48 6.77 -24.13
N GLU A 87 -18.56 7.57 -24.66
CA GLU A 87 -18.90 8.87 -25.23
C GLU A 87 -19.89 8.75 -26.38
N ASN A 88 -21.01 9.45 -26.25
CA ASN A 88 -22.04 9.44 -27.28
C ASN A 88 -22.19 10.84 -27.89
N GLY A 89 -21.28 11.73 -27.52
CA GLY A 89 -21.32 13.08 -28.03
C GLY A 89 -20.54 13.22 -29.32
N ASP A 90 -21.27 13.38 -30.42
CA ASP A 90 -20.65 13.53 -31.74
C ASP A 90 -20.20 14.98 -31.94
N ASN A 91 -19.24 15.17 -32.85
CA ASN A 91 -18.72 16.49 -33.14
C ASN A 91 -19.24 16.98 -34.48
N VAL A 92 -20.50 17.38 -34.50
CA VAL A 92 -21.15 17.88 -35.70
C VAL A 92 -20.61 19.26 -36.07
N ASN A 93 -19.56 19.29 -36.86
CA ASN A 93 -18.96 20.55 -37.28
C ASN A 93 -19.64 21.06 -38.54
N LEU A 94 -20.52 22.03 -38.38
CA LEU A 94 -21.23 22.62 -39.50
C LEU A 94 -21.28 24.13 -39.34
N SER A 95 -20.62 24.83 -40.24
CA SER A 95 -20.59 26.28 -40.21
C SER A 95 -21.87 26.87 -40.78
N GLU A 96 -22.53 26.11 -41.67
CA GLU A 96 -23.78 26.52 -42.31
C GLU A 96 -23.59 27.80 -43.14
N ALA A 97 -23.83 28.96 -42.53
CA ALA A 97 -23.68 30.23 -43.21
C ALA A 97 -22.22 30.51 -43.54
N ILE A 98 -21.93 30.60 -44.83
CA ILE A 98 -20.57 30.86 -45.29
C ILE A 98 -20.36 32.34 -45.57
N ASN A 99 -21.14 33.17 -44.88
CA ASN A 99 -21.08 34.63 -45.01
C ASN A 99 -21.25 35.08 -46.45
N VAL A 100 -22.32 34.62 -47.08
CA VAL A 100 -22.59 34.99 -48.47
C VAL A 100 -23.75 35.97 -48.56
N GLN A 101 -23.52 37.19 -48.09
CA GLN A 101 -24.54 38.22 -48.14
C GLN A 101 -24.44 39.03 -49.42
N LEU A 102 -23.26 39.59 -49.66
CA LEU A 102 -23.00 40.38 -50.85
C LEU A 102 -21.51 40.60 -51.03
N THR A 103 -21.08 40.80 -52.27
CA THR A 103 -19.67 41.02 -52.57
C THR A 103 -19.51 41.98 -53.73
N LEU A 104 -19.66 43.27 -53.45
CA LEU A 104 -19.53 44.30 -54.48
C LEU A 104 -18.06 44.59 -54.77
N ASP A 105 -17.37 43.57 -55.26
CA ASP A 105 -15.96 43.67 -55.59
C ASP A 105 -15.70 43.21 -57.02
N THR A 106 -14.89 43.95 -57.74
CA THR A 106 -14.58 43.67 -59.14
C THR A 106 -13.50 42.60 -59.31
N LYS A 107 -12.90 42.16 -58.20
CA LYS A 107 -11.86 41.12 -58.18
C LYS A 107 -10.51 41.66 -58.64
N LEU A 108 -10.45 42.19 -59.85
CA LEU A 108 -9.20 42.71 -60.40
C LEU A 108 -9.41 43.96 -61.27
N PRO A 109 -10.24 43.89 -62.34
CA PRO A 109 -10.47 45.06 -63.21
C PRO A 109 -11.23 46.17 -62.49
N GLU A 110 -10.53 47.27 -62.26
CA GLU A 110 -11.09 48.45 -61.59
C GLU A 110 -11.56 48.10 -60.17
N ALA A 111 -12.22 49.05 -59.52
CA ALA A 111 -12.72 48.84 -58.17
C ALA A 111 -13.90 49.76 -57.89
N LYS A 112 -14.80 49.29 -57.04
CA LYS A 112 -15.99 50.03 -56.65
C LYS A 112 -16.91 50.30 -57.85
N GLU A 113 -17.83 49.39 -58.08
CA GLU A 113 -18.79 49.50 -59.18
C GLU A 113 -19.60 50.80 -59.03
N LEU A 114 -19.92 51.41 -60.17
CA LEU A 114 -20.67 52.66 -60.18
C LEU A 114 -21.63 52.73 -61.38
N HIS A 115 -22.57 51.80 -61.44
CA HIS A 115 -23.55 51.77 -62.53
C HIS A 115 -24.61 52.84 -62.35
N HIS A 116 -24.16 54.09 -62.27
CA HIS A 116 -25.07 55.23 -62.09
C HIS A 116 -25.88 55.47 -63.35
N HIS A 117 -27.20 55.40 -63.21
CA HIS A 117 -28.12 55.62 -64.33
C HIS A 117 -27.83 56.97 -64.99
N HIS A 118 -27.53 56.94 -66.28
CA HIS A 118 -27.22 58.17 -67.02
C HIS A 118 -28.49 59.00 -67.23
N HIS A 119 -29.63 58.34 -67.19
CA HIS A 119 -30.91 59.00 -67.37
C HIS A 119 -31.97 58.31 -66.53
N HIS A 120 -32.90 59.10 -66.02
CA HIS A 120 -34.00 58.60 -65.22
C HIS A 120 -35.25 59.38 -65.61
N MET A 1 0.91 7.38 -7.78
CA MET A 1 0.07 6.28 -7.24
C MET A 1 -0.10 6.45 -5.74
N GLN A 2 -1.29 6.17 -5.24
CA GLN A 2 -1.57 6.28 -3.81
C GLN A 2 -2.20 5.01 -3.28
N ILE A 3 -1.68 4.52 -2.18
CA ILE A 3 -2.22 3.31 -1.56
C ILE A 3 -2.65 3.63 -0.13
N TYR A 4 -3.94 3.51 0.15
CA TYR A 4 -4.46 3.81 1.47
C TYR A 4 -4.61 2.56 2.32
N THR A 5 -4.01 2.59 3.49
CA THR A 5 -4.06 1.48 4.43
C THR A 5 -4.62 1.97 5.76
N SER A 6 -5.15 1.07 6.56
CA SER A 6 -5.71 1.44 7.86
C SER A 6 -5.53 0.31 8.87
N GLU A 7 -4.56 0.47 9.75
CA GLU A 7 -4.27 -0.53 10.77
C GLU A 7 -5.42 -0.63 11.77
N LYS A 8 -6.04 0.50 12.06
CA LYS A 8 -7.17 0.53 13.00
C LYS A 8 -8.40 -0.14 12.37
N ARG A 9 -8.34 -0.33 11.06
CA ARG A 9 -9.42 -0.98 10.32
C ARG A 9 -9.12 -2.47 10.24
N GLY A 10 -7.83 -2.78 10.11
CA GLY A 10 -7.35 -4.14 10.05
C GLY A 10 -8.02 -5.02 9.01
N SER A 11 -8.46 -4.43 7.90
CA SER A 11 -9.14 -5.20 6.87
C SER A 11 -8.16 -5.57 5.74
N ASP A 12 -7.70 -6.82 5.77
CA ASP A 12 -6.76 -7.32 4.76
C ASP A 12 -7.51 -7.78 3.52
N THR A 13 -8.50 -8.64 3.73
CA THR A 13 -9.30 -9.17 2.65
C THR A 13 -10.28 -8.12 2.13
N ALA A 14 -10.73 -7.27 3.06
CA ALA A 14 -11.67 -6.21 2.72
C ALA A 14 -10.97 -4.97 2.22
N GLY A 15 -9.64 -4.98 2.28
CA GLY A 15 -8.88 -3.85 1.84
C GLY A 15 -8.28 -4.07 0.48
N ASN A 16 -8.16 -3.02 -0.30
CA ASN A 16 -7.59 -3.11 -1.62
C ASN A 16 -6.49 -2.08 -1.80
N GLY A 17 -6.40 -1.15 -0.86
CA GLY A 17 -5.38 -0.11 -0.93
C GLY A 17 -5.98 1.23 -1.32
N THR A 18 -7.28 1.36 -1.13
CA THR A 18 -7.99 2.59 -1.46
C THR A 18 -8.71 3.12 -0.22
N GLU A 19 -9.32 4.28 -0.33
CA GLU A 19 -10.06 4.85 0.78
C GLU A 19 -11.28 3.99 1.11
N GLU A 20 -11.92 3.50 0.06
CA GLU A 20 -13.09 2.64 0.18
C GLU A 20 -12.71 1.30 0.79
N ALA A 21 -11.59 0.75 0.32
CA ALA A 21 -11.10 -0.51 0.80
C ALA A 21 -9.72 -0.37 1.41
N PRO A 22 -9.66 -0.04 2.71
CA PRO A 22 -8.41 0.17 3.43
C PRO A 22 -7.77 -1.16 3.86
N LEU A 23 -6.50 -1.34 3.49
CA LEU A 23 -5.79 -2.55 3.84
C LEU A 23 -5.50 -2.63 5.34
N LYS A 24 -5.20 -3.84 5.82
CA LYS A 24 -4.94 -4.06 7.23
C LYS A 24 -3.64 -3.38 7.67
N THR A 25 -2.54 -3.75 7.05
CA THR A 25 -1.25 -3.18 7.40
C THR A 25 -0.53 -2.65 6.17
N VAL A 26 0.47 -1.81 6.40
CA VAL A 26 1.27 -1.23 5.32
C VAL A 26 1.98 -2.33 4.52
N LEU A 27 2.13 -3.49 5.15
CA LEU A 27 2.78 -4.63 4.52
C LEU A 27 2.04 -5.04 3.25
N GLN A 28 0.71 -5.01 3.30
CA GLN A 28 -0.11 -5.39 2.15
C GLN A 28 0.01 -4.37 1.02
N ALA A 29 0.51 -3.19 1.34
CA ALA A 29 0.69 -2.17 0.34
C ALA A 29 2.01 -2.41 -0.39
N ILE A 30 2.96 -2.98 0.34
CA ILE A 30 4.28 -3.27 -0.20
C ILE A 30 4.25 -4.54 -1.06
N VAL A 31 3.44 -5.50 -0.64
CA VAL A 31 3.32 -6.76 -1.36
C VAL A 31 2.73 -6.53 -2.75
N LYS A 32 1.92 -5.48 -2.87
CA LYS A 32 1.28 -5.13 -4.13
C LYS A 32 2.26 -4.40 -5.05
N LEU A 33 3.37 -3.96 -4.48
CA LEU A 33 4.39 -3.25 -5.24
C LEU A 33 5.60 -4.14 -5.47
N ASP A 34 5.45 -5.41 -5.12
CA ASP A 34 6.51 -6.40 -5.27
C ASP A 34 7.78 -5.97 -4.54
N GLY A 35 7.60 -5.35 -3.37
CA GLY A 35 8.72 -4.91 -2.57
C GLY A 35 9.49 -3.75 -3.18
N LYS A 36 8.91 -3.10 -4.18
CA LYS A 36 9.58 -1.98 -4.84
C LYS A 36 8.74 -0.72 -4.72
N ILE A 37 9.18 0.20 -3.88
CA ILE A 37 8.47 1.44 -3.67
C ILE A 37 8.90 2.49 -4.69
N GLU A 38 7.98 2.90 -5.55
CA GLU A 38 8.26 3.89 -6.56
C GLU A 38 8.13 5.30 -5.97
N ALA A 39 8.78 6.27 -6.61
CA ALA A 39 8.74 7.65 -6.17
C ALA A 39 7.32 8.22 -6.29
N ASP A 40 6.63 7.85 -7.36
CA ASP A 40 5.26 8.31 -7.59
C ASP A 40 4.30 7.54 -6.69
N THR A 41 4.76 6.42 -6.16
CA THR A 41 3.93 5.60 -5.30
C THR A 41 4.05 6.04 -3.84
N ARG A 42 2.94 6.50 -3.29
CA ARG A 42 2.90 6.95 -1.91
C ARG A 42 1.89 6.14 -1.13
N ILE A 43 2.29 5.73 0.06
CA ILE A 43 1.42 4.94 0.91
C ILE A 43 0.85 5.79 2.03
N TRP A 44 -0.46 5.72 2.20
CA TRP A 44 -1.15 6.47 3.23
C TRP A 44 -1.67 5.52 4.29
N VAL A 45 -1.64 5.96 5.53
CA VAL A 45 -2.12 5.16 6.64
C VAL A 45 -3.30 5.84 7.30
N ASP A 46 -3.85 5.21 8.32
CA ASP A 46 -5.00 5.74 9.05
C ASP A 46 -4.55 6.69 10.15
N GLY A 47 -3.27 7.02 10.13
CA GLY A 47 -2.69 7.93 11.10
C GLY A 47 -2.88 7.48 12.55
N THR A 48 -2.91 8.46 13.43
CA THR A 48 -3.08 8.20 14.85
C THR A 48 -4.55 8.06 15.21
N GLY A 49 -5.29 9.16 15.05
CA GLY A 49 -6.70 9.15 15.36
C GLY A 49 -7.38 10.45 14.99
N ASP A 50 -6.62 11.55 15.07
CA ASP A 50 -7.13 12.88 14.74
C ASP A 50 -7.55 12.94 13.28
N GLU A 51 -6.70 12.40 12.43
CA GLU A 51 -6.93 12.40 11.00
C GLU A 51 -7.33 11.03 10.51
N MET A 52 -7.90 10.99 9.32
CA MET A 52 -8.35 9.76 8.70
C MET A 52 -7.24 9.18 7.83
N TRP A 53 -6.45 10.06 7.22
CA TRP A 53 -5.37 9.62 6.36
C TRP A 53 -4.09 10.36 6.70
N ASP A 54 -3.02 9.59 6.87
CA ASP A 54 -1.72 10.13 7.20
C ASP A 54 -0.67 9.50 6.30
N VAL A 55 0.56 9.99 6.37
CA VAL A 55 1.63 9.46 5.55
C VAL A 55 2.36 8.34 6.29
N VAL A 56 2.78 7.32 5.54
CA VAL A 56 3.49 6.20 6.16
C VAL A 56 4.84 6.65 6.70
N SER A 57 5.08 6.31 7.96
CA SER A 57 6.32 6.66 8.62
C SER A 57 7.46 5.80 8.11
N LYS A 58 8.64 6.38 7.97
CA LYS A 58 9.81 5.64 7.50
C LYS A 58 10.13 4.46 8.41
N SER A 59 9.83 4.62 9.70
CA SER A 59 10.08 3.58 10.68
C SER A 59 9.06 2.45 10.53
N LYS A 60 7.92 2.77 9.94
CA LYS A 60 6.86 1.79 9.72
C LYS A 60 7.09 1.06 8.41
N LEU A 61 7.44 1.82 7.37
CA LEU A 61 7.71 1.26 6.05
C LEU A 61 8.89 0.31 6.09
N LYS A 62 9.97 0.73 6.75
CA LYS A 62 11.17 -0.10 6.86
C LYS A 62 10.96 -1.27 7.79
N LYS A 63 9.97 -1.16 8.67
CA LYS A 63 9.66 -2.23 9.59
C LYS A 63 8.96 -3.35 8.83
N ALA A 64 8.04 -2.95 7.95
CA ALA A 64 7.28 -3.89 7.14
C ALA A 64 8.18 -4.52 6.08
N THR A 65 9.26 -3.82 5.71
CA THR A 65 10.21 -4.32 4.73
C THR A 65 10.76 -5.68 5.18
N LYS A 66 10.94 -5.82 6.48
CA LYS A 66 11.46 -7.07 7.04
C LYS A 66 10.38 -8.15 6.97
N GLN A 67 9.14 -7.77 7.27
CA GLN A 67 8.01 -8.68 7.25
C GLN A 67 7.76 -9.21 5.84
N TYR A 68 8.02 -8.36 4.85
CA TYR A 68 7.83 -8.74 3.46
C TYR A 68 8.76 -9.92 3.10
N HIS A 69 9.91 -9.96 3.75
CA HIS A 69 10.90 -11.02 3.51
C HIS A 69 10.40 -12.33 4.10
N ILE A 70 9.48 -12.23 5.05
CA ILE A 70 8.88 -13.38 5.67
C ILE A 70 7.75 -13.89 4.79
N GLN A 71 7.06 -12.95 4.15
CA GLN A 71 5.96 -13.27 3.25
C GLN A 71 6.48 -13.98 2.01
N THR A 72 7.78 -13.86 1.75
CA THR A 72 8.41 -14.50 0.62
C THR A 72 8.60 -16.00 0.88
N LYS A 73 8.34 -16.38 2.13
CA LYS A 73 8.49 -17.76 2.55
C LYS A 73 7.21 -18.56 2.29
N LYS A 74 6.77 -18.54 1.03
CA LYS A 74 5.56 -19.26 0.61
C LYS A 74 4.32 -18.65 1.26
N GLN A 75 4.23 -17.32 1.21
CA GLN A 75 3.12 -16.59 1.78
C GLN A 75 2.76 -15.39 0.90
N GLU A 76 3.15 -15.48 -0.36
CA GLU A 76 2.88 -14.43 -1.32
C GLU A 76 1.44 -14.52 -1.84
N LYS A 77 1.07 -13.58 -2.71
CA LYS A 77 -0.27 -13.52 -3.29
C LYS A 77 -1.33 -13.20 -2.23
N ALA A 78 -1.68 -11.93 -2.14
CA ALA A 78 -2.68 -11.46 -1.17
C ALA A 78 -4.01 -12.20 -1.35
N PRO A 79 -4.65 -12.57 -0.23
CA PRO A 79 -5.93 -13.27 -0.26
C PRO A 79 -7.11 -12.32 -0.40
N HIS A 80 -7.56 -12.11 -1.63
CA HIS A 80 -8.68 -11.21 -1.88
C HIS A 80 -9.79 -11.94 -2.62
N GLU A 81 -9.67 -13.26 -2.69
CA GLU A 81 -10.65 -14.11 -3.35
C GLU A 81 -11.88 -14.30 -2.47
N LYS A 82 -12.53 -13.18 -2.13
CA LYS A 82 -13.72 -13.19 -1.29
C LYS A 82 -14.62 -12.02 -1.70
N ILE A 83 -15.79 -11.93 -1.07
CA ILE A 83 -16.76 -10.86 -1.34
C ILE A 83 -17.33 -11.00 -2.75
N VAL A 84 -18.49 -11.62 -2.85
CA VAL A 84 -19.16 -11.83 -4.13
C VAL A 84 -19.69 -10.50 -4.67
N SER A 85 -18.85 -9.78 -5.38
CA SER A 85 -19.21 -8.51 -5.95
C SER A 85 -19.85 -8.70 -7.32
N TYR A 86 -21.16 -8.50 -7.38
CA TYR A 86 -21.89 -8.64 -8.64
C TYR A 86 -21.76 -7.38 -9.48
N GLU A 87 -20.54 -7.10 -9.92
CA GLU A 87 -20.28 -5.92 -10.74
C GLU A 87 -20.48 -6.24 -12.22
N ASN A 88 -19.48 -5.94 -13.06
CA ASN A 88 -19.55 -6.18 -14.50
C ASN A 88 -20.76 -5.49 -15.10
N GLY A 89 -20.94 -4.22 -14.76
CA GLY A 89 -22.06 -3.47 -15.27
C GLY A 89 -22.34 -2.23 -14.44
N ASP A 90 -23.61 -1.94 -14.22
CA ASP A 90 -24.04 -0.78 -13.45
C ASP A 90 -23.86 -1.03 -11.96
N ASN A 91 -24.28 -2.21 -11.51
CA ASN A 91 -24.17 -2.58 -10.11
C ASN A 91 -22.72 -2.58 -9.65
N VAL A 92 -22.46 -1.84 -8.58
CA VAL A 92 -21.12 -1.72 -8.00
C VAL A 92 -20.14 -1.05 -8.98
N ASN A 93 -20.67 -0.24 -9.90
CA ASN A 93 -19.81 0.45 -10.86
C ASN A 93 -19.07 1.60 -10.19
N LEU A 94 -19.81 2.35 -9.36
CA LEU A 94 -19.27 3.50 -8.62
C LEU A 94 -18.99 4.70 -9.51
N SER A 95 -18.15 4.49 -10.53
CA SER A 95 -17.78 5.54 -11.48
C SER A 95 -16.99 6.64 -10.79
N GLU A 96 -15.68 6.49 -10.77
CA GLU A 96 -14.80 7.46 -10.15
C GLU A 96 -14.10 8.32 -11.20
N ALA A 97 -13.71 7.69 -12.30
CA ALA A 97 -13.03 8.38 -13.38
C ALA A 97 -14.03 8.98 -14.38
N ILE A 98 -14.90 9.84 -13.89
CA ILE A 98 -15.88 10.49 -14.75
C ILE A 98 -15.31 11.79 -15.28
N ASN A 99 -14.83 12.62 -14.37
CA ASN A 99 -14.25 13.91 -14.72
C ASN A 99 -13.43 14.44 -13.55
N VAL A 100 -13.72 15.66 -13.10
CA VAL A 100 -12.99 16.26 -11.99
C VAL A 100 -13.41 15.68 -10.64
N GLN A 101 -13.34 14.36 -10.53
CA GLN A 101 -13.70 13.67 -9.30
C GLN A 101 -12.46 13.42 -8.45
N LEU A 102 -11.33 13.29 -9.12
CA LEU A 102 -10.07 13.05 -8.44
C LEU A 102 -9.22 14.32 -8.44
N THR A 103 -9.83 15.40 -8.88
CA THR A 103 -9.15 16.68 -8.95
C THR A 103 -9.43 17.51 -7.70
N LEU A 104 -8.38 17.96 -7.04
CA LEU A 104 -8.52 18.76 -5.83
C LEU A 104 -8.88 20.20 -6.18
N ASP A 105 -10.17 20.45 -6.33
CA ASP A 105 -10.68 21.77 -6.66
C ASP A 105 -10.40 22.75 -5.52
N THR A 106 -9.67 23.82 -5.82
CA THR A 106 -9.33 24.80 -4.82
C THR A 106 -9.82 26.19 -5.22
N LYS A 107 -10.78 26.71 -4.47
CA LYS A 107 -11.34 28.03 -4.74
C LYS A 107 -10.59 29.11 -3.98
N LEU A 108 -9.28 29.05 -4.04
CA LEU A 108 -8.43 30.01 -3.36
C LEU A 108 -7.42 30.63 -4.33
N PRO A 109 -7.84 31.68 -5.05
CA PRO A 109 -6.96 32.37 -6.01
C PRO A 109 -6.02 33.35 -5.33
N GLU A 110 -5.16 33.97 -6.12
CA GLU A 110 -4.19 34.94 -5.61
C GLU A 110 -4.91 36.12 -4.95
N ALA A 111 -5.96 36.60 -5.61
CA ALA A 111 -6.74 37.72 -5.08
C ALA A 111 -7.79 37.22 -4.11
N LYS A 112 -7.35 36.66 -3.00
CA LYS A 112 -8.25 36.15 -1.99
C LYS A 112 -7.56 36.03 -0.65
N GLU A 113 -6.40 35.39 -0.65
CA GLU A 113 -5.62 35.21 0.56
C GLU A 113 -4.58 36.31 0.72
N LEU A 114 -4.44 36.80 1.95
CA LEU A 114 -3.50 37.86 2.24
C LEU A 114 -2.47 37.40 3.27
N HIS A 115 -2.74 36.26 3.91
CA HIS A 115 -1.86 35.67 4.91
C HIS A 115 -1.85 36.52 6.18
N HIS A 116 -1.23 37.69 6.12
CA HIS A 116 -1.19 38.58 7.28
C HIS A 116 -2.41 39.49 7.26
N HIS A 117 -3.58 38.88 7.07
CA HIS A 117 -4.83 39.62 7.03
C HIS A 117 -5.20 40.09 8.43
N HIS A 118 -4.61 39.43 9.42
CA HIS A 118 -4.81 39.79 10.81
C HIS A 118 -3.60 40.59 11.27
N HIS A 119 -3.67 41.90 11.03
CA HIS A 119 -2.58 42.83 11.37
C HIS A 119 -1.45 42.65 10.37
N HIS A 120 -1.28 43.65 9.51
CA HIS A 120 -0.22 43.62 8.51
C HIS A 120 1.14 43.52 9.18
N MET A 1 1.15 6.63 -7.25
CA MET A 1 0.11 5.72 -6.71
C MET A 1 -0.03 5.95 -5.21
N GLN A 2 -1.26 5.92 -4.72
CA GLN A 2 -1.53 6.12 -3.30
C GLN A 2 -2.18 4.89 -2.73
N ILE A 3 -1.72 4.45 -1.57
CA ILE A 3 -2.28 3.28 -0.91
C ILE A 3 -2.78 3.64 0.48
N TYR A 4 -4.07 3.52 0.70
CA TYR A 4 -4.66 3.85 1.99
C TYR A 4 -4.91 2.57 2.79
N THR A 5 -4.46 2.56 4.03
CA THR A 5 -4.65 1.41 4.91
C THR A 5 -5.38 1.83 6.18
N SER A 6 -6.07 0.91 6.80
CA SER A 6 -6.80 1.18 8.02
C SER A 6 -6.71 -0.02 8.96
N GLU A 7 -5.94 0.16 10.02
CA GLU A 7 -5.74 -0.90 11.01
C GLU A 7 -7.03 -1.16 11.79
N LYS A 8 -7.77 -0.09 12.07
CA LYS A 8 -9.03 -0.22 12.81
C LYS A 8 -10.09 -0.90 11.94
N ARG A 9 -9.82 -0.95 10.64
CA ARG A 9 -10.71 -1.59 9.69
C ARG A 9 -10.32 -3.06 9.57
N GLY A 10 -9.00 -3.28 9.60
CA GLY A 10 -8.44 -4.61 9.54
C GLY A 10 -8.94 -5.45 8.38
N SER A 11 -9.30 -4.83 7.27
CA SER A 11 -9.81 -5.55 6.13
C SER A 11 -8.71 -5.77 5.08
N ASP A 12 -8.18 -6.97 5.05
CA ASP A 12 -7.13 -7.32 4.10
C ASP A 12 -7.74 -7.72 2.76
N THR A 13 -8.71 -8.63 2.83
CA THR A 13 -9.39 -9.13 1.65
C THR A 13 -10.33 -8.09 1.06
N ALA A 14 -10.86 -7.22 1.90
CA ALA A 14 -11.79 -6.17 1.45
C ALA A 14 -11.03 -4.89 1.12
N GLY A 15 -9.73 -4.92 1.36
CA GLY A 15 -8.91 -3.75 1.11
C GLY A 15 -8.10 -3.90 -0.16
N ASN A 16 -8.13 -2.89 -1.00
CA ASN A 16 -7.37 -2.91 -2.22
C ASN A 16 -6.26 -1.86 -2.13
N GLY A 17 -6.32 -1.06 -1.09
CA GLY A 17 -5.33 -0.01 -0.88
C GLY A 17 -5.87 1.36 -1.21
N THR A 18 -7.16 1.54 -1.08
CA THR A 18 -7.80 2.82 -1.36
C THR A 18 -8.67 3.24 -0.17
N GLU A 19 -9.35 4.37 -0.29
CA GLU A 19 -10.22 4.83 0.78
C GLU A 19 -11.50 3.99 0.80
N GLU A 20 -11.93 3.59 -0.39
CA GLU A 20 -13.12 2.75 -0.54
C GLU A 20 -12.82 1.35 -0.01
N ALA A 21 -11.65 0.86 -0.38
CA ALA A 21 -11.18 -0.46 0.03
C ALA A 21 -9.88 -0.33 0.80
N PRO A 22 -9.96 -0.06 2.11
CA PRO A 22 -8.79 0.13 2.97
C PRO A 22 -8.17 -1.19 3.40
N LEU A 23 -6.86 -1.30 3.23
CA LEU A 23 -6.14 -2.51 3.59
C LEU A 23 -5.99 -2.63 5.10
N LYS A 24 -5.71 -3.84 5.57
CA LYS A 24 -5.57 -4.12 7.00
C LYS A 24 -4.33 -3.44 7.59
N THR A 25 -3.16 -3.76 7.07
CA THR A 25 -1.93 -3.17 7.60
C THR A 25 -1.01 -2.70 6.47
N VAL A 26 0.06 -1.99 6.86
CA VAL A 26 1.03 -1.47 5.90
C VAL A 26 1.69 -2.61 5.12
N LEU A 27 1.78 -3.77 5.76
CA LEU A 27 2.39 -4.94 5.14
C LEU A 27 1.62 -5.34 3.88
N GLN A 28 0.30 -5.21 3.96
CA GLN A 28 -0.58 -5.56 2.85
C GLN A 28 -0.41 -4.57 1.69
N ALA A 29 0.17 -3.43 1.98
CA ALA A 29 0.40 -2.43 0.94
C ALA A 29 1.69 -2.76 0.20
N ILE A 30 2.56 -3.50 0.87
CA ILE A 30 3.83 -3.89 0.30
C ILE A 30 3.73 -5.21 -0.46
N VAL A 31 2.88 -6.11 0.04
CA VAL A 31 2.67 -7.41 -0.60
C VAL A 31 2.22 -7.25 -2.05
N LYS A 32 1.56 -6.13 -2.34
CA LYS A 32 1.04 -5.83 -3.66
C LYS A 32 2.13 -5.29 -4.58
N LEU A 33 3.22 -4.79 -3.99
CA LEU A 33 4.31 -4.22 -4.78
C LEU A 33 5.57 -5.08 -4.72
N ASP A 34 5.52 -6.17 -3.95
CA ASP A 34 6.65 -7.08 -3.80
C ASP A 34 7.88 -6.34 -3.24
N GLY A 35 7.61 -5.32 -2.42
CA GLY A 35 8.69 -4.56 -1.83
C GLY A 35 9.18 -3.42 -2.70
N LYS A 36 8.68 -3.34 -3.93
CA LYS A 36 9.08 -2.30 -4.85
C LYS A 36 8.28 -1.02 -4.58
N ILE A 37 8.73 -0.25 -3.61
CA ILE A 37 8.07 0.99 -3.26
C ILE A 37 8.61 2.14 -4.10
N GLU A 38 7.93 2.43 -5.19
CA GLU A 38 8.33 3.49 -6.10
C GLU A 38 8.19 4.87 -5.44
N ALA A 39 8.90 5.84 -5.99
CA ALA A 39 8.88 7.20 -5.47
C ALA A 39 7.50 7.83 -5.66
N ASP A 40 6.77 7.34 -6.65
CA ASP A 40 5.43 7.83 -6.93
C ASP A 40 4.41 7.14 -6.03
N THR A 41 4.82 6.02 -5.45
CA THR A 41 3.94 5.26 -4.59
C THR A 41 4.06 5.71 -3.14
N ARG A 42 2.98 6.26 -2.60
CA ARG A 42 2.94 6.73 -1.23
C ARG A 42 1.93 5.91 -0.46
N ILE A 43 2.27 5.53 0.76
CA ILE A 43 1.38 4.73 1.58
C ILE A 43 0.85 5.54 2.75
N TRP A 44 -0.47 5.50 2.92
CA TRP A 44 -1.13 6.17 4.00
C TRP A 44 -1.56 5.15 5.03
N VAL A 45 -1.49 5.52 6.30
CA VAL A 45 -1.85 4.60 7.37
C VAL A 45 -3.19 4.96 8.00
N ASP A 46 -3.52 4.21 9.06
CA ASP A 46 -4.77 4.38 9.80
C ASP A 46 -5.01 5.83 10.22
N GLY A 47 -3.94 6.55 10.51
CA GLY A 47 -4.08 7.94 10.90
C GLY A 47 -3.50 8.19 12.28
N THR A 48 -3.36 9.45 12.63
CA THR A 48 -2.81 9.81 13.94
C THR A 48 -3.84 10.56 14.78
N GLY A 49 -5.01 9.95 14.92
CA GLY A 49 -6.07 10.54 15.72
C GLY A 49 -6.84 11.64 15.01
N ASP A 50 -6.25 12.83 14.95
CA ASP A 50 -6.89 13.98 14.31
C ASP A 50 -7.11 13.74 12.82
N GLU A 51 -6.09 13.20 12.18
CA GLU A 51 -6.15 12.93 10.76
C GLU A 51 -6.67 11.54 10.46
N MET A 52 -7.42 11.43 9.38
CA MET A 52 -8.01 10.17 8.96
C MET A 52 -6.95 9.34 8.23
N TRP A 53 -6.02 10.01 7.59
CA TRP A 53 -4.96 9.35 6.85
C TRP A 53 -3.65 10.05 7.09
N ASP A 54 -2.63 9.29 7.43
CA ASP A 54 -1.31 9.85 7.66
C ASP A 54 -0.30 9.15 6.78
N VAL A 55 0.88 9.71 6.64
CA VAL A 55 1.90 9.13 5.79
C VAL A 55 2.73 8.09 6.56
N VAL A 56 3.00 6.96 5.91
CA VAL A 56 3.77 5.91 6.54
C VAL A 56 5.20 6.38 6.78
N SER A 57 5.68 6.16 7.98
CA SER A 57 7.04 6.56 8.34
C SER A 57 8.04 5.66 7.61
N LYS A 58 9.08 6.26 7.05
CA LYS A 58 10.08 5.50 6.32
C LYS A 58 10.87 4.58 7.26
N SER A 59 10.89 4.94 8.54
CA SER A 59 11.58 4.14 9.54
C SER A 59 10.83 2.82 9.76
N LYS A 60 9.52 2.89 9.62
CA LYS A 60 8.67 1.72 9.78
C LYS A 60 8.52 0.97 8.45
N LEU A 61 8.31 1.74 7.39
CA LEU A 61 8.15 1.20 6.05
C LEU A 61 9.38 0.40 5.62
N LYS A 62 10.56 0.96 5.85
CA LYS A 62 11.81 0.29 5.48
C LYS A 62 11.99 -1.01 6.24
N LYS A 63 11.31 -1.13 7.38
CA LYS A 63 11.39 -2.32 8.20
C LYS A 63 10.40 -3.36 7.68
N ALA A 64 9.18 -2.92 7.41
CA ALA A 64 8.14 -3.80 6.91
C ALA A 64 8.49 -4.35 5.53
N THR A 65 9.17 -3.54 4.72
CA THR A 65 9.57 -3.97 3.38
C THR A 65 10.45 -5.21 3.44
N LYS A 66 11.40 -5.21 4.37
CA LYS A 66 12.31 -6.34 4.54
C LYS A 66 11.57 -7.52 5.13
N GLN A 67 10.86 -7.27 6.23
CA GLN A 67 10.11 -8.31 6.93
C GLN A 67 9.15 -9.03 5.99
N TYR A 68 8.46 -8.27 5.15
CA TYR A 68 7.51 -8.85 4.20
C TYR A 68 8.20 -9.85 3.28
N HIS A 69 9.38 -9.50 2.80
CA HIS A 69 10.11 -10.37 1.89
C HIS A 69 10.73 -11.55 2.62
N ILE A 70 10.92 -11.40 3.91
CA ILE A 70 11.49 -12.45 4.72
C ILE A 70 10.42 -13.43 5.20
N GLN A 71 9.28 -12.89 5.61
CA GLN A 71 8.20 -13.72 6.14
C GLN A 71 7.24 -14.21 5.06
N THR A 72 6.64 -13.28 4.34
CA THR A 72 5.67 -13.60 3.30
C THR A 72 6.35 -14.08 2.01
N LYS A 73 7.32 -13.30 1.54
CA LYS A 73 8.06 -13.58 0.30
C LYS A 73 7.13 -14.07 -0.81
N LYS A 74 6.16 -13.22 -1.16
CA LYS A 74 5.20 -13.52 -2.21
C LYS A 74 4.32 -12.30 -2.50
N GLN A 75 4.08 -12.05 -3.77
CA GLN A 75 3.24 -10.92 -4.16
C GLN A 75 1.78 -11.35 -4.19
N GLU A 76 0.93 -10.61 -3.50
CA GLU A 76 -0.49 -10.92 -3.44
C GLU A 76 -1.31 -9.65 -3.46
N LYS A 77 -2.63 -9.79 -3.27
CA LYS A 77 -3.55 -8.65 -3.27
C LYS A 77 -3.40 -7.86 -4.57
N ALA A 78 -3.51 -8.55 -5.70
CA ALA A 78 -3.39 -7.92 -7.01
C ALA A 78 -4.32 -6.73 -7.16
N PRO A 79 -3.89 -5.66 -7.86
CA PRO A 79 -4.69 -4.46 -8.07
C PRO A 79 -5.86 -4.69 -9.02
N HIS A 80 -6.90 -5.33 -8.51
CA HIS A 80 -8.08 -5.60 -9.31
C HIS A 80 -9.04 -4.42 -9.21
N GLU A 81 -8.93 -3.51 -10.17
CA GLU A 81 -9.79 -2.34 -10.21
C GLU A 81 -11.18 -2.70 -10.70
N LYS A 82 -12.12 -1.79 -10.50
CA LYS A 82 -13.50 -1.99 -10.91
C LYS A 82 -13.68 -1.67 -12.39
N ILE A 83 -14.47 -2.48 -13.08
CA ILE A 83 -14.72 -2.28 -14.49
C ILE A 83 -16.09 -1.66 -14.72
N VAL A 84 -16.30 -1.12 -15.91
CA VAL A 84 -17.57 -0.50 -16.24
C VAL A 84 -17.99 -0.91 -17.66
N SER A 85 -19.30 -0.92 -17.90
CA SER A 85 -19.83 -1.29 -19.20
C SER A 85 -21.11 -0.51 -19.49
N TYR A 86 -21.41 -0.32 -20.77
CA TYR A 86 -22.60 0.42 -21.17
C TYR A 86 -23.79 -0.54 -21.27
N GLU A 87 -24.39 -0.83 -20.13
CA GLU A 87 -25.54 -1.74 -20.07
C GLU A 87 -26.83 -1.01 -20.42
N ASN A 88 -27.73 -1.73 -21.09
CA ASN A 88 -29.04 -1.21 -21.49
C ASN A 88 -28.90 -0.11 -22.54
N GLY A 89 -28.50 1.08 -22.10
CA GLY A 89 -28.34 2.20 -23.00
C GLY A 89 -29.67 2.81 -23.40
N ASP A 90 -30.49 3.15 -22.40
CA ASP A 90 -31.79 3.73 -22.65
C ASP A 90 -31.68 5.25 -22.83
N ASN A 91 -30.90 5.63 -23.85
CA ASN A 91 -30.68 7.05 -24.17
C ASN A 91 -30.05 7.78 -22.98
N VAL A 92 -30.29 9.10 -22.90
CA VAL A 92 -29.77 9.97 -21.84
C VAL A 92 -28.27 9.77 -21.57
N ASN A 93 -27.81 10.31 -20.44
CA ASN A 93 -26.40 10.21 -20.03
C ASN A 93 -25.48 10.77 -21.12
N LEU A 94 -25.97 11.77 -21.85
CA LEU A 94 -25.20 12.39 -22.91
C LEU A 94 -24.60 13.70 -22.43
N SER A 95 -23.29 13.84 -22.61
CA SER A 95 -22.59 15.04 -22.20
C SER A 95 -22.66 16.10 -23.30
N GLU A 96 -23.87 16.47 -23.67
CA GLU A 96 -24.09 17.47 -24.71
C GLU A 96 -24.98 18.58 -24.19
N ALA A 97 -24.86 19.76 -24.78
CA ALA A 97 -25.65 20.90 -24.36
C ALA A 97 -26.69 21.28 -25.41
N ILE A 98 -27.84 21.74 -24.95
CA ILE A 98 -28.92 22.14 -25.84
C ILE A 98 -29.27 23.60 -25.59
N ASN A 99 -28.30 24.34 -25.08
CA ASN A 99 -28.49 25.75 -24.77
C ASN A 99 -27.13 26.44 -24.70
N VAL A 100 -27.14 27.77 -24.73
CA VAL A 100 -25.90 28.56 -24.66
C VAL A 100 -25.31 28.55 -23.25
N GLN A 101 -24.81 27.39 -22.85
CA GLN A 101 -24.22 27.22 -21.53
C GLN A 101 -22.96 28.06 -21.36
N LEU A 102 -22.26 28.28 -22.46
CA LEU A 102 -21.03 29.07 -22.43
C LEU A 102 -21.31 30.53 -22.78
N THR A 103 -22.44 31.03 -22.29
CA THR A 103 -22.89 32.41 -22.53
C THR A 103 -23.33 32.60 -23.99
N LEU A 104 -22.39 32.48 -24.92
CA LEU A 104 -22.69 32.63 -26.33
C LEU A 104 -22.07 31.49 -27.11
N ASP A 105 -22.92 30.72 -27.76
CA ASP A 105 -22.45 29.58 -28.54
C ASP A 105 -22.14 29.99 -29.98
N THR A 106 -22.56 31.19 -30.32
CA THR A 106 -22.35 31.73 -31.66
C THR A 106 -20.87 32.08 -31.87
N LYS A 107 -20.09 31.08 -32.22
CA LYS A 107 -18.66 31.26 -32.45
C LYS A 107 -18.38 31.39 -33.94
N LEU A 108 -17.35 32.16 -34.27
CA LEU A 108 -16.98 32.35 -35.67
C LEU A 108 -16.13 31.17 -36.13
N PRO A 109 -16.53 30.51 -37.23
CA PRO A 109 -15.80 29.36 -37.77
C PRO A 109 -14.45 29.75 -38.33
N GLU A 110 -13.50 28.83 -38.16
CA GLU A 110 -12.14 29.00 -38.65
C GLU A 110 -11.54 30.35 -38.27
N ALA A 111 -11.85 30.82 -37.07
CA ALA A 111 -11.35 32.11 -36.59
C ALA A 111 -9.91 32.00 -36.09
N LYS A 112 -9.09 31.28 -36.83
CA LYS A 112 -7.69 31.11 -36.49
C LYS A 112 -6.93 30.50 -37.66
N GLU A 113 -7.32 29.27 -38.02
CA GLU A 113 -6.67 28.57 -39.12
C GLU A 113 -7.44 27.31 -39.48
N LEU A 114 -7.86 27.22 -40.73
CA LEU A 114 -8.55 26.03 -41.22
C LEU A 114 -7.57 24.88 -41.31
N HIS A 115 -6.45 25.15 -41.98
CA HIS A 115 -5.40 24.15 -42.13
C HIS A 115 -4.36 24.40 -41.05
N HIS A 116 -4.39 23.58 -40.01
CA HIS A 116 -3.47 23.70 -38.89
C HIS A 116 -2.02 23.74 -39.36
N HIS A 117 -1.20 24.50 -38.65
CA HIS A 117 0.21 24.65 -38.99
C HIS A 117 1.05 24.82 -37.73
N HIS A 118 2.29 24.36 -37.79
CA HIS A 118 3.19 24.49 -36.66
C HIS A 118 4.61 24.79 -37.12
N HIS A 119 4.76 25.87 -37.87
CA HIS A 119 6.06 26.32 -38.34
C HIS A 119 6.49 27.49 -37.48
N HIS A 120 5.83 27.57 -36.34
CA HIS A 120 6.05 28.61 -35.35
C HIS A 120 5.36 28.16 -34.07
#